data_9LHV
#
_entry.id   9LHV
#
loop_
_entity.id
_entity.type
_entity.pdbx_description
1 polymer 'Lysosomal cholesterol signaling protein'
2 non-polymer 'CHOLESTEROL HEMISUCCINATE'
3 non-polymer CHOLESTEROL
#
_entity_poly.entity_id   1
_entity_poly.type   'polypeptide(L)'
_entity_poly.pdbx_seq_one_letter_code
;MNSNLPAENLTIAVNMTKTLPTAVTHGFNSTNDPPSMSITRLFPALLECFGIVLCGYIAGRANVITSTQAKGLGNFVSRF
ALPALLFKNMVVLNFSNVDWSFLYSILIAKASVFFIVCVLTLLVASPDSRFSKAGLFPIFATQSNDFALGYPIVEALYQT
TYPEYLQYIYLVAPISLMMLNPIGFIFCEIQKWKDTQNASQNKIKIVGLGLLRVLQNPIVFMVFIGIAFNFILDRKVPVY
VENFLDGLGNSFSGSALFYLGLTMVGKIKRLKKSAFVVLILLITAKLLVLPLLCREMVELLDKGDSVVNHTSLSNYAFLY
GVFPVAPGVAIFATQFNMEVEIITSGMVISTFVSAPIMYVSAWLLTFPTMDPKPLAYAIQNVSFDISIVSLISLIWSLAI
LLLSKKYKQLPHMLTTNLLIAQSIVCAGMMIWNFVKEKNFVGQILVFVLLYSSLYSTYLWTGLLAISLFLLKKRERVQIP
VGIIIISGWGIPALLVGVLLITGKHNGDSIDSAFFYGKEQMITTAVTLFCSILIAGISLMCMNQTAQAGSYEGFDQSQSH
KVVEPGNTAFEESPAPVNEPELFTSSIPETSCCSCSMGNGELHCPSIEPIANTSTSEPVIPSFEKNNHCVSRCNSQSCIL
AQEEEQYLQSGDQQLTRHVLLCLLLIIGLFANLSSCLWWLFNQEPGRLYVELQFFCAVFNFGQGFISFGIFGLDKHLIIL
PFKRRLEFLWNNKDTAENRDSPVSEEIKMTCQQFIHYHRDLCIRNIVKERRCGAKTSAGTFCGCDLVSWLIEVGLASDRG
EAVIYGDRLVQGGVIQHITNEYEFRDEYLFYRFLQKSPEQSPPAINANTLQQERYKEIEHSSPPSHSPKTAAAENLYFQG
LWSHPQFEKGGGSGGGSGGSAWSHPQFEK
;
_entity_poly.pdbx_strand_id   A,B
#
loop_
_chem_comp.id
_chem_comp.type
_chem_comp.name
_chem_comp.formula
CLR non-polymer CHOLESTEROL 'C27 H46 O'
Y01 non-polymer 'CHOLESTEROL HEMISUCCINATE' 'C31 H50 O4'
#
# COMPACT_ATOMS: atom_id res chain seq x y z
N PRO A 35 31.24 19.73 4.14
CA PRO A 35 31.82 18.85 3.13
C PRO A 35 31.04 17.54 3.02
N SER A 36 31.66 16.46 3.48
CA SER A 36 31.02 15.15 3.43
C SER A 36 29.87 15.08 4.43
N MET A 37 28.95 14.15 4.18
CA MET A 37 27.79 13.90 5.04
C MET A 37 26.95 15.18 5.20
N SER A 38 26.34 15.58 4.09
CA SER A 38 25.46 16.76 4.10
C SER A 38 24.39 16.58 5.15
N ILE A 39 24.45 17.39 6.21
CA ILE A 39 23.64 17.17 7.40
C ILE A 39 22.35 17.98 7.39
N THR A 40 22.26 19.04 6.58
CA THR A 40 21.06 19.87 6.54
C THR A 40 19.88 19.16 5.89
N ARG A 41 20.08 18.00 5.27
CA ARG A 41 19.02 17.24 4.65
C ARG A 41 18.47 16.12 5.53
N LEU A 42 18.95 16.01 6.77
CA LEU A 42 18.56 14.89 7.62
C LEU A 42 17.24 15.13 8.32
N PHE A 43 16.98 16.37 8.76
CA PHE A 43 15.73 16.66 9.44
C PHE A 43 14.51 16.46 8.56
N PRO A 44 14.46 16.92 7.29
CA PRO A 44 13.32 16.57 6.44
C PRO A 44 13.15 15.07 6.23
N ALA A 45 14.26 14.32 6.15
CA ALA A 45 14.15 12.88 5.98
C ALA A 45 13.54 12.22 7.22
N LEU A 46 13.96 12.65 8.41
CA LEU A 46 13.35 12.14 9.64
C LEU A 46 11.88 12.53 9.72
N LEU A 47 11.56 13.76 9.28
CA LEU A 47 10.16 14.20 9.27
C LEU A 47 9.32 13.32 8.36
N GLU A 48 9.81 13.02 7.16
CA GLU A 48 9.15 12.04 6.30
C GLU A 48 8.93 10.71 7.02
N CYS A 49 10.02 10.12 7.51
CA CYS A 49 9.98 8.76 8.02
C CYS A 49 9.03 8.63 9.19
N PHE A 50 9.01 9.61 10.09
CA PHE A 50 8.17 9.48 11.27
C PHE A 50 6.81 10.15 11.11
N GLY A 51 6.64 11.06 10.15
CA GLY A 51 5.32 11.55 9.84
C GLY A 51 4.44 10.50 9.18
N ILE A 52 5.03 9.68 8.30
CA ILE A 52 4.24 8.59 7.72
C ILE A 52 3.87 7.57 8.78
N VAL A 53 4.79 7.30 9.71
CA VAL A 53 4.49 6.40 10.83
C VAL A 53 3.38 6.97 11.70
N LEU A 54 3.44 8.27 11.98
CA LEU A 54 2.39 8.91 12.78
C LEU A 54 1.05 8.88 12.07
N CYS A 55 1.04 9.09 10.75
CA CYS A 55 -0.20 8.98 9.98
C CYS A 55 -0.78 7.57 10.09
N GLY A 56 0.07 6.55 9.98
CA GLY A 56 -0.41 5.19 10.13
C GLY A 56 -0.96 4.92 11.53
N TYR A 57 -0.27 5.41 12.55
CA TYR A 57 -0.74 5.21 13.92
C TYR A 57 -2.07 5.91 14.16
N ILE A 58 -2.22 7.14 13.65
CA ILE A 58 -3.47 7.87 13.81
C ILE A 58 -4.60 7.15 13.08
N ALA A 59 -4.34 6.68 11.85
CA ALA A 59 -5.37 5.96 11.12
C ALA A 59 -5.79 4.69 11.84
N GLY A 60 -4.82 3.95 12.39
CA GLY A 60 -5.17 2.73 13.11
C GLY A 60 -5.91 3.00 14.39
N ARG A 61 -5.52 4.03 15.14
CA ARG A 61 -6.13 4.29 16.44
C ARG A 61 -7.50 4.93 16.32
N ALA A 62 -7.73 5.73 15.28
CA ALA A 62 -9.05 6.31 15.02
C ALA A 62 -10.01 5.31 14.41
N ASN A 63 -9.62 4.04 14.32
CA ASN A 63 -10.44 2.95 13.78
C ASN A 63 -10.79 3.13 12.31
N VAL A 64 -10.02 3.96 11.59
CA VAL A 64 -10.20 4.05 10.14
C VAL A 64 -9.84 2.72 9.49
N ILE A 65 -8.74 2.12 9.92
CA ILE A 65 -8.30 0.81 9.46
C ILE A 65 -8.20 -0.09 10.69
N THR A 66 -8.91 -1.22 10.68
CA THR A 66 -8.88 -2.14 11.79
C THR A 66 -7.68 -3.07 11.66
N SER A 67 -7.59 -4.05 12.58
CA SER A 67 -6.45 -4.96 12.58
C SER A 67 -6.52 -5.93 11.40
N THR A 68 -7.73 -6.40 11.06
CA THR A 68 -7.87 -7.32 9.94
C THR A 68 -7.54 -6.65 8.62
N GLN A 69 -7.97 -5.40 8.43
CA GLN A 69 -7.74 -4.71 7.17
C GLN A 69 -6.27 -4.33 6.96
N ALA A 70 -5.48 -4.30 8.03
CA ALA A 70 -4.06 -4.03 7.89
C ALA A 70 -3.29 -5.22 7.33
N LYS A 71 -3.89 -6.41 7.37
CA LYS A 71 -3.22 -7.60 6.87
C LYS A 71 -2.99 -7.50 5.36
N GLY A 72 -3.93 -6.88 4.64
CA GLY A 72 -3.73 -6.70 3.20
C GLY A 72 -2.53 -5.83 2.88
N LEU A 73 -2.41 -4.71 3.59
CA LEU A 73 -1.25 -3.82 3.40
C LEU A 73 0.04 -4.53 3.78
N GLY A 74 0.02 -5.29 4.89
CA GLY A 74 1.20 -6.03 5.28
C GLY A 74 1.62 -7.06 4.25
N ASN A 75 0.65 -7.80 3.70
CA ASN A 75 0.95 -8.80 2.68
C ASN A 75 1.47 -8.14 1.41
N PHE A 76 0.86 -7.03 0.99
CA PHE A 76 1.35 -6.34 -0.20
C PHE A 76 2.78 -5.85 -0.01
N VAL A 77 3.09 -5.33 1.18
CA VAL A 77 4.43 -4.82 1.43
C VAL A 77 5.45 -5.97 1.46
N SER A 78 5.12 -7.03 2.19
CA SER A 78 6.11 -8.09 2.42
C SER A 78 6.30 -9.00 1.22
N ARG A 79 5.25 -9.25 0.43
CA ARG A 79 5.31 -10.28 -0.59
C ARG A 79 5.44 -9.75 -2.01
N PHE A 80 5.22 -8.46 -2.23
CA PHE A 80 5.29 -7.98 -3.62
C PHE A 80 6.22 -6.78 -3.80
N ALA A 81 6.25 -5.86 -2.84
CA ALA A 81 7.04 -4.64 -3.02
C ALA A 81 8.48 -4.82 -2.57
N LEU A 82 8.70 -5.40 -1.39
CA LEU A 82 10.07 -5.66 -0.94
C LEU A 82 10.79 -6.67 -1.83
N PRO A 83 10.20 -7.79 -2.23
CA PRO A 83 10.90 -8.66 -3.19
C PRO A 83 11.29 -7.96 -4.48
N ALA A 84 10.40 -7.12 -5.01
CA ALA A 84 10.71 -6.41 -6.25
C ALA A 84 11.86 -5.42 -6.05
N LEU A 85 11.83 -4.67 -4.94
CA LEU A 85 12.90 -3.73 -4.66
C LEU A 85 14.23 -4.46 -4.49
N LEU A 86 14.22 -5.57 -3.75
CA LEU A 86 15.45 -6.33 -3.53
C LEU A 86 16.00 -6.89 -4.83
N PHE A 87 15.14 -7.49 -5.66
CA PHE A 87 15.59 -8.06 -6.92
C PHE A 87 16.15 -6.98 -7.84
N LYS A 88 15.45 -5.85 -7.96
CA LYS A 88 15.89 -4.77 -8.83
C LYS A 88 17.22 -4.20 -8.37
N ASN A 89 17.39 -4.00 -7.05
CA ASN A 89 18.64 -3.45 -6.55
C ASN A 89 19.77 -4.47 -6.55
N MET A 90 19.45 -5.75 -6.57
CA MET A 90 20.47 -6.78 -6.49
C MET A 90 20.95 -7.26 -7.86
N VAL A 91 20.12 -7.09 -8.90
CA VAL A 91 20.55 -7.46 -10.24
C VAL A 91 21.70 -6.57 -10.70
N VAL A 92 21.66 -5.29 -10.36
CA VAL A 92 22.72 -4.34 -10.70
C VAL A 92 23.42 -3.94 -9.41
N LEU A 93 24.60 -4.54 -9.17
CA LEU A 93 25.38 -4.21 -7.99
C LEU A 93 26.86 -4.00 -8.24
N ASN A 94 27.42 -4.55 -9.34
CA ASN A 94 28.84 -4.38 -9.67
C ASN A 94 29.73 -4.90 -8.53
N PHE A 95 29.66 -6.23 -8.34
CA PHE A 95 30.36 -6.86 -7.23
C PHE A 95 31.87 -6.74 -7.32
N SER A 96 32.40 -6.35 -8.48
CA SER A 96 33.84 -6.18 -8.65
C SER A 96 34.35 -4.85 -8.13
N ASN A 97 33.47 -3.96 -7.66
CA ASN A 97 33.85 -2.65 -7.13
C ASN A 97 33.15 -2.40 -5.80
N VAL A 98 33.21 -3.39 -4.91
CA VAL A 98 32.58 -3.31 -3.60
C VAL A 98 33.66 -3.44 -2.54
N ASP A 99 33.67 -2.52 -1.57
CA ASP A 99 34.61 -2.56 -0.47
C ASP A 99 34.09 -3.53 0.59
N TRP A 100 34.77 -4.68 0.72
CA TRP A 100 34.33 -5.71 1.64
C TRP A 100 34.77 -5.46 3.08
N SER A 101 35.66 -4.49 3.31
CA SER A 101 36.10 -4.20 4.68
C SER A 101 34.93 -3.71 5.54
N PHE A 102 34.09 -2.84 4.99
CA PHE A 102 32.94 -2.33 5.73
C PHE A 102 31.99 -3.46 6.09
N LEU A 103 31.70 -4.34 5.15
CA LEU A 103 30.82 -5.47 5.42
C LEU A 103 31.41 -6.40 6.48
N TYR A 104 32.72 -6.67 6.38
CA TYR A 104 33.37 -7.53 7.36
C TYR A 104 33.30 -6.91 8.76
N SER A 105 33.54 -5.61 8.86
CA SER A 105 33.51 -4.94 10.16
C SER A 105 32.10 -4.97 10.76
N ILE A 106 31.09 -4.68 9.94
CA ILE A 106 29.72 -4.68 10.45
C ILE A 106 29.31 -6.08 10.88
N LEU A 107 29.66 -7.09 10.09
CA LEU A 107 29.30 -8.46 10.45
C LEU A 107 30.03 -8.90 11.72
N ILE A 108 31.30 -8.52 11.88
CA ILE A 108 32.04 -8.87 13.09
C ILE A 108 31.41 -8.22 14.31
N ALA A 109 31.04 -6.94 14.20
CA ALA A 109 30.41 -6.26 15.33
C ALA A 109 29.07 -6.90 15.69
N LYS A 110 28.26 -7.22 14.68
CA LYS A 110 26.96 -7.85 14.95
C LYS A 110 27.15 -9.22 15.57
N ALA A 111 28.12 -10.00 15.10
CA ALA A 111 28.39 -11.31 15.69
C ALA A 111 28.86 -11.19 17.13
N SER A 112 29.70 -10.19 17.41
CA SER A 112 30.15 -9.98 18.79
C SER A 112 28.98 -9.66 19.70
N VAL A 113 28.09 -8.75 19.27
CA VAL A 113 26.94 -8.40 20.08
C VAL A 113 26.03 -9.61 20.29
N PHE A 114 25.79 -10.37 19.22
CA PHE A 114 24.98 -11.58 19.32
C PHE A 114 25.56 -12.55 20.32
N PHE A 115 26.87 -12.80 20.24
CA PHE A 115 27.53 -13.75 21.12
C PHE A 115 27.45 -13.30 22.57
N ILE A 116 27.70 -12.01 22.82
CA ILE A 116 27.66 -11.50 24.19
C ILE A 116 26.26 -11.62 24.77
N VAL A 117 25.24 -11.19 24.02
CA VAL A 117 23.88 -11.23 24.54
C VAL A 117 23.45 -12.67 24.79
N CYS A 118 23.78 -13.58 23.87
CA CYS A 118 23.40 -14.98 24.04
C CYS A 118 24.07 -15.58 25.26
N VAL A 119 25.36 -15.32 25.46
CA VAL A 119 26.08 -15.90 26.59
C VAL A 119 25.52 -15.37 27.91
N LEU A 120 25.31 -14.05 28.01
CA LEU A 120 24.77 -13.50 29.23
C LEU A 120 23.36 -14.03 29.51
N THR A 121 22.52 -14.13 28.47
CA THR A 121 21.17 -14.63 28.67
C THR A 121 21.19 -16.09 29.12
N LEU A 122 22.07 -16.91 28.54
CA LEU A 122 22.18 -18.30 28.95
C LEU A 122 22.65 -18.41 30.40
N LEU A 123 23.62 -17.58 30.78
CA LEU A 123 24.20 -17.68 32.12
C LEU A 123 23.33 -17.05 33.21
N VAL A 124 22.38 -16.19 32.85
CA VAL A 124 21.60 -15.44 33.82
C VAL A 124 20.16 -15.93 33.94
N ALA A 125 19.53 -16.23 32.80
CA ALA A 125 18.10 -16.52 32.80
C ALA A 125 17.78 -17.83 33.54
N SER A 126 16.56 -17.90 34.05
CA SER A 126 16.10 -19.09 34.76
C SER A 126 15.96 -20.27 33.81
N PRO A 127 16.22 -21.49 34.27
CA PRO A 127 16.20 -22.64 33.36
C PRO A 127 14.82 -23.01 32.84
N ASP A 128 13.74 -22.51 33.44
CA ASP A 128 12.40 -22.90 33.00
C ASP A 128 12.13 -22.45 31.57
N SER A 129 12.52 -21.22 31.22
CA SER A 129 12.35 -20.67 29.88
C SER A 129 13.62 -19.98 29.42
N ARG A 130 14.76 -20.64 29.64
CA ARG A 130 16.05 -20.05 29.33
C ARG A 130 16.26 -19.96 27.81
N PHE A 131 16.21 -21.11 27.13
CA PHE A 131 16.60 -21.17 25.72
C PHE A 131 15.79 -20.22 24.88
N SER A 132 14.47 -20.14 25.12
CA SER A 132 13.61 -19.23 24.38
C SER A 132 14.18 -17.81 24.41
N LYS A 133 14.56 -17.34 25.60
CA LYS A 133 15.18 -16.02 25.70
C LYS A 133 16.45 -15.96 24.87
N ALA A 134 17.32 -16.95 25.01
CA ALA A 134 18.55 -16.98 24.24
C ALA A 134 18.27 -17.12 22.75
N GLY A 135 17.03 -17.52 22.39
CA GLY A 135 16.67 -17.59 20.99
C GLY A 135 16.20 -16.28 20.40
N LEU A 136 15.76 -15.35 21.23
CA LEU A 136 15.16 -14.11 20.73
C LEU A 136 15.85 -12.84 21.19
N PHE A 137 16.46 -12.84 22.36
CA PHE A 137 17.16 -11.63 22.83
C PHE A 137 18.34 -11.26 21.95
N PRO A 138 19.25 -12.17 21.57
CA PRO A 138 20.32 -11.76 20.64
C PRO A 138 19.82 -11.31 19.29
N ILE A 139 18.71 -11.86 18.80
CA ILE A 139 18.15 -11.43 17.52
C ILE A 139 17.57 -10.02 17.64
N PHE A 140 16.95 -9.72 18.78
CA PHE A 140 16.39 -8.40 19.01
C PHE A 140 17.48 -7.32 18.98
N ALA A 141 18.64 -7.62 19.57
CA ALA A 141 19.71 -6.64 19.73
C ALA A 141 20.60 -6.51 18.49
N THR A 142 20.37 -7.31 17.45
CA THR A 142 21.24 -7.29 16.27
C THR A 142 20.49 -6.95 14.98
N GLN A 143 19.29 -7.50 14.77
CA GLN A 143 18.55 -7.24 13.56
C GLN A 143 17.85 -5.89 13.64
N SER A 144 18.04 -5.07 12.62
CA SER A 144 17.54 -3.70 12.62
C SER A 144 16.55 -3.49 11.46
N ASN A 145 15.92 -2.32 11.48
CA ASN A 145 14.96 -1.92 10.45
C ASN A 145 15.67 -0.91 9.54
N ASP A 146 16.25 -1.42 8.45
CA ASP A 146 17.03 -0.59 7.56
C ASP A 146 16.51 -0.55 6.12
N PHE A 147 15.46 -1.31 5.80
CA PHE A 147 14.85 -1.19 4.48
C PHE A 147 13.84 -0.05 4.44
N ALA A 148 13.08 0.14 5.51
CA ALA A 148 12.03 1.15 5.57
C ALA A 148 12.53 2.46 6.17
N LEU A 149 13.22 2.39 7.31
CA LEU A 149 13.68 3.58 8.00
C LEU A 149 15.11 3.96 7.65
N GLY A 150 16.03 2.98 7.67
CA GLY A 150 17.43 3.29 7.48
C GLY A 150 17.77 3.79 6.10
N TYR A 151 17.14 3.20 5.08
CA TYR A 151 17.49 3.55 3.70
C TYR A 151 17.17 4.99 3.35
N PRO A 152 16.00 5.56 3.66
CA PRO A 152 15.80 6.99 3.37
C PRO A 152 16.80 7.89 4.07
N ILE A 153 17.18 7.58 5.31
CA ILE A 153 18.16 8.38 6.03
C ILE A 153 19.52 8.32 5.33
N VAL A 154 19.94 7.11 4.98
CA VAL A 154 21.24 6.95 4.32
C VAL A 154 21.24 7.63 2.95
N GLU A 155 20.13 7.53 2.23
CA GLU A 155 20.01 8.19 0.94
C GLU A 155 20.09 9.70 1.07
N ALA A 156 19.38 10.27 2.06
CA ALA A 156 19.43 11.71 2.26
C ALA A 156 20.82 12.18 2.65
N LEU A 157 21.49 11.42 3.53
CA LEU A 157 22.80 11.85 4.01
C LEU A 157 23.90 11.69 2.97
N TYR A 158 23.83 10.61 2.18
CA TYR A 158 24.96 10.20 1.34
C TYR A 158 24.54 10.03 -0.12
N GLN A 159 23.71 10.94 -0.64
CA GLN A 159 23.29 10.82 -2.04
C GLN A 159 24.33 11.40 -2.99
N THR A 160 24.60 12.69 -2.87
CA THR A 160 25.48 13.39 -3.80
C THR A 160 26.94 13.40 -3.35
N THR A 161 27.24 12.91 -2.14
CA THR A 161 28.59 12.94 -1.62
C THR A 161 29.29 11.59 -1.73
N TYR A 162 28.68 10.53 -1.20
CA TYR A 162 29.22 9.18 -1.29
C TYR A 162 28.11 8.25 -1.79
N PRO A 163 27.84 8.25 -3.09
CA PRO A 163 26.74 7.43 -3.62
C PRO A 163 26.94 5.95 -3.44
N GLU A 164 28.17 5.48 -3.24
CA GLU A 164 28.44 4.05 -3.12
C GLU A 164 27.99 3.48 -1.79
N TYR A 165 27.63 4.32 -0.82
CA TYR A 165 27.21 3.81 0.48
C TYR A 165 25.81 3.21 0.42
N LEU A 166 24.95 3.75 -0.44
CA LEU A 166 23.57 3.26 -0.53
C LEU A 166 23.49 1.80 -0.92
N GLN A 167 24.50 1.27 -1.61
CA GLN A 167 24.51 -0.13 -1.98
C GLN A 167 24.86 -1.06 -0.83
N TYR A 168 25.42 -0.52 0.26
CA TYR A 168 25.85 -1.40 1.36
C TYR A 168 24.66 -1.94 2.14
N ILE A 169 23.57 -1.18 2.24
CA ILE A 169 22.42 -1.62 3.02
C ILE A 169 21.89 -2.95 2.49
N TYR A 170 21.63 -3.01 1.18
CA TYR A 170 21.16 -4.24 0.56
C TYR A 170 22.21 -5.35 0.61
N LEU A 171 23.46 -5.02 0.92
CA LEU A 171 24.47 -6.04 1.15
C LEU A 171 24.52 -6.49 2.59
N VAL A 172 24.18 -5.62 3.54
CA VAL A 172 24.39 -5.95 4.95
C VAL A 172 23.15 -6.58 5.57
N ALA A 173 21.97 -6.06 5.26
CA ALA A 173 20.75 -6.57 5.87
C ALA A 173 20.51 -8.05 5.59
N PRO A 174 20.57 -8.55 4.35
CA PRO A 174 20.29 -9.98 4.15
C PRO A 174 21.34 -10.89 4.74
N ILE A 175 22.63 -10.57 4.58
CA ILE A 175 23.70 -11.44 5.03
C ILE A 175 23.57 -11.71 6.53
N SER A 176 23.22 -10.70 7.32
CA SER A 176 23.03 -10.90 8.75
C SER A 176 21.96 -11.93 9.02
N LEU A 177 20.82 -11.84 8.32
CA LEU A 177 19.79 -12.86 8.46
C LEU A 177 20.30 -14.23 8.02
N MET A 178 21.23 -14.26 7.07
CA MET A 178 21.81 -15.53 6.65
C MET A 178 22.77 -16.11 7.69
N MET A 179 23.25 -15.29 8.63
CA MET A 179 24.30 -15.69 9.55
C MET A 179 23.85 -15.87 10.99
N LEU A 180 23.02 -14.97 11.51
CA LEU A 180 22.67 -14.98 12.93
C LEU A 180 21.29 -15.56 13.22
N ASN A 181 20.34 -15.40 12.30
CA ASN A 181 19.00 -15.95 12.52
C ASN A 181 18.98 -17.46 12.75
N PRO A 182 19.73 -18.28 12.00
CA PRO A 182 19.65 -19.74 12.25
C PRO A 182 19.97 -20.14 13.68
N ILE A 183 20.94 -19.50 14.33
CA ILE A 183 21.27 -19.86 15.71
C ILE A 183 20.09 -19.57 16.64
N GLY A 184 19.47 -18.40 16.49
CA GLY A 184 18.31 -18.09 17.30
C GLY A 184 17.15 -19.02 17.06
N PHE A 185 16.91 -19.37 15.79
CA PHE A 185 15.83 -20.31 15.48
C PHE A 185 16.13 -21.70 16.05
N ILE A 186 17.40 -22.11 16.03
CA ILE A 186 17.78 -23.39 16.62
C ILE A 186 17.55 -23.37 18.13
N PHE A 187 17.88 -22.26 18.79
CA PHE A 187 17.63 -22.15 20.22
C PHE A 187 16.13 -22.21 20.51
N CYS A 188 15.32 -21.54 19.70
CA CYS A 188 13.87 -21.59 19.88
C CYS A 188 13.33 -23.00 19.67
N GLU A 189 13.86 -23.72 18.68
CA GLU A 189 13.44 -25.10 18.46
C GLU A 189 13.87 -25.99 19.62
N ILE A 190 15.03 -25.74 20.22
CA ILE A 190 15.45 -26.49 21.40
C ILE A 190 14.49 -26.24 22.55
N GLN A 191 14.09 -24.99 22.73
CA GLN A 191 13.11 -24.67 23.78
C GLN A 191 11.78 -25.38 23.51
N LYS A 192 11.34 -25.39 22.26
CA LYS A 192 10.11 -26.08 21.91
C LYS A 192 10.22 -27.59 22.18
N TRP A 193 11.38 -28.17 21.85
CA TRP A 193 11.61 -29.59 22.12
C TRP A 193 11.55 -29.88 23.61
N LYS A 194 12.16 -29.02 24.42
CA LYS A 194 12.07 -29.19 25.87
C LYS A 194 10.63 -29.07 26.36
N ASP A 195 9.88 -28.12 25.81
CA ASP A 195 8.49 -27.94 26.22
C ASP A 195 7.64 -29.16 25.89
N THR A 196 7.82 -29.71 24.69
CA THR A 196 7.04 -30.88 24.28
C THR A 196 7.51 -32.16 24.96
N GLN A 197 8.75 -32.19 25.46
CA GLN A 197 9.31 -33.36 26.14
C GLN A 197 9.27 -34.60 25.24
N ASN A 198 9.53 -34.40 23.95
CA ASN A 198 9.61 -35.49 22.98
C ASN A 198 11.09 -35.82 22.75
N ALA A 199 11.66 -36.56 23.70
CA ALA A 199 13.09 -36.83 23.71
C ALA A 199 13.56 -37.67 22.53
N SER A 200 12.64 -38.29 21.78
CA SER A 200 13.04 -39.14 20.66
C SER A 200 13.63 -38.35 19.51
N GLN A 201 13.47 -37.04 19.49
CA GLN A 201 13.98 -36.22 18.39
C GLN A 201 15.50 -36.13 18.45
N ASN A 202 16.09 -35.81 17.31
CA ASN A 202 17.54 -35.70 17.16
C ASN A 202 17.90 -34.31 16.68
N LYS A 203 19.20 -34.00 16.75
CA LYS A 203 19.68 -32.66 16.41
C LYS A 203 19.52 -32.35 14.93
N ILE A 204 19.50 -33.38 14.08
CA ILE A 204 19.41 -33.16 12.63
C ILE A 204 18.11 -32.46 12.28
N LYS A 205 17.00 -32.93 12.85
CA LYS A 205 15.71 -32.30 12.58
C LYS A 205 15.66 -30.87 13.10
N ILE A 206 16.27 -30.62 14.27
CA ILE A 206 16.28 -29.27 14.83
C ILE A 206 17.04 -28.33 13.91
N VAL A 207 18.23 -28.73 13.46
CA VAL A 207 19.01 -27.89 12.56
C VAL A 207 18.30 -27.70 11.23
N GLY A 208 17.65 -28.75 10.73
CA GLY A 208 16.91 -28.62 9.49
C GLY A 208 15.76 -27.64 9.58
N LEU A 209 15.00 -27.70 10.67
CA LEU A 209 13.92 -26.74 10.88
C LEU A 209 14.46 -25.33 11.03
N GLY A 210 15.57 -25.17 11.77
CA GLY A 210 16.15 -23.85 11.92
C GLY A 210 16.60 -23.25 10.61
N LEU A 211 17.20 -24.06 9.73
CA LEU A 211 17.62 -23.57 8.43
C LEU A 211 16.43 -23.35 7.49
N LEU A 212 15.40 -24.18 7.59
CA LEU A 212 14.23 -24.03 6.73
C LEU A 212 13.43 -22.78 7.08
N ARG A 213 13.41 -22.40 8.37
CA ARG A 213 12.70 -21.19 8.76
C ARG A 213 13.35 -19.93 8.17
N VAL A 214 14.68 -19.92 8.08
CA VAL A 214 15.37 -18.76 7.53
C VAL A 214 15.48 -18.82 6.00
N LEU A 215 15.41 -20.01 5.40
CA LEU A 215 15.49 -20.11 3.96
C LEU A 215 14.20 -19.64 3.29
N GLN A 216 13.06 -19.78 3.97
CA GLN A 216 11.77 -19.40 3.40
C GLN A 216 11.51 -17.90 3.45
N ASN A 217 12.36 -17.12 4.11
CA ASN A 217 12.16 -15.69 4.17
C ASN A 217 12.31 -15.09 2.77
N PRO A 218 11.40 -14.21 2.34
CA PRO A 218 11.52 -13.65 0.98
C PRO A 218 12.84 -12.94 0.73
N ILE A 219 13.40 -12.28 1.74
CA ILE A 219 14.64 -11.53 1.54
C ILE A 219 15.75 -12.45 1.06
N VAL A 220 15.89 -13.62 1.69
CA VAL A 220 17.04 -14.49 1.44
C VAL A 220 16.99 -15.04 0.01
N PHE A 221 15.88 -15.69 -0.36
CA PHE A 221 15.86 -16.30 -1.68
C PHE A 221 15.67 -15.27 -2.78
N MET A 222 15.05 -14.12 -2.48
CA MET A 222 15.03 -13.05 -3.45
C MET A 222 16.44 -12.53 -3.74
N VAL A 223 17.27 -12.41 -2.70
CA VAL A 223 18.66 -12.00 -2.91
C VAL A 223 19.41 -13.06 -3.71
N PHE A 224 19.16 -14.33 -3.42
CA PHE A 224 19.83 -15.41 -4.16
C PHE A 224 19.46 -15.37 -5.64
N ILE A 225 18.17 -15.21 -5.94
CA ILE A 225 17.72 -15.12 -7.33
C ILE A 225 18.28 -13.87 -7.98
N GLY A 226 18.39 -12.78 -7.22
CA GLY A 226 19.02 -11.58 -7.75
C GLY A 226 20.46 -11.80 -8.12
N ILE A 227 21.21 -12.54 -7.30
CA ILE A 227 22.59 -12.87 -7.64
C ILE A 227 22.64 -13.71 -8.91
N ALA A 228 21.77 -14.73 -8.99
CA ALA A 228 21.77 -15.60 -10.16
C ALA A 228 21.49 -14.82 -11.44
N PHE A 229 20.46 -13.97 -11.42
CA PHE A 229 20.13 -13.19 -12.61
C PHE A 229 21.12 -12.07 -12.86
N ASN A 230 21.81 -11.59 -11.81
CA ASN A 230 22.91 -10.65 -12.01
C ASN A 230 24.02 -11.30 -12.84
N PHE A 231 24.36 -12.54 -12.52
CA PHE A 231 25.39 -13.23 -13.30
C PHE A 231 24.88 -13.61 -14.69
N ILE A 232 23.60 -13.98 -14.81
CA ILE A 232 23.08 -14.40 -16.10
C ILE A 232 22.95 -13.22 -17.05
N LEU A 233 22.43 -12.09 -16.58
CA LEU A 233 22.04 -10.98 -17.43
C LEU A 233 23.13 -9.93 -17.63
N ASP A 234 24.33 -10.16 -17.07
CA ASP A 234 25.45 -9.24 -17.23
C ASP A 234 25.12 -7.82 -16.74
N ARG A 235 24.52 -7.77 -15.54
CA ARG A 235 24.26 -6.51 -14.84
C ARG A 235 23.37 -5.55 -15.64
N LYS A 236 22.40 -6.09 -16.38
CA LYS A 236 21.49 -5.27 -17.17
C LYS A 236 20.07 -5.76 -16.96
N VAL A 237 19.16 -4.82 -16.70
CA VAL A 237 17.74 -5.12 -16.55
C VAL A 237 17.05 -4.90 -17.89
N PRO A 238 16.33 -5.89 -18.43
CA PRO A 238 15.63 -5.68 -19.69
C PRO A 238 14.60 -4.57 -19.59
N VAL A 239 14.44 -3.83 -20.68
CA VAL A 239 13.55 -2.68 -20.69
C VAL A 239 12.09 -3.08 -20.53
N TYR A 240 11.75 -4.36 -20.75
CA TYR A 240 10.37 -4.80 -20.62
C TYR A 240 9.91 -4.78 -19.17
N VAL A 241 10.78 -5.19 -18.25
CA VAL A 241 10.41 -5.33 -16.84
C VAL A 241 10.93 -4.18 -15.98
N GLU A 242 11.65 -3.23 -16.57
CA GLU A 242 12.17 -2.10 -15.79
C GLU A 242 11.05 -1.30 -15.15
N ASN A 243 10.03 -0.95 -15.94
CA ASN A 243 8.93 -0.16 -15.42
C ASN A 243 8.15 -0.92 -14.35
N PHE A 244 7.94 -2.22 -14.56
CA PHE A 244 7.21 -3.03 -13.60
C PHE A 244 7.96 -3.10 -12.27
N LEU A 245 9.27 -3.35 -12.33
CA LEU A 245 10.08 -3.41 -11.12
C LEU A 245 10.12 -2.06 -10.42
N ASP A 246 10.27 -0.97 -11.17
CA ASP A 246 10.28 0.36 -10.57
C ASP A 246 8.95 0.67 -9.91
N GLY A 247 7.84 0.30 -10.56
CA GLY A 247 6.53 0.56 -9.99
C GLY A 247 6.30 -0.19 -8.69
N LEU A 248 6.70 -1.46 -8.64
CA LEU A 248 6.54 -2.18 -7.38
C LEU A 248 7.51 -1.72 -6.31
N GLY A 249 8.71 -1.29 -6.69
CA GLY A 249 9.69 -0.88 -5.71
C GLY A 249 9.51 0.52 -5.16
N ASN A 250 8.86 1.41 -5.92
CA ASN A 250 8.69 2.78 -5.44
C ASN A 250 7.62 2.89 -4.37
N SER A 251 6.73 1.91 -4.26
CA SER A 251 5.65 1.95 -3.29
C SER A 251 5.97 1.23 -1.99
N PHE A 252 7.19 0.70 -1.84
CA PHE A 252 7.51 -0.09 -0.65
C PHE A 252 7.68 0.80 0.58
N SER A 253 8.41 1.91 0.45
CA SER A 253 8.85 2.64 1.64
C SER A 253 7.69 3.28 2.39
N GLY A 254 6.85 4.03 1.67
CA GLY A 254 5.74 4.70 2.33
C GLY A 254 4.72 3.73 2.89
N SER A 255 4.41 2.67 2.15
CA SER A 255 3.47 1.68 2.63
C SER A 255 4.01 0.92 3.83
N ALA A 256 5.32 0.64 3.85
CA ALA A 256 5.92 -0.03 4.99
C ALA A 256 5.92 0.87 6.22
N LEU A 257 6.20 2.16 6.04
CA LEU A 257 6.12 3.09 7.17
C LEU A 257 4.70 3.18 7.71
N PHE A 258 3.71 3.26 6.81
CA PHE A 258 2.31 3.31 7.23
C PHE A 258 1.92 2.04 7.99
N TYR A 259 2.34 0.88 7.49
CA TYR A 259 2.01 -0.38 8.15
C TYR A 259 2.71 -0.49 9.51
N LEU A 260 3.95 -0.03 9.59
CA LEU A 260 4.65 -0.02 10.88
C LEU A 260 3.91 0.87 11.89
N GLY A 261 3.46 2.04 11.45
CA GLY A 261 2.64 2.87 12.32
C GLY A 261 1.34 2.18 12.73
N LEU A 262 0.72 1.46 11.79
CA LEU A 262 -0.52 0.76 12.09
C LEU A 262 -0.33 -0.32 13.14
N THR A 263 0.80 -1.04 13.07
CA THR A 263 1.04 -2.18 13.95
C THR A 263 1.49 -1.79 15.36
N MET A 264 1.39 -0.51 15.73
CA MET A 264 1.76 -0.06 17.08
C MET A 264 0.57 0.53 17.83
N VAL A 265 -0.66 0.18 17.42
CA VAL A 265 -1.83 0.85 17.97
C VAL A 265 -2.06 0.48 19.43
N GLY A 266 -1.87 -0.79 19.78
CA GLY A 266 -2.15 -1.24 21.13
C GLY A 266 -1.11 -2.17 21.72
N LYS A 267 0.15 -1.97 21.35
CA LYS A 267 1.21 -2.90 21.73
C LYS A 267 1.86 -2.55 23.07
N ILE A 268 1.98 -1.27 23.38
CA ILE A 268 2.63 -0.86 24.63
C ILE A 268 1.62 -1.02 25.77
N LYS A 269 1.96 -1.88 26.72
CA LYS A 269 1.11 -2.14 27.88
C LYS A 269 1.97 -2.20 29.13
N ARG A 270 1.32 -2.08 30.29
CA ARG A 270 2.03 -2.06 31.56
C ARG A 270 2.73 -3.40 31.81
N LEU A 271 3.92 -3.31 32.42
CA LEU A 271 4.75 -4.47 32.66
C LEU A 271 5.29 -4.38 34.08
N LYS A 272 6.13 -5.35 34.45
CA LYS A 272 6.74 -5.40 35.77
C LYS A 272 8.14 -4.81 35.74
N LYS A 273 8.72 -4.67 36.93
CA LYS A 273 10.04 -4.04 37.05
C LYS A 273 11.12 -4.86 36.37
N SER A 274 11.10 -6.17 36.55
CA SER A 274 12.13 -7.01 35.93
C SER A 274 12.05 -6.94 34.41
N ALA A 275 10.84 -7.01 33.86
CA ALA A 275 10.68 -6.88 32.40
C ALA A 275 11.13 -5.51 31.92
N PHE A 276 10.84 -4.47 32.69
CA PHE A 276 11.28 -3.13 32.32
C PHE A 276 12.79 -3.02 32.28
N VAL A 277 13.47 -3.59 33.29
CA VAL A 277 14.92 -3.55 33.32
C VAL A 277 15.51 -4.34 32.16
N VAL A 278 14.95 -5.51 31.88
CA VAL A 278 15.42 -6.31 30.74
C VAL A 278 15.24 -5.55 29.44
N LEU A 279 14.10 -4.87 29.29
CA LEU A 279 13.84 -4.09 28.08
C LEU A 279 14.82 -2.93 27.95
N ILE A 280 15.12 -2.24 29.06
CA ILE A 280 16.09 -1.15 29.03
C ILE A 280 17.46 -1.67 28.62
N LEU A 281 17.86 -2.81 29.18
CA LEU A 281 19.16 -3.40 28.83
C LEU A 281 19.21 -3.79 27.36
N LEU A 282 18.13 -4.39 26.84
CA LEU A 282 18.11 -4.79 25.44
C LEU A 282 18.18 -3.59 24.51
N ILE A 283 17.43 -2.54 24.81
CA ILE A 283 17.46 -1.35 23.96
C ILE A 283 18.82 -0.67 24.05
N THR A 284 19.45 -0.67 25.23
CA THR A 284 20.79 -0.10 25.35
C THR A 284 21.80 -0.90 24.53
N ALA A 285 21.68 -2.23 24.54
CA ALA A 285 22.54 -3.06 23.71
C ALA A 285 22.34 -2.78 22.23
N LYS A 286 21.08 -2.60 21.81
CA LYS A 286 20.78 -2.36 20.41
C LYS A 286 21.28 -0.99 19.95
N LEU A 287 20.99 0.05 20.72
CA LEU A 287 21.15 1.42 20.26
C LEU A 287 22.44 2.09 20.72
N LEU A 288 23.13 1.54 21.70
CA LEU A 288 24.36 2.15 22.23
C LEU A 288 25.59 1.29 22.01
N VAL A 289 25.57 0.03 22.44
CA VAL A 289 26.76 -0.81 22.35
C VAL A 289 27.08 -1.14 20.90
N LEU A 290 26.07 -1.51 20.12
CA LEU A 290 26.29 -1.90 18.73
C LEU A 290 26.90 -0.79 17.87
N PRO A 291 26.42 0.46 17.91
CA PRO A 291 27.09 1.50 17.12
C PRO A 291 28.56 1.70 17.47
N LEU A 292 28.88 1.67 18.76
CA LEU A 292 30.26 1.84 19.18
C LEU A 292 31.12 0.67 18.72
N LEU A 293 30.59 -0.55 18.81
CA LEU A 293 31.33 -1.72 18.33
C LEU A 293 31.54 -1.67 16.82
N CYS A 294 30.52 -1.23 16.06
CA CYS A 294 30.68 -1.09 14.62
C CYS A 294 31.76 -0.07 14.28
N ARG A 295 31.75 1.06 14.99
CA ARG A 295 32.76 2.08 14.76
C ARG A 295 34.16 1.56 15.08
N GLU A 296 34.30 0.82 16.19
CA GLU A 296 35.60 0.27 16.56
C GLU A 296 36.09 -0.74 15.54
N MET A 297 35.20 -1.62 15.06
CA MET A 297 35.60 -2.59 14.05
C MET A 297 36.00 -1.91 12.74
N VAL A 298 35.28 -0.86 12.35
CA VAL A 298 35.66 -0.14 11.14
C VAL A 298 37.02 0.55 11.32
N GLU A 299 37.27 1.09 12.52
CA GLU A 299 38.58 1.69 12.77
C GLU A 299 39.69 0.65 12.72
N LEU A 300 39.43 -0.56 13.23
CA LEU A 300 40.46 -1.58 13.29
C LEU A 300 40.74 -2.17 11.91
N LEU A 301 39.71 -2.74 11.27
CA LEU A 301 39.93 -3.51 10.05
C LEU A 301 40.37 -2.61 8.89
N ASP A 302 39.69 -1.51 8.66
CA ASP A 302 40.00 -0.65 7.53
C ASP A 302 41.34 0.04 7.75
N LYS A 303 42.22 -0.07 6.75
CA LYS A 303 43.55 0.52 6.80
C LYS A 303 43.90 1.19 5.48
N GLY A 304 42.94 1.91 4.89
CA GLY A 304 43.13 2.55 3.62
C GLY A 304 43.71 3.96 3.76
N ASP A 305 43.97 4.57 2.61
CA ASP A 305 44.46 5.93 2.54
C ASP A 305 43.26 6.88 2.60
N SER A 306 43.51 8.18 2.40
CA SER A 306 42.45 9.20 2.37
C SER A 306 41.67 9.20 3.69
N VAL A 307 42.37 9.62 4.74
CA VAL A 307 41.87 9.65 6.11
C VAL A 307 40.46 10.23 6.19
N VAL A 308 40.13 11.14 5.28
CA VAL A 308 38.77 11.67 5.21
C VAL A 308 37.79 10.54 4.93
N ASN A 309 38.12 9.66 3.99
CA ASN A 309 37.26 8.52 3.69
C ASN A 309 37.17 7.57 4.89
N HIS A 310 38.26 7.40 5.62
CA HIS A 310 38.22 6.56 6.83
C HIS A 310 37.27 7.14 7.86
N THR A 311 37.33 8.45 8.08
CA THR A 311 36.41 9.09 9.02
C THR A 311 34.97 8.96 8.54
N SER A 312 34.74 9.14 7.25
CA SER A 312 33.39 8.99 6.71
C SER A 312 32.88 7.57 6.89
N LEU A 313 33.73 6.57 6.69
CA LEU A 313 33.33 5.18 6.88
C LEU A 313 33.00 4.90 8.34
N SER A 314 33.81 5.42 9.26
CA SER A 314 33.52 5.22 10.69
C SER A 314 32.21 5.88 11.08
N ASN A 315 31.96 7.10 10.58
CA ASN A 315 30.70 7.77 10.87
C ASN A 315 29.52 7.02 10.28
N TYR A 316 29.68 6.48 9.07
CA TYR A 316 28.61 5.69 8.46
C TYR A 316 28.32 4.44 9.27
N ALA A 317 29.37 3.78 9.78
CA ALA A 317 29.16 2.62 10.64
C ALA A 317 28.41 3.00 11.91
N PHE A 318 28.79 4.11 12.53
CA PHE A 318 28.10 4.56 13.74
C PHE A 318 26.62 4.83 13.45
N LEU A 319 26.34 5.52 12.34
CA LEU A 319 24.95 5.82 11.99
C LEU A 319 24.17 4.56 11.68
N TYR A 320 24.81 3.58 11.03
CA TYR A 320 24.13 2.31 10.76
C TYR A 320 23.80 1.57 12.05
N GLY A 321 24.67 1.70 13.07
CA GLY A 321 24.43 0.98 14.31
C GLY A 321 23.20 1.41 15.08
N VAL A 322 22.65 2.59 14.79
CA VAL A 322 21.59 3.17 15.61
C VAL A 322 20.20 2.94 15.02
N PHE A 323 20.08 2.15 13.97
CA PHE A 323 18.76 1.85 13.43
C PHE A 323 17.97 1.00 14.42
N PRO A 324 16.66 1.19 14.51
CA PRO A 324 15.86 0.49 15.52
C PRO A 324 15.60 -0.96 15.13
N VAL A 325 14.92 -1.67 16.02
CA VAL A 325 14.63 -3.09 15.82
C VAL A 325 13.56 -3.25 14.74
N ALA A 326 13.74 -4.26 13.89
CA ALA A 326 12.80 -4.57 12.82
C ALA A 326 11.58 -5.31 13.38
N PRO A 327 10.40 -5.05 12.81
CA PRO A 327 9.20 -5.80 13.23
C PRO A 327 9.26 -7.29 12.91
N GLY A 328 10.18 -7.71 12.04
CA GLY A 328 10.33 -9.13 11.76
C GLY A 328 10.64 -9.94 13.01
N VAL A 329 11.35 -9.35 13.97
CA VAL A 329 11.61 -10.04 15.24
C VAL A 329 10.30 -10.29 15.98
N ALA A 330 9.42 -9.29 16.01
CA ALA A 330 8.11 -9.48 16.63
C ALA A 330 7.31 -10.55 15.90
N ILE A 331 7.42 -10.58 14.56
CA ILE A 331 6.74 -11.62 13.80
C ILE A 331 7.26 -13.00 14.16
N PHE A 332 8.59 -13.13 14.31
CA PHE A 332 9.19 -14.40 14.72
C PHE A 332 8.69 -14.80 16.10
N ALA A 333 8.63 -13.85 17.03
CA ALA A 333 8.15 -14.15 18.38
C ALA A 333 6.70 -14.60 18.36
N THR A 334 5.87 -13.95 17.54
CA THR A 334 4.47 -14.37 17.43
C THR A 334 4.36 -15.76 16.83
N GLN A 335 5.18 -16.05 15.81
CA GLN A 335 5.15 -17.38 15.20
C GLN A 335 5.57 -18.46 16.19
N PHE A 336 6.60 -18.19 16.98
CA PHE A 336 7.04 -19.14 17.99
C PHE A 336 6.18 -19.12 19.24
N ASN A 337 5.37 -18.07 19.42
CA ASN A 337 4.48 -17.93 20.58
C ASN A 337 5.29 -17.98 21.89
N MET A 338 6.30 -17.13 21.98
CA MET A 338 7.14 -17.06 23.16
C MET A 338 7.79 -15.68 23.23
N GLU A 339 7.73 -15.07 24.42
CA GLU A 339 8.29 -13.73 24.66
C GLU A 339 7.71 -12.69 23.71
N VAL A 340 6.46 -12.86 23.31
CA VAL A 340 5.88 -11.98 22.30
C VAL A 340 5.64 -10.58 22.86
N GLU A 341 5.17 -10.49 24.09
CA GLU A 341 4.78 -9.19 24.65
C GLU A 341 6.00 -8.30 24.87
N ILE A 342 7.04 -8.84 25.50
CA ILE A 342 8.24 -8.04 25.78
C ILE A 342 8.94 -7.66 24.48
N ILE A 343 8.99 -8.57 23.51
CA ILE A 343 9.63 -8.27 22.23
C ILE A 343 8.87 -7.16 21.50
N THR A 344 7.54 -7.26 21.47
CA THR A 344 6.74 -6.24 20.79
C THR A 344 6.90 -4.88 21.47
N SER A 345 6.83 -4.86 22.80
CA SER A 345 6.97 -3.60 23.52
C SER A 345 8.35 -2.99 23.29
N GLY A 346 9.40 -3.81 23.34
CA GLY A 346 10.74 -3.30 23.13
C GLY A 346 10.93 -2.75 21.72
N MET A 347 10.41 -3.45 20.72
CA MET A 347 10.53 -2.97 19.34
C MET A 347 9.81 -1.65 19.17
N VAL A 348 8.58 -1.55 19.70
CA VAL A 348 7.82 -0.31 19.57
C VAL A 348 8.53 0.84 20.27
N ILE A 349 9.06 0.59 21.48
CA ILE A 349 9.73 1.65 22.22
C ILE A 349 11.01 2.09 21.51
N SER A 350 11.80 1.12 21.03
CA SER A 350 13.06 1.46 20.38
C SER A 350 12.83 2.22 19.08
N THR A 351 11.73 1.93 18.37
CA THR A 351 11.44 2.67 17.15
C THR A 351 11.35 4.17 17.42
N PHE A 352 10.67 4.55 18.50
CA PHE A 352 10.55 5.97 18.85
C PHE A 352 11.82 6.51 19.49
N VAL A 353 12.53 5.70 20.28
CA VAL A 353 13.74 6.18 20.95
C VAL A 353 14.85 6.46 19.95
N SER A 354 14.86 5.77 18.81
CA SER A 354 16.00 5.87 17.90
C SER A 354 16.15 7.25 17.28
N ALA A 355 15.04 7.95 17.02
CA ALA A 355 15.11 9.19 16.22
C ALA A 355 15.94 10.28 16.87
N PRO A 356 15.73 10.68 18.13
CA PRO A 356 16.63 11.68 18.72
C PRO A 356 18.06 11.23 18.77
N ILE A 357 18.30 9.92 19.00
CA ILE A 357 19.67 9.42 19.02
C ILE A 357 20.31 9.57 17.64
N MET A 358 19.56 9.22 16.58
CA MET A 358 20.07 9.42 15.23
C MET A 358 20.44 10.88 14.99
N TYR A 359 19.51 11.79 15.29
CA TYR A 359 19.72 13.20 14.99
C TYR A 359 20.92 13.75 15.74
N VAL A 360 20.96 13.52 17.06
CA VAL A 360 22.04 14.07 17.88
C VAL A 360 23.38 13.44 17.52
N SER A 361 23.41 12.13 17.29
CA SER A 361 24.66 11.47 16.93
C SER A 361 25.19 11.99 15.60
N ALA A 362 24.31 12.15 14.61
CA ALA A 362 24.76 12.66 13.32
C ALA A 362 25.31 14.08 13.44
N TRP A 363 24.62 14.94 14.19
CA TRP A 363 25.10 16.31 14.33
C TRP A 363 26.42 16.35 15.11
N LEU A 364 26.55 15.53 16.16
CA LEU A 364 27.77 15.51 16.94
C LEU A 364 28.95 15.00 16.11
N LEU A 365 28.73 13.97 15.29
CA LEU A 365 29.78 13.49 14.41
C LEU A 365 30.11 14.48 13.30
N THR A 366 29.17 15.35 12.94
CA THR A 366 29.46 16.38 11.95
C THR A 366 30.18 17.58 12.56
N PHE A 367 30.01 17.82 13.86
CA PHE A 367 30.67 18.95 14.51
C PHE A 367 32.18 19.04 14.34
N PRO A 368 32.98 17.96 14.45
CA PRO A 368 34.44 18.15 14.42
C PRO A 368 34.98 18.83 13.18
N THR A 369 34.31 18.68 12.04
CA THR A 369 34.74 19.36 10.81
C THR A 369 34.05 20.71 10.65
N MET A 370 34.13 21.55 11.69
CA MET A 370 33.48 22.85 11.67
C MET A 370 34.28 23.83 12.51
N ASP A 371 34.05 25.14 12.24
CA ASP A 371 34.60 26.31 12.91
C ASP A 371 33.60 26.83 13.95
N PRO A 372 34.09 27.52 14.99
CA PRO A 372 33.18 27.90 16.09
C PRO A 372 31.99 28.75 15.67
N LYS A 373 32.19 29.73 14.78
CA LYS A 373 31.05 30.54 14.34
C LYS A 373 30.06 29.72 13.51
N PRO A 374 30.47 28.95 12.49
CA PRO A 374 29.52 28.04 11.84
C PRO A 374 28.94 27.01 12.80
N LEU A 375 29.70 26.59 13.81
CA LEU A 375 29.16 25.67 14.82
C LEU A 375 27.98 26.30 15.55
N ALA A 376 28.15 27.55 15.99
CA ALA A 376 27.06 28.24 16.68
C ALA A 376 25.89 28.48 15.74
N TYR A 377 26.16 28.82 14.48
CA TYR A 377 25.08 28.99 13.51
C TYR A 377 24.31 27.70 13.30
N ALA A 378 25.01 26.56 13.25
CA ALA A 378 24.36 25.27 13.11
C ALA A 378 23.51 24.94 14.33
N ILE A 379 24.01 25.24 15.53
CA ILE A 379 23.22 25.03 16.74
C ILE A 379 21.96 25.88 16.70
N GLN A 380 22.09 27.15 16.29
CA GLN A 380 20.92 28.01 16.18
C GLN A 380 19.92 27.45 15.17
N ASN A 381 20.40 26.96 14.03
CA ASN A 381 19.50 26.46 12.99
C ASN A 381 18.77 25.20 13.45
N VAL A 382 19.50 24.26 14.07
CA VAL A 382 18.86 23.02 14.53
C VAL A 382 17.82 23.32 15.61
N SER A 383 18.16 24.20 16.56
CA SER A 383 17.20 24.57 17.58
C SER A 383 16.00 25.30 16.98
N PHE A 384 16.20 26.14 15.95
CA PHE A 384 15.09 26.80 15.30
C PHE A 384 14.16 25.80 14.62
N ASP A 385 14.72 24.81 13.92
CA ASP A 385 13.87 23.82 13.26
C ASP A 385 13.06 23.02 14.28
N ILE A 386 13.73 22.56 15.34
CA ILE A 386 13.01 21.82 16.38
C ILE A 386 11.93 22.71 17.00
N SER A 387 12.24 23.99 17.21
CA SER A 387 11.28 24.90 17.84
C SER A 387 10.06 25.13 16.95
N ILE A 388 10.25 25.28 15.64
CA ILE A 388 9.10 25.55 14.78
C ILE A 388 8.20 24.31 14.67
N VAL A 389 8.81 23.13 14.52
CA VAL A 389 7.98 21.93 14.47
C VAL A 389 7.26 21.71 15.79
N SER A 390 7.96 21.95 16.91
CA SER A 390 7.34 21.82 18.22
C SER A 390 6.25 22.86 18.42
N LEU A 391 6.39 24.05 17.85
CA LEU A 391 5.32 25.05 17.95
C LEU A 391 4.08 24.60 17.22
N ILE A 392 4.24 24.08 16.01
CA ILE A 392 3.06 23.57 15.28
C ILE A 392 2.38 22.48 16.08
N SER A 393 3.16 21.53 16.58
CA SER A 393 2.60 20.44 17.37
C SER A 393 1.94 20.96 18.64
N LEU A 394 2.53 21.97 19.27
CA LEU A 394 2.01 22.49 20.53
C LEU A 394 0.71 23.26 20.33
N ILE A 395 0.60 24.04 19.25
CA ILE A 395 -0.66 24.73 19.02
C ILE A 395 -1.75 23.72 18.67
N TRP A 396 -1.40 22.65 17.95
CA TRP A 396 -2.39 21.59 17.73
C TRP A 396 -2.86 20.99 19.05
N SER A 397 -1.92 20.67 19.94
CA SER A 397 -2.29 20.06 21.23
C SER A 397 -3.10 21.03 22.08
N LEU A 398 -2.75 22.32 22.05
CA LEU A 398 -3.50 23.32 22.81
C LEU A 398 -4.91 23.46 22.27
N ALA A 399 -5.07 23.44 20.95
CA ALA A 399 -6.42 23.47 20.37
C ALA A 399 -7.22 22.26 20.82
N ILE A 400 -6.61 21.08 20.83
CA ILE A 400 -7.31 19.89 21.29
C ILE A 400 -7.74 20.04 22.75
N LEU A 401 -6.82 20.53 23.59
CA LEU A 401 -7.12 20.66 25.02
C LEU A 401 -8.24 21.68 25.26
N LEU A 402 -8.18 22.82 24.57
CA LEU A 402 -9.23 23.83 24.74
C LEU A 402 -10.58 23.33 24.25
N LEU A 403 -10.61 22.65 23.10
CA LEU A 403 -11.87 22.14 22.59
C LEU A 403 -12.40 20.97 23.42
N SER A 404 -11.54 20.29 24.18
CA SER A 404 -12.01 19.23 25.06
C SER A 404 -12.78 19.79 26.25
N LYS A 405 -12.46 21.02 26.66
CA LYS A 405 -13.14 21.70 27.78
C LYS A 405 -13.07 20.87 29.06
N LYS A 406 -11.92 20.24 29.30
CA LYS A 406 -11.70 19.46 30.51
C LYS A 406 -10.62 20.04 31.41
N TYR A 407 -10.18 21.27 31.15
CA TYR A 407 -9.13 21.90 31.93
C TYR A 407 -9.66 22.57 33.19
N LYS A 408 -10.98 22.60 33.39
CA LYS A 408 -11.56 23.27 34.56
C LYS A 408 -11.30 22.52 35.87
N GLN A 409 -10.82 21.29 35.80
CA GLN A 409 -10.53 20.50 36.99
C GLN A 409 -9.07 20.05 36.98
N LEU A 410 -8.47 20.02 38.16
CA LEU A 410 -7.04 19.72 38.28
C LEU A 410 -6.76 18.28 37.88
N PRO A 411 -5.54 18.01 37.37
CA PRO A 411 -4.45 18.96 37.14
C PRO A 411 -4.28 19.34 35.67
N HIS A 412 -5.40 19.49 34.95
CA HIS A 412 -5.32 19.78 33.53
C HIS A 412 -4.94 21.24 33.25
N MET A 413 -5.34 22.17 34.12
CA MET A 413 -5.04 23.58 33.87
C MET A 413 -3.57 23.88 34.07
N LEU A 414 -2.90 23.21 35.01
CA LEU A 414 -1.45 23.36 35.15
C LEU A 414 -0.74 22.83 33.92
N THR A 415 -1.22 21.71 33.37
CA THR A 415 -0.66 21.21 32.12
C THR A 415 -0.88 22.18 30.98
N THR A 416 -2.06 22.82 30.93
CA THR A 416 -2.32 23.83 29.93
C THR A 416 -1.35 25.00 30.06
N ASN A 417 -1.08 25.42 31.28
CA ASN A 417 -0.09 26.47 31.50
C ASN A 417 1.30 26.04 31.03
N LEU A 418 1.66 24.78 31.29
CA LEU A 418 2.96 24.28 30.87
C LEU A 418 3.10 24.30 29.35
N LEU A 419 2.08 23.80 28.64
CA LEU A 419 2.12 23.86 27.17
C LEU A 419 2.08 25.29 26.66
N ILE A 420 1.38 26.20 27.34
CA ILE A 420 1.40 27.60 26.93
C ILE A 420 2.80 28.16 27.04
N ALA A 421 3.48 27.87 28.15
CA ALA A 421 4.85 28.35 28.33
C ALA A 421 5.79 27.76 27.27
N GLN A 422 5.62 26.48 26.95
CA GLN A 422 6.46 25.86 25.92
C GLN A 422 6.21 26.49 24.55
N SER A 423 4.95 26.76 24.23
CA SER A 423 4.64 27.43 22.96
C SER A 423 5.25 28.82 22.92
N ILE A 424 5.19 29.55 24.04
CA ILE A 424 5.74 30.90 24.06
C ILE A 424 7.26 30.87 23.92
N VAL A 425 7.92 29.88 24.52
CA VAL A 425 9.38 29.83 24.41
C VAL A 425 9.78 29.44 22.97
N CYS A 426 9.04 28.54 22.34
CA CYS A 426 9.32 28.21 20.94
C CYS A 426 9.15 29.45 20.05
N ALA A 427 8.04 30.17 20.24
CA ALA A 427 7.82 31.39 19.46
C ALA A 427 8.89 32.43 19.73
N GLY A 428 9.30 32.56 21.00
CA GLY A 428 10.34 33.51 21.34
C GLY A 428 11.65 33.19 20.65
N MET A 429 12.02 31.91 20.58
CA MET A 429 13.25 31.59 19.87
C MET A 429 13.13 31.84 18.37
N MET A 430 11.97 31.53 17.78
CA MET A 430 11.82 31.80 16.35
C MET A 430 11.92 33.29 16.05
N ILE A 431 11.37 34.13 16.92
CA ILE A 431 11.60 35.58 16.76
C ILE A 431 13.06 35.92 16.97
N TRP A 432 13.71 35.30 17.96
CA TRP A 432 15.09 35.62 18.28
C TRP A 432 16.03 35.33 17.11
N ASN A 433 15.78 34.24 16.38
CA ASN A 433 16.64 33.90 15.26
C ASN A 433 16.67 35.00 14.21
N PHE A 434 15.60 35.78 14.10
CA PHE A 434 15.54 36.88 13.15
C PHE A 434 15.96 38.21 13.75
N VAL A 435 15.69 38.42 15.04
CA VAL A 435 16.00 39.68 15.69
C VAL A 435 17.32 39.60 16.47
N LYS A 436 18.17 38.63 16.15
CA LYS A 436 19.43 38.47 16.87
C LYS A 436 20.32 39.69 16.71
N GLU A 437 20.35 40.28 15.51
CA GLU A 437 21.18 41.45 15.25
C GLU A 437 20.43 42.49 14.42
N LYS A 438 19.11 42.58 14.58
CA LYS A 438 18.29 43.51 13.80
C LYS A 438 17.95 44.77 14.58
N ASN A 439 17.32 44.63 15.74
CA ASN A 439 16.93 45.76 16.57
C ASN A 439 17.37 45.52 18.01
N PHE A 440 17.68 46.61 18.71
CA PHE A 440 18.16 46.50 20.08
C PHE A 440 17.01 46.23 21.04
N VAL A 441 16.08 47.17 21.16
CA VAL A 441 14.97 47.03 22.11
C VAL A 441 14.21 45.76 21.83
N GLY A 442 14.00 45.44 20.55
CA GLY A 442 13.42 44.16 20.20
C GLY A 442 14.24 42.98 20.71
N GLN A 443 15.57 43.10 20.66
CA GLN A 443 16.43 42.02 21.14
C GLN A 443 16.25 41.80 22.64
N ILE A 444 16.28 42.88 23.43
CA ILE A 444 16.07 42.72 24.87
C ILE A 444 14.68 42.18 25.16
N LEU A 445 13.65 42.68 24.48
CA LEU A 445 12.30 42.21 24.74
C LEU A 445 12.16 40.73 24.42
N VAL A 446 12.71 40.30 23.28
CA VAL A 446 12.64 38.90 22.89
C VAL A 446 13.40 38.02 23.87
N PHE A 447 14.58 38.47 24.30
CA PHE A 447 15.34 37.69 25.27
C PHE A 447 14.57 37.55 26.58
N VAL A 448 13.96 38.64 27.05
CA VAL A 448 13.18 38.60 28.28
C VAL A 448 12.04 37.60 28.15
N LEU A 449 11.27 37.68 27.05
CA LEU A 449 10.15 36.77 26.86
C LEU A 449 10.64 35.32 26.80
N LEU A 450 11.68 35.08 26.00
CA LEU A 450 12.16 33.71 25.79
C LEU A 450 12.63 33.08 27.10
N TYR A 451 13.48 33.77 27.85
CA TYR A 451 14.02 33.15 29.05
C TYR A 451 13.05 33.20 30.22
N SER A 452 12.11 34.14 30.25
CA SER A 452 11.03 34.06 31.22
C SER A 452 10.19 32.81 30.97
N SER A 453 9.91 32.51 29.69
CA SER A 453 9.16 31.29 29.38
C SER A 453 9.98 30.04 29.71
N LEU A 454 11.28 30.07 29.47
CA LEU A 454 12.13 28.91 29.78
C LEU A 454 12.13 28.64 31.28
N TYR A 455 12.36 29.68 32.09
CA TYR A 455 12.30 29.51 33.54
C TYR A 455 10.90 29.14 33.99
N SER A 456 9.87 29.61 33.29
CA SER A 456 8.50 29.23 33.61
C SER A 456 8.29 27.74 33.42
N THR A 457 8.80 27.18 32.31
CA THR A 457 8.70 25.73 32.11
C THR A 457 9.48 24.97 33.19
N TYR A 458 10.70 25.44 33.49
CA TYR A 458 11.51 24.79 34.51
C TYR A 458 10.76 24.73 35.85
N LEU A 459 10.15 25.86 36.24
CA LEU A 459 9.46 25.91 37.52
C LEU A 459 8.13 25.14 37.46
N TRP A 460 7.42 25.23 36.34
CA TRP A 460 6.13 24.56 36.22
C TRP A 460 6.28 23.05 36.28
N THR A 461 7.42 22.51 35.86
CA THR A 461 7.69 21.11 36.12
C THR A 461 7.60 20.80 37.62
N GLY A 462 8.24 21.62 38.44
CA GLY A 462 8.20 21.41 39.88
C GLY A 462 6.82 21.62 40.47
N LEU A 463 6.09 22.64 39.98
CA LEU A 463 4.73 22.85 40.48
C LEU A 463 3.81 21.68 40.12
N LEU A 464 3.95 21.13 38.90
CA LEU A 464 3.15 19.96 38.55
C LEU A 464 3.52 18.76 39.41
N ALA A 465 4.82 18.60 39.70
CA ALA A 465 5.23 17.54 40.63
C ALA A 465 4.62 17.73 42.01
N ILE A 466 4.59 18.98 42.49
CA ILE A 466 3.99 19.28 43.79
C ILE A 466 2.51 18.95 43.79
N SER A 467 1.81 19.31 42.71
CA SER A 467 0.38 19.02 42.62
C SER A 467 0.12 17.52 42.61
N LEU A 468 0.94 16.76 41.87
CA LEU A 468 0.79 15.32 41.84
C LEU A 468 1.06 14.71 43.22
N PHE A 469 2.08 15.21 43.92
CA PHE A 469 2.37 14.70 45.26
C PHE A 469 1.24 15.02 46.23
N LEU A 470 0.67 16.23 46.12
CA LEU A 470 -0.45 16.59 46.97
C LEU A 470 -1.67 15.71 46.69
N LEU A 471 -1.94 15.42 45.42
CA LEU A 471 -3.02 14.51 45.09
C LEU A 471 -2.72 13.10 45.59
N LYS A 472 -1.45 12.72 45.66
CA LYS A 472 -1.09 11.40 46.20
C LYS A 472 -1.44 11.29 47.68
N LYS A 473 -1.40 12.40 48.42
CA LYS A 473 -1.76 12.37 49.84
C LYS A 473 -3.24 12.10 50.05
N ARG A 474 -4.06 12.25 49.01
CA ARG A 474 -5.51 12.00 49.09
C ARG A 474 -6.16 12.85 50.18
N GLU A 475 -5.72 14.09 50.31
CA GLU A 475 -6.26 15.03 51.28
C GLU A 475 -7.33 15.89 50.64
N ARG A 476 -8.48 15.99 51.29
CA ARG A 476 -9.59 16.80 50.80
C ARG A 476 -9.42 18.26 51.25
N VAL A 477 -8.29 18.83 50.85
CA VAL A 477 -7.93 20.21 51.19
C VAL A 477 -7.87 21.01 49.91
N GLN A 478 -8.38 22.25 49.97
CA GLN A 478 -8.40 23.10 48.80
C GLN A 478 -6.99 23.35 48.29
N ILE A 479 -6.84 23.33 46.98
CA ILE A 479 -5.55 23.55 46.33
C ILE A 479 -5.44 25.04 46.00
N PRO A 480 -4.40 25.73 46.48
CA PRO A 480 -4.27 27.16 46.17
C PRO A 480 -3.92 27.41 44.71
N VAL A 481 -4.92 27.26 43.82
CA VAL A 481 -4.68 27.34 42.38
C VAL A 481 -4.17 28.73 42.00
N GLY A 482 -4.81 29.78 42.53
CA GLY A 482 -4.38 31.13 42.21
C GLY A 482 -2.98 31.42 42.69
N ILE A 483 -2.66 31.00 43.93
CA ILE A 483 -1.34 31.26 44.49
C ILE A 483 -0.27 30.54 43.67
N ILE A 484 -0.51 29.27 43.33
CA ILE A 484 0.51 28.53 42.60
C ILE A 484 0.67 29.07 41.19
N ILE A 485 -0.42 29.48 40.53
CA ILE A 485 -0.29 29.98 39.17
C ILE A 485 0.42 31.32 39.15
N ILE A 486 0.10 32.21 40.10
CA ILE A 486 0.78 33.50 40.13
C ILE A 486 2.25 33.33 40.50
N SER A 487 2.56 32.40 41.39
CA SER A 487 3.95 32.12 41.72
C SER A 487 4.70 31.60 40.48
N GLY A 488 4.10 30.64 39.78
CA GLY A 488 4.76 30.06 38.62
C GLY A 488 4.96 31.04 37.48
N TRP A 489 4.04 31.99 37.33
CA TRP A 489 4.17 32.97 36.25
C TRP A 489 4.82 34.27 36.71
N GLY A 490 5.18 34.40 37.99
CA GLY A 490 5.84 35.61 38.45
C GLY A 490 7.27 35.43 38.93
N ILE A 491 7.59 34.26 39.48
CA ILE A 491 8.97 33.99 39.89
C ILE A 491 9.95 34.11 38.73
N PRO A 492 9.72 33.48 37.56
CA PRO A 492 10.67 33.69 36.45
C PRO A 492 10.71 35.13 35.98
N ALA A 493 9.59 35.85 36.02
CA ALA A 493 9.61 37.27 35.66
C ALA A 493 10.50 38.06 36.62
N LEU A 494 10.40 37.77 37.91
CA LEU A 494 11.25 38.46 38.89
C LEU A 494 12.72 38.10 38.69
N LEU A 495 13.00 36.83 38.37
CA LEU A 495 14.38 36.43 38.12
C LEU A 495 14.95 37.14 36.90
N VAL A 496 14.17 37.23 35.83
CA VAL A 496 14.63 37.94 34.64
C VAL A 496 14.82 39.42 34.93
N GLY A 497 13.93 40.00 35.75
CA GLY A 497 14.07 41.40 36.11
C GLY A 497 15.33 41.68 36.89
N VAL A 498 15.62 40.85 37.89
CA VAL A 498 16.84 41.06 38.68
C VAL A 498 18.07 40.77 37.83
N LEU A 499 17.99 39.83 36.90
CA LEU A 499 19.10 39.60 35.97
C LEU A 499 19.34 40.83 35.10
N LEU A 500 18.27 41.46 34.62
CA LEU A 500 18.43 42.69 33.84
C LEU A 500 19.02 43.80 34.69
N ILE A 501 18.58 43.92 35.95
CA ILE A 501 19.03 45.02 36.80
C ILE A 501 20.49 44.87 37.15
N THR A 502 20.90 43.66 37.57
CA THR A 502 22.26 43.45 38.06
C THR A 502 23.22 42.92 37.00
N GLY A 503 22.71 42.40 35.88
CA GLY A 503 23.57 41.84 34.86
C GLY A 503 24.15 42.87 33.92
N LYS A 504 25.02 42.39 33.04
CA LYS A 504 25.67 43.22 32.02
C LYS A 504 25.29 42.71 30.64
N HIS A 505 24.81 43.62 29.80
CA HIS A 505 24.38 43.23 28.46
C HIS A 505 25.59 42.93 27.57
N ASN A 506 25.44 41.93 26.72
CA ASN A 506 26.49 41.53 25.77
C ASN A 506 25.82 41.20 24.44
N GLY A 507 25.78 42.17 23.54
CA GLY A 507 25.14 42.01 22.25
C GLY A 507 25.95 41.33 21.18
N ASP A 508 27.18 40.93 21.48
CA ASP A 508 28.03 40.26 20.52
C ASP A 508 27.94 38.74 20.58
N SER A 509 27.07 38.20 21.44
CA SER A 509 26.92 36.76 21.59
C SER A 509 25.83 36.26 20.67
N ILE A 510 26.18 35.32 19.79
CA ILE A 510 25.19 34.73 18.90
C ILE A 510 24.20 33.87 19.68
N ASP A 511 24.68 33.16 20.70
CA ASP A 511 23.81 32.33 21.51
C ASP A 511 23.13 33.16 22.59
N SER A 512 21.85 32.90 22.81
CA SER A 512 21.09 33.61 23.84
C SER A 512 21.45 33.16 25.24
N ALA A 513 22.10 32.01 25.39
CA ALA A 513 22.49 31.54 26.72
C ALA A 513 23.52 32.46 27.35
N PHE A 514 24.48 32.94 26.55
CA PHE A 514 25.53 33.83 27.03
C PHE A 514 25.21 35.29 26.74
N PHE A 515 23.92 35.66 26.74
CA PHE A 515 23.54 37.02 26.43
C PHE A 515 24.03 37.98 27.50
N TYR A 516 24.05 37.55 28.76
CA TYR A 516 24.57 38.35 29.86
C TYR A 516 25.83 37.78 30.49
N GLY A 517 25.94 36.47 30.61
CA GLY A 517 27.17 35.86 31.09
C GLY A 517 27.07 35.20 32.45
N LYS A 518 27.83 35.71 33.41
CA LYS A 518 27.90 35.08 34.73
C LYS A 518 26.54 35.10 35.43
N GLU A 519 25.87 36.25 35.41
CA GLU A 519 24.60 36.39 36.12
C GLU A 519 23.53 35.49 35.51
N GLN A 520 23.42 35.47 34.18
CA GLN A 520 22.44 34.62 33.53
C GLN A 520 22.73 33.14 33.81
N MET A 521 24.01 32.75 33.74
CA MET A 521 24.37 31.36 34.00
C MET A 521 24.02 30.96 35.44
N ILE A 522 24.34 31.82 36.40
CA ILE A 522 24.10 31.47 37.80
C ILE A 522 22.61 31.44 38.11
N THR A 523 21.83 32.36 37.54
CA THR A 523 20.40 32.34 37.80
C THR A 523 19.74 31.14 37.13
N THR A 524 20.20 30.76 35.93
CA THR A 524 19.69 29.54 35.30
C THR A 524 20.04 28.32 36.13
N ALA A 525 21.26 28.26 36.64
CA ALA A 525 21.69 27.12 37.46
C ALA A 525 20.87 27.02 38.73
N VAL A 526 20.64 28.14 39.42
CA VAL A 526 19.89 28.08 40.67
C VAL A 526 18.43 27.74 40.40
N THR A 527 17.85 28.26 39.31
CA THR A 527 16.48 27.89 38.97
C THR A 527 16.36 26.41 38.67
N LEU A 528 17.31 25.85 37.90
CA LEU A 528 17.28 24.43 37.61
C LEU A 528 17.46 23.60 38.88
N PHE A 529 18.36 24.02 39.76
CA PHE A 529 18.57 23.29 41.01
C PHE A 529 17.32 23.29 41.87
N CYS A 530 16.66 24.45 41.98
CA CYS A 530 15.42 24.53 42.75
C CYS A 530 14.34 23.64 42.15
N SER A 531 14.18 23.67 40.82
CA SER A 531 13.17 22.85 40.18
C SER A 531 13.44 21.37 40.39
N ILE A 532 14.70 20.96 40.26
CA ILE A 532 15.05 19.54 40.42
C ILE A 532 14.86 19.10 41.86
N LEU A 533 15.23 19.97 42.81
CA LEU A 533 15.01 19.64 44.22
C LEU A 533 13.52 19.49 44.52
N ILE A 534 12.69 20.39 43.98
CA ILE A 534 11.25 20.30 44.19
C ILE A 534 10.70 19.02 43.59
N ALA A 535 11.13 18.68 42.38
CA ALA A 535 10.66 17.46 41.73
C ALA A 535 11.07 16.21 42.52
N GLY A 536 12.30 16.19 43.02
CA GLY A 536 12.75 15.06 43.81
C GLY A 536 12.02 14.94 45.13
N ILE A 537 11.78 16.06 45.81
CA ILE A 537 11.07 16.03 47.08
C ILE A 537 9.63 15.55 46.87
N SER A 538 8.96 16.09 45.85
CA SER A 538 7.58 15.69 45.58
C SER A 538 7.50 14.22 45.18
N LEU A 539 8.44 13.76 44.36
CA LEU A 539 8.45 12.37 43.92
C LEU A 539 9.77 11.70 44.26
N GLN A 636 -34.25 4.12 34.09
CA GLN A 636 -34.82 4.15 35.43
C GLN A 636 -33.82 3.63 36.47
N SER A 637 -32.66 4.26 36.54
CA SER A 637 -31.63 3.85 37.49
C SER A 637 -30.81 5.08 37.87
N CYS A 638 -31.15 5.70 39.00
CA CYS A 638 -30.39 6.84 39.48
C CYS A 638 -29.06 6.41 40.10
N ILE A 639 -29.05 5.26 40.78
CA ILE A 639 -27.82 4.75 41.37
C ILE A 639 -26.81 4.43 40.27
N LEU A 640 -27.26 3.83 39.18
CA LEU A 640 -26.37 3.53 38.06
C LEU A 640 -25.80 4.81 37.48
N ALA A 641 -26.63 5.84 37.31
CA ALA A 641 -26.14 7.10 36.76
C ALA A 641 -25.11 7.75 37.68
N GLN A 642 -25.39 7.77 38.98
CA GLN A 642 -24.45 8.39 39.91
C GLN A 642 -23.14 7.61 39.98
N GLU A 643 -23.20 6.28 39.94
CA GLU A 643 -21.97 5.50 40.01
C GLU A 643 -21.16 5.64 38.73
N GLU A 644 -21.82 5.70 37.57
CA GLU A 644 -21.08 5.85 36.32
C GLU A 644 -20.46 7.24 36.21
N GLU A 645 -21.17 8.28 36.68
CA GLU A 645 -20.58 9.61 36.65
C GLU A 645 -19.43 9.73 37.67
N GLN A 646 -19.55 9.07 38.82
CA GLN A 646 -18.44 9.04 39.76
C GLN A 646 -17.23 8.32 39.17
N TYR A 647 -17.46 7.21 38.47
CA TYR A 647 -16.37 6.52 37.81
C TYR A 647 -15.72 7.39 36.74
N LEU A 648 -16.53 8.11 35.97
CA LEU A 648 -15.98 9.01 34.96
C LEU A 648 -15.15 10.12 35.61
N GLN A 649 -15.64 10.68 36.70
CA GLN A 649 -14.88 11.72 37.40
C GLN A 649 -13.56 11.18 37.94
N SER A 650 -13.59 9.96 38.51
CA SER A 650 -12.36 9.36 39.01
C SER A 650 -11.37 9.07 37.90
N GLY A 651 -11.86 8.58 36.75
CA GLY A 651 -10.98 8.26 35.65
C GLY A 651 -10.50 9.46 34.85
N ASP A 652 -11.17 10.60 34.99
CA ASP A 652 -10.72 11.81 34.30
C ASP A 652 -9.36 12.27 34.82
N GLN A 653 -9.02 11.94 36.06
CA GLN A 653 -7.73 12.28 36.65
C GLN A 653 -6.69 11.29 36.12
N GLN A 654 -6.05 11.66 35.01
CA GLN A 654 -5.06 10.79 34.37
C GLN A 654 -3.72 10.97 35.06
N LEU A 655 -3.57 10.29 36.20
CA LEU A 655 -2.34 10.41 36.97
C LEU A 655 -1.16 9.73 36.26
N THR A 656 -1.43 8.70 35.45
CA THR A 656 -0.35 7.97 34.80
C THR A 656 0.39 8.85 33.80
N ARG A 657 -0.36 9.53 32.92
CA ARG A 657 0.28 10.39 31.92
C ARG A 657 0.99 11.57 32.58
N HIS A 658 0.36 12.16 33.61
CA HIS A 658 0.97 13.28 34.30
C HIS A 658 2.27 12.87 35.01
N VAL A 659 2.27 11.71 35.65
CA VAL A 659 3.49 11.26 36.31
C VAL A 659 4.55 10.87 35.28
N LEU A 660 4.13 10.37 34.12
CA LEU A 660 5.10 10.08 33.07
C LEU A 660 5.77 11.35 32.58
N LEU A 661 5.00 12.42 32.38
CA LEU A 661 5.59 13.70 31.97
C LEU A 661 6.47 14.28 33.07
N CYS A 662 6.00 14.23 34.31
CA CYS A 662 6.75 14.71 35.47
C CYS A 662 7.82 13.73 35.92
N LEU A 663 8.07 12.68 35.13
CA LEU A 663 9.29 11.90 35.23
C LEU A 663 10.23 12.14 34.05
N LEU A 664 9.67 12.43 32.87
CA LEU A 664 10.47 12.60 31.66
C LEU A 664 11.14 13.97 31.62
N LEU A 665 10.50 15.02 32.17
CA LEU A 665 11.08 16.35 32.06
C LEU A 665 12.36 16.49 32.89
N ILE A 666 12.51 15.72 33.96
CA ILE A 666 13.71 15.86 34.79
C ILE A 666 14.94 15.33 34.08
N ILE A 667 14.80 14.51 33.04
CA ILE A 667 15.97 14.12 32.27
C ILE A 667 16.62 15.33 31.63
N GLY A 668 15.81 16.15 30.95
CA GLY A 668 16.32 17.39 30.39
C GLY A 668 16.73 18.40 31.44
N LEU A 669 16.01 18.44 32.57
CA LEU A 669 16.43 19.32 33.65
C LEU A 669 17.82 18.95 34.18
N PHE A 670 18.07 17.65 34.34
CA PHE A 670 19.38 17.18 34.77
C PHE A 670 20.44 17.50 33.74
N ALA A 671 20.11 17.34 32.45
CA ALA A 671 21.08 17.69 31.41
C ALA A 671 21.44 19.16 31.47
N ASN A 672 20.44 20.04 31.64
CA ASN A 672 20.68 21.46 31.73
C ASN A 672 21.53 21.80 32.94
N LEU A 673 21.20 21.23 34.10
CA LEU A 673 21.95 21.53 35.32
C LEU A 673 23.38 21.03 35.22
N SER A 674 23.58 19.84 34.64
CA SER A 674 24.93 19.31 34.48
C SER A 674 25.75 20.17 33.54
N SER A 675 25.15 20.63 32.44
CA SER A 675 25.87 21.51 31.53
C SER A 675 26.25 22.82 32.21
N CYS A 676 25.32 23.41 32.98
CA CYS A 676 25.61 24.66 33.67
C CYS A 676 26.73 24.47 34.69
N LEU A 677 26.68 23.39 35.47
CA LEU A 677 27.73 23.14 36.46
C LEU A 677 29.07 22.88 35.80
N TRP A 678 29.07 22.15 34.68
CA TRP A 678 30.32 21.90 33.96
C TRP A 678 30.92 23.19 33.44
N TRP A 679 30.09 24.08 32.90
CA TRP A 679 30.63 25.36 32.41
C TRP A 679 31.11 26.22 33.56
N LEU A 680 30.43 26.18 34.71
CA LEU A 680 30.85 26.99 35.84
C LEU A 680 32.17 26.50 36.41
N PHE A 681 32.29 25.18 36.60
CA PHE A 681 33.52 24.63 37.18
C PHE A 681 34.68 24.68 36.20
N ASN A 682 34.44 24.31 34.95
CA ASN A 682 35.47 24.26 33.92
C ASN A 682 35.39 25.56 33.12
N GLN A 683 36.10 26.59 33.60
CA GLN A 683 36.12 27.86 32.89
C GLN A 683 36.78 27.74 31.52
N GLU A 684 37.86 26.99 31.43
CA GLU A 684 38.50 26.77 30.14
C GLU A 684 37.66 25.80 29.32
N PRO A 685 37.27 26.16 28.10
CA PRO A 685 36.37 25.31 27.31
C PRO A 685 37.10 24.12 26.72
N GLY A 686 36.82 22.93 27.26
CA GLY A 686 37.33 21.70 26.71
C GLY A 686 36.49 21.21 25.54
N ARG A 687 36.83 20.03 25.05
CA ARG A 687 36.10 19.44 23.93
C ARG A 687 34.95 18.57 24.44
N LEU A 688 34.17 19.13 25.35
CA LEU A 688 32.92 18.50 25.79
C LEU A 688 31.77 19.49 25.96
N TYR A 689 32.02 20.79 25.97
CA TYR A 689 30.95 21.75 26.21
C TYR A 689 30.06 21.92 24.98
N VAL A 690 30.59 21.64 23.78
CA VAL A 690 29.77 21.74 22.57
C VAL A 690 28.67 20.68 22.59
N GLU A 691 29.01 19.45 22.98
CA GLU A 691 28.01 18.39 23.08
C GLU A 691 26.94 18.74 24.11
N LEU A 692 27.35 19.28 25.26
CA LEU A 692 26.38 19.68 26.28
C LEU A 692 25.50 20.81 25.78
N GLN A 693 26.07 21.78 25.06
CA GLN A 693 25.27 22.86 24.49
C GLN A 693 24.24 22.31 23.52
N PHE A 694 24.66 21.39 22.65
CA PHE A 694 23.72 20.81 21.69
C PHE A 694 22.60 20.06 22.40
N PHE A 695 22.95 19.25 23.40
CA PHE A 695 21.94 18.47 24.11
C PHE A 695 20.95 19.38 24.83
N CYS A 696 21.46 20.40 25.54
CA CYS A 696 20.57 21.26 26.30
C CYS A 696 19.68 22.08 25.38
N ALA A 697 20.22 22.57 24.26
CA ALA A 697 19.38 23.29 23.30
C ALA A 697 18.31 22.39 22.72
N VAL A 698 18.68 21.15 22.36
CA VAL A 698 17.72 20.22 21.78
C VAL A 698 16.57 19.96 22.76
N PHE A 699 16.91 19.69 24.02
CA PHE A 699 15.86 19.47 25.01
C PHE A 699 15.01 20.72 25.20
N ASN A 700 15.66 21.88 25.36
CA ASN A 700 14.94 23.11 25.67
C ASN A 700 13.94 23.44 24.58
N PHE A 701 14.29 23.24 23.32
CA PHE A 701 13.42 23.61 22.22
C PHE A 701 12.69 22.43 21.60
N GLY A 702 12.79 21.24 22.20
CA GLY A 702 11.97 20.13 21.76
C GLY A 702 11.18 19.44 22.86
N GLN A 703 11.18 20.03 24.06
CA GLN A 703 10.38 19.47 25.15
C GLN A 703 8.89 19.44 24.84
N GLY A 704 8.42 20.23 23.88
CA GLY A 704 7.02 20.20 23.49
C GLY A 704 6.62 18.93 22.78
N PHE A 705 7.58 18.23 22.17
CA PHE A 705 7.28 16.95 21.53
C PHE A 705 6.80 15.92 22.54
N ILE A 706 7.41 15.90 23.73
CA ILE A 706 6.97 14.97 24.77
C ILE A 706 5.55 15.28 25.20
N SER A 707 5.24 16.56 25.41
CA SER A 707 3.89 16.94 25.82
C SER A 707 2.87 16.60 24.75
N PHE A 708 3.24 16.79 23.47
CA PHE A 708 2.35 16.38 22.39
C PHE A 708 2.12 14.87 22.40
N GLY A 709 3.20 14.11 22.57
CA GLY A 709 3.07 12.67 22.60
C GLY A 709 2.19 12.18 23.74
N ILE A 710 2.24 12.86 24.88
CA ILE A 710 1.45 12.45 26.02
C ILE A 710 0.03 13.00 25.91
N PHE A 711 -0.12 14.31 25.96
CA PHE A 711 -1.43 14.96 25.90
C PHE A 711 -1.72 15.51 24.50
N GLY A 712 -1.65 14.65 23.51
CA GLY A 712 -1.98 15.06 22.16
C GLY A 712 -2.76 14.02 21.37
N LEU A 713 -2.94 12.84 21.94
CA LEU A 713 -3.60 11.75 21.25
C LEU A 713 -4.64 11.07 22.15
N SER A 744 -28.09 2.27 6.52
CA SER A 744 -27.68 1.79 5.20
C SER A 744 -27.90 0.28 5.07
N GLU A 745 -27.46 -0.28 3.94
CA GLU A 745 -27.71 -1.69 3.65
C GLU A 745 -26.98 -2.60 4.64
N GLU A 746 -25.71 -2.31 4.91
CA GLU A 746 -24.93 -3.19 5.78
C GLU A 746 -25.42 -3.11 7.23
N ILE A 747 -25.88 -1.93 7.66
CA ILE A 747 -26.43 -1.81 9.02
C ILE A 747 -27.66 -2.69 9.17
N LYS A 748 -28.57 -2.65 8.18
CA LYS A 748 -29.74 -3.51 8.21
C LYS A 748 -29.33 -4.98 8.17
N MET A 749 -28.34 -5.32 7.34
CA MET A 749 -27.90 -6.69 7.21
C MET A 749 -27.41 -7.23 8.55
N THR A 750 -26.51 -6.49 9.21
CA THR A 750 -26.01 -6.95 10.51
C THR A 750 -27.11 -6.92 11.56
N CYS A 751 -28.06 -5.99 11.46
CA CYS A 751 -29.16 -5.96 12.42
C CYS A 751 -29.99 -7.23 12.35
N GLN A 752 -30.43 -7.60 11.14
CA GLN A 752 -31.20 -8.83 11.02
C GLN A 752 -30.35 -10.06 11.30
N GLN A 753 -29.06 -10.03 10.98
CA GLN A 753 -28.19 -11.16 11.29
C GLN A 753 -28.11 -11.39 12.80
N PHE A 754 -27.99 -10.31 13.58
CA PHE A 754 -27.95 -10.46 15.03
C PHE A 754 -29.31 -10.82 15.59
N ILE A 755 -30.38 -10.26 15.03
CA ILE A 755 -31.72 -10.47 15.59
C ILE A 755 -32.20 -11.89 15.35
N HIS A 756 -31.98 -12.42 14.14
CA HIS A 756 -32.64 -13.67 13.76
C HIS A 756 -31.92 -14.89 14.31
N TYR A 757 -30.60 -14.97 14.13
CA TYR A 757 -29.89 -16.23 14.30
C TYR A 757 -29.33 -16.42 15.71
N HIS A 758 -28.44 -15.51 16.13
CA HIS A 758 -27.73 -15.67 17.39
C HIS A 758 -28.14 -14.64 18.44
N ARG A 759 -29.37 -14.13 18.34
CA ARG A 759 -29.89 -13.28 19.42
C ARG A 759 -30.05 -14.07 20.70
N ASP A 760 -30.50 -15.31 20.60
CA ASP A 760 -30.61 -16.19 21.76
C ASP A 760 -29.22 -16.51 22.30
N LEU A 761 -29.18 -16.84 23.60
CA LEU A 761 -27.99 -17.14 24.38
C LEU A 761 -27.11 -15.91 24.60
N CYS A 762 -27.45 -14.76 24.02
CA CYS A 762 -26.67 -13.55 24.25
C CYS A 762 -26.88 -13.04 25.67
N ILE A 763 -28.12 -12.97 26.12
CA ILE A 763 -28.43 -12.45 27.46
C ILE A 763 -28.43 -13.66 28.39
N ARG A 764 -27.22 -14.07 28.79
CA ARG A 764 -27.08 -15.15 29.74
C ARG A 764 -26.12 -14.81 30.86
N ASN A 765 -25.09 -14.03 30.56
CA ASN A 765 -24.08 -13.68 31.55
C ASN A 765 -23.80 -12.19 31.64
N ILE A 766 -23.83 -11.48 30.51
CA ILE A 766 -23.44 -10.07 30.48
C ILE A 766 -24.57 -9.12 30.84
N VAL A 767 -25.81 -9.61 30.89
CA VAL A 767 -26.97 -8.76 31.15
C VAL A 767 -27.64 -9.26 32.43
N LYS A 768 -27.79 -8.35 33.39
CA LYS A 768 -28.43 -8.67 34.66
C LYS A 768 -29.37 -7.52 35.04
N GLU A 769 -30.40 -7.85 35.82
CA GLU A 769 -31.38 -6.85 36.23
C GLU A 769 -30.72 -5.83 37.16
N ARG A 770 -31.01 -4.55 36.91
CA ARG A 770 -30.48 -3.46 37.70
C ARG A 770 -31.61 -2.50 38.05
N ARG A 771 -31.51 -1.88 39.22
CA ARG A 771 -32.52 -0.94 39.69
C ARG A 771 -32.39 0.40 38.98
N THR A 780 -29.46 -3.69 29.97
CA THR A 780 -28.78 -3.47 31.23
C THR A 780 -27.43 -4.19 31.25
N PHE A 781 -26.56 -3.82 30.33
CA PHE A 781 -25.22 -4.41 30.24
C PHE A 781 -24.19 -3.30 30.06
N CYS A 782 -22.98 -3.58 30.53
CA CYS A 782 -21.89 -2.60 30.45
C CYS A 782 -21.39 -2.51 29.01
N GLY A 783 -20.32 -1.75 28.82
CA GLY A 783 -19.72 -1.63 27.51
C GLY A 783 -18.55 -2.58 27.31
N CYS A 784 -17.79 -2.81 28.39
CA CYS A 784 -16.62 -3.68 28.29
C CYS A 784 -17.03 -5.15 28.23
N ASP A 785 -18.05 -5.53 29.00
CA ASP A 785 -18.45 -6.94 29.04
C ASP A 785 -18.99 -7.41 27.69
N LEU A 786 -19.75 -6.56 27.00
CA LEU A 786 -20.26 -6.93 25.69
C LEU A 786 -19.13 -7.10 24.69
N VAL A 787 -18.14 -6.20 24.73
CA VAL A 787 -16.99 -6.33 23.84
C VAL A 787 -16.22 -7.62 24.13
N SER A 788 -16.02 -7.92 25.41
CA SER A 788 -15.32 -9.15 25.78
C SER A 788 -16.09 -10.38 25.32
N TRP A 789 -17.41 -10.38 25.48
CA TRP A 789 -18.22 -11.51 25.04
C TRP A 789 -18.18 -11.66 23.51
N LEU A 790 -18.23 -10.54 22.79
CA LEU A 790 -18.15 -10.61 21.33
C LEU A 790 -16.80 -11.15 20.88
N ILE A 791 -15.72 -10.75 21.54
CA ILE A 791 -14.40 -11.30 21.24
C ILE A 791 -14.37 -12.79 21.54
N GLU A 792 -14.96 -13.19 22.68
CA GLU A 792 -14.95 -14.59 23.09
C GLU A 792 -15.70 -15.47 22.11
N VAL A 793 -16.86 -15.01 21.63
CA VAL A 793 -17.65 -15.80 20.69
C VAL A 793 -16.89 -15.98 19.38
N GLY A 794 -16.29 -14.91 18.87
CA GLY A 794 -15.54 -14.99 17.63
C GLY A 794 -16.07 -14.07 16.55
N LEU A 795 -16.91 -13.12 16.94
CA LEU A 795 -17.48 -12.15 16.00
C LEU A 795 -16.56 -10.96 15.76
N ALA A 796 -15.42 -10.89 16.45
CA ALA A 796 -14.48 -9.80 16.27
C ALA A 796 -13.07 -10.30 16.59
N SER A 797 -12.07 -9.62 16.05
CA SER A 797 -10.68 -9.97 16.28
C SER A 797 -10.09 -9.18 17.45
N ASP A 798 -10.31 -7.86 17.46
CA ASP A 798 -9.81 -7.01 18.54
C ASP A 798 -10.89 -6.07 19.05
N ARG A 799 -10.50 -5.12 19.90
CA ARG A 799 -11.46 -4.16 20.44
C ARG A 799 -12.04 -3.27 19.35
N GLY A 800 -11.25 -2.98 18.30
CA GLY A 800 -11.73 -2.09 17.25
C GLY A 800 -12.90 -2.68 16.48
N GLU A 801 -12.81 -3.95 16.12
CA GLU A 801 -13.91 -4.59 15.41
C GLU A 801 -15.15 -4.69 16.29
N ALA A 802 -14.97 -4.96 17.58
CA ALA A 802 -16.10 -4.99 18.50
C ALA A 802 -16.76 -3.62 18.60
N VAL A 803 -15.96 -2.56 18.64
CA VAL A 803 -16.51 -1.21 18.69
C VAL A 803 -17.29 -0.90 17.42
N ILE A 804 -16.73 -1.28 16.27
CA ILE A 804 -17.43 -1.06 15.00
C ILE A 804 -18.73 -1.83 14.96
N TYR A 805 -18.72 -3.08 15.43
CA TYR A 805 -19.93 -3.89 15.45
C TYR A 805 -20.99 -3.27 16.37
N GLY A 806 -20.58 -2.79 17.54
CA GLY A 806 -21.51 -2.14 18.44
C GLY A 806 -22.09 -0.86 17.86
N ASP A 807 -21.26 -0.09 17.15
CA ASP A 807 -21.77 1.09 16.46
C ASP A 807 -22.78 0.70 15.39
N ARG A 808 -22.50 -0.37 14.65
CA ARG A 808 -23.44 -0.87 13.65
C ARG A 808 -24.77 -1.25 14.29
N LEU A 809 -24.70 -1.92 15.45
CA LEU A 809 -25.93 -2.32 16.13
C LEU A 809 -26.71 -1.12 16.65
N VAL A 810 -26.02 -0.16 17.26
CA VAL A 810 -26.70 1.00 17.84
C VAL A 810 -27.32 1.85 16.74
N GLN A 811 -26.61 2.08 15.64
CA GLN A 811 -27.14 2.90 14.56
C GLN A 811 -28.40 2.29 13.96
N GLY A 812 -28.51 0.96 14.01
CA GLY A 812 -29.70 0.27 13.53
C GLY A 812 -30.83 0.16 14.51
N GLY A 813 -30.69 0.72 15.70
CA GLY A 813 -31.76 0.68 16.68
C GLY A 813 -31.91 -0.63 17.42
N VAL A 814 -30.82 -1.37 17.60
CA VAL A 814 -30.88 -2.63 18.34
C VAL A 814 -30.79 -2.36 19.84
N ILE A 815 -29.78 -1.58 20.26
CA ILE A 815 -29.59 -1.22 21.66
C ILE A 815 -29.41 0.29 21.74
N GLN A 816 -29.64 0.83 22.94
CA GLN A 816 -29.55 2.26 23.14
C GLN A 816 -29.05 2.55 24.55
N HIS A 817 -28.36 3.68 24.69
CA HIS A 817 -27.87 4.10 25.99
C HIS A 817 -29.01 4.56 26.88
N ILE A 818 -28.81 4.43 28.19
CA ILE A 818 -29.86 4.80 29.14
C ILE A 818 -30.13 6.31 29.08
N THR A 819 -29.07 7.10 29.06
CA THR A 819 -29.20 8.56 29.05
C THR A 819 -29.31 9.13 27.64
N ASN A 820 -29.15 8.31 26.60
CA ASN A 820 -29.21 8.75 25.21
C ASN A 820 -28.24 9.89 24.94
N GLU A 821 -27.05 9.80 25.53
CA GLU A 821 -26.03 10.83 25.37
C GLU A 821 -24.69 10.30 24.88
N TYR A 822 -24.46 8.99 24.93
CA TYR A 822 -23.19 8.40 24.53
C TYR A 822 -23.42 7.36 23.45
N GLU A 823 -22.51 7.32 22.47
CA GLU A 823 -22.51 6.26 21.48
C GLU A 823 -21.86 5.01 22.05
N PHE A 824 -21.70 4.00 21.22
CA PHE A 824 -21.09 2.76 21.67
C PHE A 824 -19.59 2.97 21.92
N ARG A 825 -19.18 2.82 23.17
CA ARG A 825 -17.78 2.99 23.56
C ARG A 825 -17.39 1.87 24.51
N ASP A 826 -16.09 1.58 24.55
CA ASP A 826 -15.55 0.54 25.41
C ASP A 826 -15.26 1.07 26.81
N GLU A 827 -16.27 1.67 27.43
CA GLU A 827 -16.17 2.23 28.76
C GLU A 827 -17.17 1.54 29.69
N TYR A 828 -17.28 2.04 30.91
CA TYR A 828 -18.23 1.51 31.89
C TYR A 828 -19.59 2.19 31.74
N LEU A 829 -20.13 2.10 30.53
CA LEU A 829 -21.42 2.67 30.18
C LEU A 829 -22.44 1.56 29.99
N PHE A 830 -23.66 1.79 30.46
CA PHE A 830 -24.71 0.78 30.46
C PHE A 830 -25.69 1.04 29.33
N TYR A 831 -26.00 0.00 28.57
CA TYR A 831 -26.93 0.07 27.45
C TYR A 831 -28.07 -0.91 27.69
N ARG A 832 -29.18 -0.68 26.99
CA ARG A 832 -30.37 -1.51 27.12
C ARG A 832 -30.87 -1.92 25.74
N PHE A 833 -31.43 -3.13 25.66
CA PHE A 833 -31.97 -3.64 24.42
C PHE A 833 -33.27 -2.92 24.06
N LEU A 834 -33.62 -3.00 22.78
CA LEU A 834 -34.83 -2.36 22.29
C LEU A 834 -35.79 -3.40 21.68
N PRO B 35 10.14 11.50 -33.72
CA PRO B 35 10.14 12.85 -33.15
C PRO B 35 9.27 12.92 -31.90
N SER B 36 8.16 13.63 -32.00
CA SER B 36 7.25 13.78 -30.87
C SER B 36 6.54 12.45 -30.57
N MET B 37 6.06 12.32 -29.34
CA MET B 37 5.33 11.14 -28.88
C MET B 37 6.20 9.89 -29.05
N SER B 38 7.26 9.83 -28.26
CA SER B 38 8.15 8.68 -28.27
C SER B 38 7.36 7.41 -27.99
N ILE B 39 7.24 6.55 -29.00
CA ILE B 39 6.33 5.41 -28.95
C ILE B 39 7.03 4.11 -28.56
N THR B 40 8.36 4.05 -28.67
CA THR B 40 9.08 2.81 -28.38
C THR B 40 9.09 2.45 -26.90
N ARG B 41 8.65 3.34 -26.02
CA ARG B 41 8.64 3.08 -24.59
C ARG B 41 7.24 3.13 -23.99
N LEU B 42 6.24 2.81 -24.81
CA LEU B 42 4.85 2.69 -24.34
C LEU B 42 4.51 1.26 -23.93
N PHE B 43 5.07 0.28 -24.64
CA PHE B 43 4.84 -1.11 -24.28
C PHE B 43 5.37 -1.46 -22.89
N PRO B 44 6.58 -1.05 -22.47
CA PRO B 44 6.96 -1.28 -21.06
C PRO B 44 6.04 -0.61 -20.06
N ALA B 45 5.51 0.58 -20.38
CA ALA B 45 4.59 1.25 -19.48
C ALA B 45 3.30 0.46 -19.34
N LEU B 46 2.75 -0.03 -20.45
CA LEU B 46 1.56 -0.87 -20.38
C LEU B 46 1.86 -2.17 -19.62
N LEU B 47 3.05 -2.73 -19.83
CA LEU B 47 3.44 -3.94 -19.12
C LEU B 47 3.46 -3.72 -17.62
N GLU B 48 4.04 -2.61 -17.17
CA GLU B 48 4.00 -2.26 -15.75
C GLU B 48 2.57 -2.12 -15.25
N CYS B 49 1.78 -1.30 -15.95
CA CYS B 49 0.44 -0.96 -15.47
C CYS B 49 -0.44 -2.18 -15.33
N PHE B 50 -0.36 -3.11 -16.28
CA PHE B 50 -1.23 -4.28 -16.22
C PHE B 50 -0.59 -5.48 -15.54
N GLY B 51 0.74 -5.50 -15.41
CA GLY B 51 1.37 -6.52 -14.60
C GLY B 51 1.10 -6.34 -13.12
N ILE B 52 1.08 -5.09 -12.64
CA ILE B 52 0.73 -4.87 -11.24
C ILE B 52 -0.74 -5.23 -10.99
N VAL B 53 -1.60 -4.93 -11.96
CA VAL B 53 -3.01 -5.31 -11.87
C VAL B 53 -3.15 -6.83 -11.83
N LEU B 54 -2.39 -7.52 -12.69
CA LEU B 54 -2.45 -8.99 -12.72
C LEU B 54 -1.91 -9.58 -11.41
N CYS B 55 -0.86 -8.99 -10.85
CA CYS B 55 -0.36 -9.43 -9.55
C CYS B 55 -1.42 -9.28 -8.47
N GLY B 56 -2.12 -8.13 -8.46
CA GLY B 56 -3.20 -7.96 -7.51
C GLY B 56 -4.33 -8.95 -7.69
N TYR B 57 -4.71 -9.21 -8.95
CA TYR B 57 -5.78 -10.17 -9.22
C TYR B 57 -5.38 -11.57 -8.79
N ILE B 58 -4.13 -11.97 -9.06
CA ILE B 58 -3.67 -13.29 -8.66
C ILE B 58 -3.64 -13.41 -7.14
N ALA B 59 -3.15 -12.37 -6.45
CA ALA B 59 -3.12 -12.40 -4.99
C ALA B 59 -4.52 -12.52 -4.41
N GLY B 60 -5.47 -11.76 -4.97
CA GLY B 60 -6.85 -11.85 -4.47
C GLY B 60 -7.50 -13.19 -4.75
N ARG B 61 -7.28 -13.74 -5.94
CA ARG B 61 -7.95 -14.97 -6.33
C ARG B 61 -7.37 -16.18 -5.62
N ALA B 62 -6.06 -16.18 -5.37
CA ALA B 62 -5.40 -17.25 -4.63
C ALA B 62 -5.63 -17.16 -3.13
N ASN B 63 -6.47 -16.21 -2.69
CA ASN B 63 -6.83 -16.02 -1.28
C ASN B 63 -5.64 -15.60 -0.42
N VAL B 64 -4.58 -15.08 -1.04
CA VAL B 64 -3.47 -14.51 -0.27
C VAL B 64 -3.95 -13.29 0.50
N ILE B 65 -4.71 -12.42 -0.16
CA ILE B 65 -5.33 -11.26 0.45
C ILE B 65 -6.83 -11.41 0.31
N THR B 66 -7.54 -11.41 1.44
CA THR B 66 -8.98 -11.57 1.44
C THR B 66 -9.64 -10.23 1.13
N SER B 67 -10.94 -10.27 0.83
CA SER B 67 -11.67 -9.05 0.50
C SER B 67 -11.72 -8.09 1.69
N THR B 68 -11.86 -8.62 2.90
CA THR B 68 -11.85 -7.76 4.09
C THR B 68 -10.50 -7.10 4.27
N GLN B 69 -9.41 -7.83 4.00
CA GLN B 69 -8.07 -7.28 4.18
C GLN B 69 -7.69 -6.27 3.12
N ALA B 70 -8.42 -6.23 2.00
CA ALA B 70 -8.16 -5.25 0.96
C ALA B 70 -8.66 -3.87 1.33
N LYS B 71 -9.54 -3.78 2.34
CA LYS B 71 -10.08 -2.48 2.75
C LYS B 71 -8.98 -1.58 3.29
N GLY B 72 -8.00 -2.14 3.98
CA GLY B 72 -6.89 -1.33 4.46
C GLY B 72 -6.08 -0.71 3.35
N LEU B 73 -5.76 -1.50 2.32
CA LEU B 73 -5.05 -0.97 1.16
C LEU B 73 -5.88 0.09 0.45
N GLY B 74 -7.19 -0.16 0.29
CA GLY B 74 -8.05 0.83 -0.34
C GLY B 74 -8.10 2.14 0.43
N ASN B 75 -8.21 2.06 1.76
CA ASN B 75 -8.24 3.26 2.58
C ASN B 75 -6.92 4.01 2.51
N PHE B 76 -5.79 3.28 2.57
CA PHE B 76 -4.49 3.93 2.47
C PHE B 76 -4.34 4.64 1.13
N VAL B 77 -4.81 4.01 0.04
CA VAL B 77 -4.68 4.62 -1.27
C VAL B 77 -5.57 5.86 -1.39
N SER B 78 -6.83 5.73 -0.96
CA SER B 78 -7.80 6.79 -1.22
C SER B 78 -7.78 7.92 -0.20
N ARG B 79 -7.12 7.75 0.95
CA ARG B 79 -7.18 8.76 2.00
C ARG B 79 -5.84 9.37 2.36
N PHE B 80 -4.72 8.77 1.96
CA PHE B 80 -3.43 9.33 2.34
C PHE B 80 -2.49 9.55 1.17
N ALA B 81 -2.47 8.64 0.19
CA ALA B 81 -1.52 8.74 -0.91
C ALA B 81 -2.03 9.64 -2.04
N LEU B 82 -3.27 9.44 -2.48
CA LEU B 82 -3.84 10.31 -3.50
C LEU B 82 -3.99 11.75 -3.03
N PRO B 83 -4.51 12.03 -1.83
CA PRO B 83 -4.52 13.44 -1.38
C PRO B 83 -3.14 14.08 -1.36
N ALA B 84 -2.12 13.34 -0.92
CA ALA B 84 -0.77 13.90 -0.88
C ALA B 84 -0.26 14.19 -2.28
N LEU B 85 -0.46 13.25 -3.22
CA LEU B 85 -0.04 13.47 -4.60
C LEU B 85 -0.75 14.66 -5.21
N LEU B 86 -2.08 14.76 -5.00
CA LEU B 86 -2.84 15.86 -5.57
C LEU B 86 -2.39 17.20 -4.99
N PHE B 87 -2.20 17.27 -3.68
CA PHE B 87 -1.78 18.53 -3.06
C PHE B 87 -0.40 18.94 -3.54
N LYS B 88 0.54 17.98 -3.60
CA LYS B 88 1.90 18.28 -4.01
C LYS B 88 1.92 18.76 -5.46
N ASN B 89 1.15 18.13 -6.34
CA ASN B 89 1.12 18.54 -7.73
C ASN B 89 0.35 19.83 -7.95
N MET B 90 -0.62 20.15 -7.09
CA MET B 90 -1.42 21.35 -7.24
C MET B 90 -0.78 22.59 -6.64
N VAL B 91 0.12 22.43 -5.66
CA VAL B 91 0.81 23.58 -5.10
C VAL B 91 1.72 24.23 -6.14
N VAL B 92 2.38 23.43 -6.95
CA VAL B 92 3.27 23.92 -8.01
C VAL B 92 2.62 23.59 -9.35
N LEU B 93 1.97 24.59 -9.95
CA LEU B 93 1.35 24.40 -11.26
C LEU B 93 1.61 25.51 -12.26
N ASN B 94 1.94 26.73 -11.82
CA ASN B 94 2.25 27.85 -12.71
C ASN B 94 1.05 28.14 -13.63
N PHE B 95 -0.03 28.61 -12.99
CA PHE B 95 -1.29 28.83 -13.70
C PHE B 95 -1.19 29.92 -14.77
N SER B 96 -0.12 30.72 -14.76
CA SER B 96 0.04 31.77 -15.75
C SER B 96 0.64 31.27 -17.06
N ASN B 97 0.97 29.98 -17.15
CA ASN B 97 1.54 29.39 -18.36
C ASN B 97 0.85 28.07 -18.69
N VAL B 98 -0.48 28.09 -18.67
CA VAL B 98 -1.30 26.92 -18.95
C VAL B 98 -2.16 27.20 -20.17
N ASP B 99 -2.15 26.29 -21.13
CA ASP B 99 -2.98 26.40 -22.32
C ASP B 99 -4.38 25.93 -21.98
N TRP B 100 -5.34 26.87 -21.96
CA TRP B 100 -6.70 26.54 -21.57
C TRP B 100 -7.54 25.97 -22.72
N SER B 101 -7.05 26.05 -23.96
CA SER B 101 -7.82 25.53 -25.09
C SER B 101 -8.00 24.03 -24.98
N PHE B 102 -6.94 23.30 -24.61
CA PHE B 102 -7.03 21.85 -24.45
C PHE B 102 -8.04 21.47 -23.38
N LEU B 103 -7.98 22.15 -22.24
CA LEU B 103 -8.91 21.87 -21.15
C LEU B 103 -10.34 22.18 -21.56
N TYR B 104 -10.56 23.31 -22.24
CA TYR B 104 -11.90 23.66 -22.69
C TYR B 104 -12.44 22.63 -23.67
N SER B 105 -11.60 22.17 -24.61
CA SER B 105 -12.05 21.19 -25.59
C SER B 105 -12.39 19.87 -24.93
N ILE B 106 -11.55 19.40 -23.99
CA ILE B 106 -11.85 18.15 -23.30
C ILE B 106 -13.13 18.26 -22.50
N LEU B 107 -13.33 19.38 -21.80
CA LEU B 107 -14.54 19.56 -21.02
C LEU B 107 -15.78 19.62 -21.91
N ILE B 108 -15.68 20.28 -23.06
CA ILE B 108 -16.80 20.36 -23.98
C ILE B 108 -17.16 18.98 -24.52
N ALA B 109 -16.14 18.19 -24.90
CA ALA B 109 -16.40 16.84 -25.40
C ALA B 109 -17.04 15.96 -24.33
N LYS B 110 -16.53 16.03 -23.09
CA LYS B 110 -17.11 15.25 -22.01
C LYS B 110 -18.54 15.67 -21.73
N ALA B 111 -18.82 16.98 -21.75
CA ALA B 111 -20.18 17.45 -21.53
C ALA B 111 -21.12 17.00 -22.64
N SER B 112 -20.64 17.01 -23.89
CA SER B 112 -21.45 16.53 -25.00
C SER B 112 -21.80 15.06 -24.84
N VAL B 113 -20.80 14.23 -24.49
CA VAL B 113 -21.06 12.81 -24.29
C VAL B 113 -22.04 12.60 -23.14
N PHE B 114 -21.84 13.32 -22.03
CA PHE B 114 -22.73 13.21 -20.89
C PHE B 114 -24.16 13.55 -21.28
N PHE B 115 -24.34 14.67 -22.00
CA PHE B 115 -25.67 15.11 -22.38
C PHE B 115 -26.34 14.09 -23.31
N ILE B 116 -25.60 13.57 -24.29
CA ILE B 116 -26.16 12.61 -25.22
C ILE B 116 -26.59 11.33 -24.49
N VAL B 117 -25.72 10.80 -23.64
CA VAL B 117 -26.04 9.56 -22.94
C VAL B 117 -27.24 9.78 -22.02
N CYS B 118 -27.27 10.90 -21.31
CA CYS B 118 -28.38 11.17 -20.40
C CYS B 118 -29.70 11.29 -21.16
N VAL B 119 -29.70 12.00 -22.29
CA VAL B 119 -30.94 12.18 -23.05
C VAL B 119 -31.43 10.86 -23.60
N LEU B 120 -30.53 10.06 -24.18
CA LEU B 120 -30.96 8.76 -24.72
C LEU B 120 -31.46 7.84 -23.61
N THR B 121 -30.78 7.83 -22.46
CA THR B 121 -31.23 6.97 -21.36
C THR B 121 -32.60 7.42 -20.85
N LEU B 122 -32.83 8.73 -20.74
CA LEU B 122 -34.12 9.22 -20.30
C LEU B 122 -35.22 8.86 -21.29
N LEU B 123 -34.94 8.97 -22.59
CA LEU B 123 -35.95 8.72 -23.60
C LEU B 123 -36.26 7.24 -23.77
N VAL B 124 -35.27 6.36 -23.60
CA VAL B 124 -35.41 4.95 -23.96
C VAL B 124 -35.79 4.10 -22.75
N ALA B 125 -35.19 4.35 -21.59
CA ALA B 125 -35.34 3.45 -20.46
C ALA B 125 -36.77 3.43 -19.94
N SER B 126 -37.13 2.30 -19.31
CA SER B 126 -38.46 2.15 -18.75
C SER B 126 -38.64 3.06 -17.54
N PRO B 127 -39.87 3.49 -17.26
CA PRO B 127 -40.09 4.43 -16.14
C PRO B 127 -39.90 3.81 -14.76
N ASP B 128 -39.69 2.49 -14.66
CA ASP B 128 -39.50 1.88 -13.35
C ASP B 128 -38.23 2.41 -12.68
N SER B 129 -37.12 2.42 -13.41
CA SER B 129 -35.85 2.94 -12.91
C SER B 129 -35.21 3.86 -13.95
N ARG B 130 -36.03 4.75 -14.53
CA ARG B 130 -35.53 5.63 -15.59
C ARG B 130 -34.48 6.60 -15.05
N PHE B 131 -34.72 7.17 -13.87
CA PHE B 131 -33.83 8.20 -13.35
C PHE B 131 -32.50 7.61 -12.89
N SER B 132 -32.56 6.49 -12.16
CA SER B 132 -31.35 5.89 -11.60
C SER B 132 -30.31 5.62 -12.68
N LYS B 133 -30.71 4.96 -13.76
CA LYS B 133 -29.81 4.72 -14.88
C LYS B 133 -29.32 6.06 -15.46
N ALA B 134 -30.25 7.00 -15.64
CA ALA B 134 -29.86 8.32 -16.14
C ALA B 134 -28.90 9.03 -15.20
N GLY B 135 -28.83 8.61 -13.94
CA GLY B 135 -27.87 9.21 -13.03
C GLY B 135 -26.50 8.55 -13.07
N LEU B 136 -26.42 7.31 -13.55
CA LEU B 136 -25.18 6.56 -13.51
C LEU B 136 -24.59 6.25 -14.86
N PHE B 137 -25.42 6.04 -15.89
CA PHE B 137 -24.89 5.74 -17.22
C PHE B 137 -24.05 6.88 -17.80
N PRO B 138 -24.49 8.15 -17.76
CA PRO B 138 -23.60 9.21 -18.25
C PRO B 138 -22.31 9.35 -17.47
N ILE B 139 -22.34 9.05 -16.16
CA ILE B 139 -21.12 9.12 -15.36
C ILE B 139 -20.17 7.99 -15.76
N PHE B 140 -20.71 6.81 -16.04
CA PHE B 140 -19.89 5.68 -16.45
C PHE B 140 -19.14 5.98 -17.75
N ALA B 141 -19.82 6.61 -18.70
CA ALA B 141 -19.25 6.87 -20.02
C ALA B 141 -18.36 8.10 -20.07
N THR B 142 -18.22 8.84 -18.97
CA THR B 142 -17.47 10.09 -18.96
C THR B 142 -16.26 10.04 -18.04
N GLN B 143 -16.42 9.65 -16.78
CA GLN B 143 -15.32 9.63 -15.83
C GLN B 143 -14.40 8.46 -16.12
N SER B 144 -13.09 8.73 -16.15
CA SER B 144 -12.10 7.74 -16.52
C SER B 144 -11.10 7.55 -15.38
N ASN B 145 -10.24 6.54 -15.55
CA ASN B 145 -9.20 6.21 -14.59
C ASN B 145 -7.88 6.75 -15.14
N ASP B 146 -7.52 7.96 -14.71
CA ASP B 146 -6.34 8.63 -15.23
C ASP B 146 -5.29 8.95 -14.16
N PHE B 147 -5.58 8.71 -12.88
CA PHE B 147 -4.55 8.90 -11.86
C PHE B 147 -3.66 7.66 -11.74
N ALA B 148 -4.24 6.47 -11.90
CA ALA B 148 -3.49 5.23 -11.75
C ALA B 148 -2.98 4.69 -13.07
N LEU B 149 -3.84 4.63 -14.10
CA LEU B 149 -3.46 4.09 -15.40
C LEU B 149 -3.03 5.17 -16.39
N GLY B 150 -3.80 6.25 -16.50
CA GLY B 150 -3.51 7.25 -17.52
C GLY B 150 -2.21 7.99 -17.30
N TYR B 151 -1.90 8.32 -16.05
CA TYR B 151 -0.71 9.12 -15.76
C TYR B 151 0.59 8.42 -16.12
N PRO B 152 0.82 7.14 -15.76
CA PRO B 152 2.05 6.49 -16.22
C PRO B 152 2.18 6.44 -17.73
N ILE B 153 1.09 6.22 -18.45
CA ILE B 153 1.13 6.18 -19.91
C ILE B 153 1.52 7.54 -20.47
N VAL B 154 0.89 8.59 -19.96
CA VAL B 154 1.18 9.94 -20.44
C VAL B 154 2.62 10.32 -20.11
N GLU B 155 3.08 9.94 -18.91
CA GLU B 155 4.46 10.22 -18.52
C GLU B 155 5.45 9.51 -19.44
N ALA B 156 5.20 8.23 -19.74
CA ALA B 156 6.10 7.49 -20.63
C ALA B 156 6.10 8.10 -22.03
N LEU B 157 4.94 8.50 -22.53
CA LEU B 157 4.85 8.98 -23.90
C LEU B 157 5.43 10.38 -24.06
N TYR B 158 5.24 11.25 -23.07
CA TYR B 158 5.45 12.69 -23.26
C TYR B 158 6.41 13.32 -22.28
N GLN B 159 7.18 12.54 -21.51
CA GLN B 159 8.06 13.15 -20.51
C GLN B 159 9.16 13.99 -21.16
N THR B 160 9.76 13.48 -22.23
CA THR B 160 10.91 14.14 -22.85
C THR B 160 10.50 15.15 -23.91
N THR B 161 9.47 14.85 -24.70
CA THR B 161 9.12 15.72 -25.82
C THR B 161 8.25 16.89 -25.37
N TYR B 162 7.15 16.61 -24.68
CA TYR B 162 6.19 17.64 -24.25
C TYR B 162 5.89 17.46 -22.78
N PRO B 163 6.81 17.90 -21.90
CA PRO B 163 6.58 17.71 -20.46
C PRO B 163 5.33 18.40 -19.94
N GLU B 164 4.96 19.55 -20.51
CA GLU B 164 3.82 20.30 -20.02
C GLU B 164 2.52 19.50 -20.07
N TYR B 165 2.40 18.56 -21.02
CA TYR B 165 1.20 17.73 -21.09
C TYR B 165 0.94 17.01 -19.77
N LEU B 166 2.01 16.67 -19.05
CA LEU B 166 1.86 15.95 -17.79
C LEU B 166 1.06 16.73 -16.76
N GLN B 167 1.00 18.06 -16.87
CA GLN B 167 0.23 18.83 -15.90
C GLN B 167 -1.25 18.88 -16.22
N TYR B 168 -1.67 18.44 -17.42
CA TYR B 168 -3.07 18.58 -17.80
C TYR B 168 -3.95 17.56 -17.08
N ILE B 169 -3.42 16.39 -16.76
CA ILE B 169 -4.23 15.35 -16.11
C ILE B 169 -4.78 15.86 -14.80
N TYR B 170 -3.91 16.39 -13.94
CA TYR B 170 -4.35 16.94 -12.66
C TYR B 170 -5.24 18.17 -12.83
N LEU B 171 -5.29 18.75 -14.02
CA LEU B 171 -6.25 19.81 -14.31
C LEU B 171 -7.57 19.27 -14.85
N VAL B 172 -7.55 18.15 -15.56
CA VAL B 172 -8.74 17.67 -16.24
C VAL B 172 -9.56 16.75 -15.34
N ALA B 173 -8.91 15.83 -14.64
CA ALA B 173 -9.64 14.85 -13.83
C ALA B 173 -10.51 15.49 -12.74
N PRO B 174 -10.01 16.42 -11.90
CA PRO B 174 -10.89 16.97 -10.86
C PRO B 174 -12.02 17.82 -11.41
N ILE B 175 -11.68 18.75 -12.30
CA ILE B 175 -12.66 19.72 -12.81
C ILE B 175 -13.87 18.99 -13.39
N SER B 176 -13.62 17.92 -14.14
CA SER B 176 -14.71 17.15 -14.74
C SER B 176 -15.73 16.75 -13.69
N LEU B 177 -15.25 16.16 -12.58
CA LEU B 177 -16.18 15.81 -11.50
C LEU B 177 -16.95 17.04 -11.04
N MET B 178 -16.25 18.14 -10.79
CA MET B 178 -16.90 19.36 -10.32
C MET B 178 -17.99 19.83 -11.27
N MET B 179 -17.89 19.45 -12.54
CA MET B 179 -18.87 19.88 -13.54
C MET B 179 -19.91 18.82 -13.86
N LEU B 180 -19.66 17.55 -13.54
CA LEU B 180 -20.53 16.51 -14.07
C LEU B 180 -21.07 15.57 -13.00
N ASN B 181 -20.28 15.31 -11.96
CA ASN B 181 -20.75 14.45 -10.89
C ASN B 181 -22.02 14.93 -10.19
N PRO B 182 -22.20 16.24 -9.87
CA PRO B 182 -23.43 16.67 -9.21
C PRO B 182 -24.71 16.29 -9.94
N ILE B 183 -24.79 16.70 -11.22
CA ILE B 183 -26.01 16.49 -12.01
C ILE B 183 -26.47 15.04 -11.92
N GLY B 184 -25.58 14.10 -12.29
CA GLY B 184 -25.93 12.69 -12.21
C GLY B 184 -26.37 12.28 -10.82
N PHE B 185 -25.62 12.73 -9.80
CA PHE B 185 -26.01 12.42 -8.42
C PHE B 185 -27.41 12.92 -8.13
N ILE B 186 -27.74 14.12 -8.61
CA ILE B 186 -29.09 14.66 -8.41
C ILE B 186 -30.11 13.68 -8.97
N PHE B 187 -29.86 13.17 -10.17
CA PHE B 187 -30.78 12.19 -10.77
C PHE B 187 -30.97 11.00 -9.84
N CYS B 188 -29.87 10.48 -9.28
CA CYS B 188 -29.99 9.36 -8.36
C CYS B 188 -30.85 9.74 -7.16
N GLU B 189 -30.66 10.96 -6.64
CA GLU B 189 -31.49 11.42 -5.54
C GLU B 189 -32.97 11.40 -5.91
N ILE B 190 -33.28 11.78 -7.17
CA ILE B 190 -34.66 11.74 -7.62
C ILE B 190 -35.20 10.33 -7.51
N GLN B 191 -34.38 9.33 -7.86
CA GLN B 191 -34.81 7.94 -7.70
C GLN B 191 -35.14 7.66 -6.23
N LYS B 192 -34.28 8.11 -5.32
CA LYS B 192 -34.60 8.00 -3.89
C LYS B 192 -35.87 8.75 -3.57
N TRP B 193 -36.06 9.93 -4.18
CA TRP B 193 -37.29 10.68 -3.98
C TRP B 193 -38.50 9.94 -4.51
N LYS B 194 -38.30 9.00 -5.44
CA LYS B 194 -39.43 8.20 -5.92
C LYS B 194 -39.81 7.10 -4.94
N ASP B 195 -39.01 6.86 -3.91
CA ASP B 195 -39.32 5.89 -2.87
C ASP B 195 -39.82 6.55 -1.59
N THR B 196 -40.03 7.86 -1.61
CA THR B 196 -40.52 8.58 -0.43
C THR B 196 -41.96 9.07 -0.56
N GLN B 197 -42.47 9.20 -1.78
CA GLN B 197 -43.86 9.60 -2.02
C GLN B 197 -44.17 10.96 -1.38
N ASN B 198 -43.24 11.90 -1.49
CA ASN B 198 -43.42 13.26 -0.98
C ASN B 198 -43.14 14.21 -2.15
N ALA B 199 -44.18 14.50 -2.93
CA ALA B 199 -44.01 15.31 -4.13
C ALA B 199 -43.71 16.77 -3.83
N SER B 200 -44.09 17.26 -2.65
CA SER B 200 -43.91 18.68 -2.36
C SER B 200 -42.44 19.02 -2.09
N GLN B 201 -41.74 18.17 -1.33
CA GLN B 201 -40.40 18.45 -0.86
C GLN B 201 -39.43 17.36 -1.32
N ASN B 202 -38.19 17.73 -1.64
CA ASN B 202 -37.71 19.13 -1.62
C ASN B 202 -36.64 19.32 -2.68
N LYS B 203 -36.86 20.26 -3.60
CA LYS B 203 -35.88 20.53 -4.64
C LYS B 203 -34.57 21.03 -4.05
N ILE B 204 -34.67 21.97 -3.09
CA ILE B 204 -33.46 22.54 -2.49
C ILE B 204 -32.68 21.46 -1.76
N LYS B 205 -33.37 20.59 -1.02
CA LYS B 205 -32.70 19.51 -0.32
C LYS B 205 -32.03 18.54 -1.29
N ILE B 206 -32.69 18.26 -2.42
CA ILE B 206 -32.12 17.36 -3.41
C ILE B 206 -30.83 17.94 -3.98
N VAL B 207 -30.85 19.22 -4.36
CA VAL B 207 -29.66 19.86 -4.91
C VAL B 207 -28.56 19.94 -3.84
N GLY B 208 -28.95 20.20 -2.59
CA GLY B 208 -27.96 20.27 -1.53
C GLY B 208 -27.27 18.95 -1.29
N LEU B 209 -28.04 17.85 -1.28
CA LEU B 209 -27.44 16.53 -1.13
C LEU B 209 -26.55 16.19 -2.32
N GLY B 210 -27.00 16.54 -3.53
CA GLY B 210 -26.18 16.29 -4.71
C GLY B 210 -24.85 17.01 -4.67
N LEU B 211 -24.86 18.26 -4.21
CA LEU B 211 -23.61 19.01 -4.10
C LEU B 211 -22.76 18.55 -2.92
N LEU B 212 -23.40 18.13 -1.83
CA LEU B 212 -22.65 17.66 -0.67
C LEU B 212 -21.95 16.34 -0.95
N ARG B 213 -22.55 15.48 -1.77
CA ARG B 213 -21.90 14.21 -2.10
C ARG B 213 -20.63 14.43 -2.92
N VAL B 214 -20.60 15.46 -3.76
CA VAL B 214 -19.41 15.73 -4.56
C VAL B 214 -18.41 16.63 -3.85
N LEU B 215 -18.85 17.41 -2.86
CA LEU B 215 -17.92 18.26 -2.13
C LEU B 215 -17.06 17.46 -1.16
N GLN B 216 -17.57 16.33 -0.67
CA GLN B 216 -16.85 15.51 0.30
C GLN B 216 -15.82 14.59 -0.34
N ASN B 217 -15.76 14.52 -1.66
CA ASN B 217 -14.75 13.71 -2.32
C ASN B 217 -13.37 14.28 -2.02
N PRO B 218 -12.40 13.45 -1.61
CA PRO B 218 -11.07 13.99 -1.30
C PRO B 218 -10.42 14.74 -2.45
N ILE B 219 -10.67 14.32 -3.69
CA ILE B 219 -10.03 14.97 -4.84
C ILE B 219 -10.40 16.45 -4.89
N VAL B 220 -11.70 16.74 -4.71
CA VAL B 220 -12.18 18.11 -4.91
C VAL B 220 -11.59 19.06 -3.88
N PHE B 221 -11.77 18.76 -2.59
CA PHE B 221 -11.29 19.71 -1.61
C PHE B 221 -9.77 19.66 -1.45
N MET B 222 -9.13 18.53 -1.77
CA MET B 222 -7.66 18.54 -1.82
C MET B 222 -7.16 19.47 -2.92
N VAL B 223 -7.81 19.47 -4.08
CA VAL B 223 -7.42 20.40 -5.14
C VAL B 223 -7.69 21.85 -4.71
N PHE B 224 -8.80 22.08 -4.02
CA PHE B 224 -9.11 23.43 -3.56
C PHE B 224 -8.06 23.94 -2.58
N ILE B 225 -7.68 23.09 -1.61
CA ILE B 225 -6.65 23.47 -0.64
C ILE B 225 -5.30 23.64 -1.34
N GLY B 226 -5.04 22.82 -2.36
CA GLY B 226 -3.82 22.98 -3.13
C GLY B 226 -3.76 24.32 -3.84
N ILE B 227 -4.88 24.77 -4.41
CA ILE B 227 -4.93 26.09 -5.04
C ILE B 227 -4.70 27.17 -4.00
N ALA B 228 -5.37 27.06 -2.85
CA ALA B 228 -5.22 28.07 -1.80
C ALA B 228 -3.77 28.19 -1.35
N PHE B 229 -3.12 27.06 -1.09
CA PHE B 229 -1.73 27.09 -0.65
C PHE B 229 -0.77 27.41 -1.78
N ASN B 230 -1.16 27.16 -3.03
CA ASN B 230 -0.38 27.62 -4.18
C ASN B 230 -0.33 29.14 -4.20
N PHE B 231 -1.47 29.78 -3.96
CA PHE B 231 -1.48 31.25 -3.92
C PHE B 231 -0.81 31.79 -2.66
N ILE B 232 -0.94 31.09 -1.53
CA ILE B 232 -0.33 31.56 -0.30
C ILE B 232 1.19 31.44 -0.34
N LEU B 233 1.70 30.30 -0.82
CA LEU B 233 3.11 29.96 -0.71
C LEU B 233 3.96 30.43 -1.89
N ASP B 234 3.37 31.14 -2.84
CA ASP B 234 4.09 31.65 -4.02
C ASP B 234 4.76 30.52 -4.80
N ARG B 235 4.00 29.44 -5.04
CA ARG B 235 4.41 28.34 -5.89
C ARG B 235 5.66 27.64 -5.36
N LYS B 236 5.88 27.66 -4.05
CA LYS B 236 7.04 27.01 -3.44
C LYS B 236 6.58 26.19 -2.24
N VAL B 237 6.98 24.93 -2.20
CA VAL B 237 6.67 24.03 -1.09
C VAL B 237 7.85 24.02 -0.13
N PRO B 238 7.62 24.13 1.18
CA PRO B 238 8.74 24.15 2.13
C PRO B 238 9.52 22.85 2.12
N VAL B 239 10.82 22.95 2.40
CA VAL B 239 11.68 21.78 2.41
C VAL B 239 11.34 20.82 3.55
N TYR B 240 10.62 21.29 4.56
CA TYR B 240 10.30 20.42 5.69
C TYR B 240 9.33 19.31 5.29
N VAL B 241 8.34 19.64 4.44
CA VAL B 241 7.31 18.68 4.05
C VAL B 241 7.55 18.09 2.66
N GLU B 242 8.64 18.47 1.99
CA GLU B 242 8.92 17.95 0.67
C GLU B 242 9.08 16.43 0.70
N ASN B 243 9.91 15.93 1.63
CA ASN B 243 10.14 14.50 1.71
C ASN B 243 8.89 13.74 2.11
N PHE B 244 8.09 14.31 3.02
CA PHE B 244 6.86 13.65 3.44
C PHE B 244 5.87 13.53 2.29
N LEU B 245 5.70 14.61 1.52
CA LEU B 245 4.80 14.59 0.39
C LEU B 245 5.29 13.66 -0.70
N ASP B 246 6.61 13.65 -0.96
CA ASP B 246 7.16 12.74 -1.95
C ASP B 246 6.99 11.29 -1.52
N GLY B 247 7.17 11.00 -0.23
CA GLY B 247 7.01 9.65 0.25
C GLY B 247 5.59 9.13 0.14
N LEU B 248 4.61 9.96 0.51
CA LEU B 248 3.22 9.52 0.36
C LEU B 248 2.79 9.47 -1.09
N GLY B 249 3.26 10.40 -1.93
CA GLY B 249 2.82 10.43 -3.31
C GLY B 249 3.46 9.37 -4.19
N ASN B 250 4.65 8.89 -3.82
CA ASN B 250 5.34 7.91 -4.64
C ASN B 250 4.78 6.50 -4.49
N SER B 251 3.95 6.25 -3.48
CA SER B 251 3.38 4.94 -3.24
C SER B 251 1.95 4.81 -3.73
N PHE B 252 1.47 5.75 -4.53
CA PHE B 252 0.08 5.74 -4.97
C PHE B 252 -0.15 4.85 -6.20
N SER B 253 0.73 4.94 -7.20
CA SER B 253 0.47 4.25 -8.47
C SER B 253 0.43 2.74 -8.30
N GLY B 254 1.49 2.17 -7.71
CA GLY B 254 1.55 0.72 -7.57
C GLY B 254 0.50 0.17 -6.64
N SER B 255 0.27 0.86 -5.52
CA SER B 255 -0.75 0.41 -4.58
C SER B 255 -2.14 0.49 -5.19
N ALA B 256 -2.42 1.56 -5.96
CA ALA B 256 -3.71 1.70 -6.61
C ALA B 256 -3.91 0.62 -7.67
N LEU B 257 -2.86 0.32 -8.44
CA LEU B 257 -2.96 -0.76 -9.43
C LEU B 257 -3.20 -2.11 -8.76
N PHE B 258 -2.50 -2.38 -7.66
CA PHE B 258 -2.70 -3.63 -6.94
C PHE B 258 -4.11 -3.73 -6.38
N TYR B 259 -4.63 -2.64 -5.83
CA TYR B 259 -5.98 -2.64 -5.28
C TYR B 259 -7.02 -2.80 -6.39
N LEU B 260 -6.80 -2.16 -7.54
CA LEU B 260 -7.70 -2.34 -8.67
C LEU B 260 -7.73 -3.79 -9.12
N GLY B 261 -6.55 -4.43 -9.20
CA GLY B 261 -6.53 -5.85 -9.49
C GLY B 261 -7.25 -6.68 -8.45
N LEU B 262 -7.10 -6.32 -7.17
CA LEU B 262 -7.75 -7.05 -6.10
C LEU B 262 -9.27 -6.95 -6.17
N THR B 263 -9.78 -5.81 -6.64
CA THR B 263 -11.22 -5.58 -6.66
C THR B 263 -11.91 -6.15 -7.90
N MET B 264 -11.23 -6.99 -8.68
CA MET B 264 -11.82 -7.60 -9.87
C MET B 264 -11.83 -9.12 -9.79
N VAL B 265 -11.89 -9.67 -8.58
CA VAL B 265 -11.76 -11.12 -8.42
C VAL B 265 -13.08 -11.83 -8.70
N GLY B 266 -14.18 -11.33 -8.15
CA GLY B 266 -15.46 -11.97 -8.33
C GLY B 266 -16.54 -11.05 -8.88
N LYS B 267 -16.18 -10.21 -9.83
CA LYS B 267 -17.10 -9.19 -10.33
C LYS B 267 -17.81 -9.61 -11.61
N ILE B 268 -17.08 -10.19 -12.57
CA ILE B 268 -17.67 -10.55 -13.85
C ILE B 268 -18.55 -11.78 -13.63
N LYS B 269 -19.86 -11.62 -13.85
CA LYS B 269 -20.83 -12.70 -13.68
C LYS B 269 -21.77 -12.72 -14.87
N ARG B 270 -22.45 -13.85 -15.04
CA ARG B 270 -23.37 -14.01 -16.16
C ARG B 270 -24.53 -13.04 -16.05
N LEU B 271 -24.89 -12.43 -17.17
CA LEU B 271 -25.93 -11.42 -17.22
C LEU B 271 -26.90 -11.77 -18.35
N LYS B 272 -27.88 -10.90 -18.55
CA LYS B 272 -28.89 -11.09 -19.58
C LYS B 272 -28.44 -10.48 -20.91
N LYS B 273 -29.17 -10.80 -21.97
CA LYS B 273 -28.84 -10.28 -23.29
C LYS B 273 -29.01 -8.77 -23.36
N SER B 274 -30.10 -8.25 -22.77
CA SER B 274 -30.31 -6.80 -22.76
C SER B 274 -29.22 -6.08 -21.98
N ALA B 275 -28.84 -6.65 -20.83
CA ALA B 275 -27.74 -6.07 -20.05
C ALA B 275 -26.44 -6.11 -20.84
N PHE B 276 -26.20 -7.21 -21.57
CA PHE B 276 -25.00 -7.30 -22.39
C PHE B 276 -24.98 -6.23 -23.47
N VAL B 277 -26.12 -6.01 -24.13
CA VAL B 277 -26.18 -4.99 -25.18
C VAL B 277 -25.97 -3.60 -24.60
N VAL B 278 -26.60 -3.32 -23.46
CA VAL B 278 -26.40 -2.02 -22.81
C VAL B 278 -24.94 -1.83 -22.42
N LEU B 279 -24.30 -2.89 -21.93
CA LEU B 279 -22.89 -2.81 -21.54
C LEU B 279 -22.00 -2.56 -22.75
N ILE B 280 -22.28 -3.23 -23.87
CA ILE B 280 -21.50 -3.01 -25.10
C ILE B 280 -21.67 -1.56 -25.56
N LEU B 281 -22.90 -1.05 -25.52
CA LEU B 281 -23.14 0.33 -25.93
C LEU B 281 -22.40 1.31 -25.02
N LEU B 282 -22.43 1.07 -23.71
CA LEU B 282 -21.76 1.97 -22.78
C LEU B 282 -20.26 1.98 -22.99
N ILE B 283 -19.65 0.80 -23.17
CA ILE B 283 -18.21 0.76 -23.40
C ILE B 283 -17.86 1.37 -24.76
N THR B 284 -18.72 1.20 -25.76
CA THR B 284 -18.47 1.85 -27.04
C THR B 284 -18.51 3.37 -26.91
N ALA B 285 -19.46 3.88 -26.13
CA ALA B 285 -19.52 5.32 -25.89
C ALA B 285 -18.28 5.81 -25.14
N LYS B 286 -17.82 5.03 -24.16
CA LYS B 286 -16.66 5.44 -23.37
C LYS B 286 -15.38 5.43 -24.20
N LEU B 287 -15.14 4.34 -24.92
CA LEU B 287 -13.82 4.09 -25.51
C LEU B 287 -13.71 4.49 -26.98
N LEU B 288 -14.82 4.71 -27.67
CA LEU B 288 -14.80 5.04 -29.10
C LEU B 288 -15.32 6.44 -29.38
N VAL B 289 -16.53 6.76 -28.92
CA VAL B 289 -17.14 8.04 -29.25
C VAL B 289 -16.38 9.19 -28.57
N LEU B 290 -16.06 9.03 -27.29
CA LEU B 290 -15.42 10.10 -26.55
C LEU B 290 -14.06 10.51 -27.11
N PRO B 291 -13.14 9.59 -27.44
CA PRO B 291 -11.87 10.03 -28.04
C PRO B 291 -12.04 10.80 -29.34
N LEU B 292 -12.95 10.34 -30.20
CA LEU B 292 -13.19 11.03 -31.45
C LEU B 292 -13.77 12.42 -31.21
N LEU B 293 -14.69 12.54 -30.25
CA LEU B 293 -15.26 13.84 -29.93
C LEU B 293 -14.21 14.78 -29.37
N CYS B 294 -13.32 14.26 -28.51
CA CYS B 294 -12.24 15.09 -27.98
C CYS B 294 -11.33 15.58 -29.09
N ARG B 295 -10.99 14.69 -30.03
CA ARG B 295 -10.16 15.09 -31.17
C ARG B 295 -10.85 16.17 -32.01
N GLU B 296 -12.15 16.01 -32.25
CA GLU B 296 -12.87 16.98 -33.07
C GLU B 296 -12.94 18.34 -32.37
N MET B 297 -13.22 18.36 -31.07
CA MET B 297 -13.27 19.62 -30.35
C MET B 297 -11.90 20.31 -30.34
N VAL B 298 -10.83 19.54 -30.17
CA VAL B 298 -9.50 20.14 -30.22
C VAL B 298 -9.20 20.69 -31.62
N GLU B 299 -9.68 20.00 -32.66
CA GLU B 299 -9.51 20.53 -34.00
C GLU B 299 -10.25 21.85 -34.18
N LEU B 300 -11.48 21.93 -33.67
CA LEU B 300 -12.28 23.13 -33.89
C LEU B 300 -11.77 24.31 -33.07
N LEU B 301 -11.51 24.11 -31.78
CA LEU B 301 -11.18 25.24 -30.91
C LEU B 301 -9.74 25.70 -31.07
N ASP B 302 -8.77 24.79 -30.91
CA ASP B 302 -7.37 25.18 -30.97
C ASP B 302 -6.98 25.68 -32.35
N LYS B 303 -6.63 26.95 -32.44
CA LYS B 303 -6.28 27.61 -33.70
C LYS B 303 -4.92 28.29 -33.59
N GLY B 304 -3.95 27.59 -33.04
CA GLY B 304 -2.62 28.12 -32.83
C GLY B 304 -1.72 27.96 -34.04
N ASP B 305 -0.44 28.24 -33.82
CA ASP B 305 0.59 28.13 -34.84
C ASP B 305 1.39 26.85 -34.57
N SER B 306 2.46 26.65 -35.35
CA SER B 306 3.33 25.47 -35.21
C SER B 306 2.52 24.18 -35.41
N VAL B 307 2.07 24.00 -36.66
CA VAL B 307 1.19 22.92 -37.08
C VAL B 307 1.61 21.58 -36.48
N VAL B 308 2.92 21.37 -36.30
CA VAL B 308 3.38 20.16 -35.64
C VAL B 308 2.88 20.10 -34.20
N ASN B 309 2.92 21.22 -33.48
CA ASN B 309 2.39 21.24 -32.12
C ASN B 309 0.89 21.04 -32.11
N HIS B 310 0.18 21.60 -33.09
CA HIS B 310 -1.25 21.37 -33.19
C HIS B 310 -1.57 19.91 -33.41
N THR B 311 -0.82 19.24 -34.29
CA THR B 311 -1.02 17.82 -34.52
C THR B 311 -0.72 17.01 -33.26
N SER B 312 0.36 17.35 -32.55
CA SER B 312 0.70 16.63 -31.33
C SER B 312 -0.37 16.82 -30.26
N LEU B 313 -0.92 18.04 -30.15
CA LEU B 313 -1.94 18.30 -29.14
C LEU B 313 -3.26 17.64 -29.49
N SER B 314 -3.59 17.55 -30.78
CA SER B 314 -4.79 16.83 -31.18
C SER B 314 -4.63 15.33 -31.02
N ASN B 315 -3.40 14.81 -31.19
CA ASN B 315 -3.16 13.40 -30.94
C ASN B 315 -3.14 13.09 -29.44
N TYR B 316 -2.78 14.08 -28.62
CA TYR B 316 -2.92 13.92 -27.17
C TYR B 316 -4.38 14.00 -26.75
N ALA B 317 -5.19 14.77 -27.46
CA ALA B 317 -6.63 14.77 -27.21
C ALA B 317 -7.20 13.37 -27.37
N PHE B 318 -6.90 12.72 -28.49
CA PHE B 318 -7.14 11.29 -28.61
C PHE B 318 -6.23 10.56 -27.64
N LEU B 319 -6.67 9.37 -27.22
CA LEU B 319 -6.03 8.51 -26.23
C LEU B 319 -6.21 9.04 -24.81
N TYR B 320 -6.75 10.24 -24.63
CA TYR B 320 -7.25 10.64 -23.32
C TYR B 320 -8.64 10.06 -23.07
N GLY B 321 -9.45 9.93 -24.12
CA GLY B 321 -10.76 9.33 -24.02
C GLY B 321 -10.78 7.83 -24.01
N VAL B 322 -9.63 7.17 -24.20
CA VAL B 322 -9.56 5.72 -24.16
C VAL B 322 -9.19 5.19 -22.79
N PHE B 323 -8.96 6.07 -21.81
CA PHE B 323 -8.73 5.60 -20.46
C PHE B 323 -10.00 4.92 -19.94
N PRO B 324 -9.88 3.80 -19.24
CA PRO B 324 -11.08 3.04 -18.85
C PRO B 324 -11.87 3.71 -17.74
N VAL B 325 -13.01 3.12 -17.38
CA VAL B 325 -13.87 3.68 -16.35
C VAL B 325 -13.18 3.58 -14.99
N ALA B 326 -13.28 4.63 -14.19
CA ALA B 326 -12.69 4.62 -12.87
C ALA B 326 -13.54 3.79 -11.91
N PRO B 327 -12.91 3.11 -10.95
CA PRO B 327 -13.69 2.36 -9.94
C PRO B 327 -14.54 3.25 -9.05
N GLY B 328 -14.30 4.56 -9.02
CA GLY B 328 -15.15 5.45 -8.26
C GLY B 328 -16.60 5.40 -8.68
N VAL B 329 -16.86 5.14 -9.96
CA VAL B 329 -18.23 4.98 -10.43
C VAL B 329 -18.89 3.77 -9.78
N ALA B 330 -18.14 2.65 -9.69
CA ALA B 330 -18.65 1.47 -9.01
C ALA B 330 -18.88 1.75 -7.53
N ILE B 331 -18.00 2.54 -6.92
CA ILE B 331 -18.19 2.92 -5.51
C ILE B 331 -19.47 3.74 -5.36
N PHE B 332 -19.71 4.68 -6.28
CA PHE B 332 -20.93 5.48 -6.23
C PHE B 332 -22.16 4.59 -6.38
N ALA B 333 -22.11 3.62 -7.30
CA ALA B 333 -23.24 2.71 -7.49
C ALA B 333 -23.50 1.87 -6.25
N THR B 334 -22.43 1.39 -5.61
CA THR B 334 -22.60 0.63 -4.38
C THR B 334 -23.18 1.49 -3.26
N GLN B 335 -22.71 2.73 -3.15
CA GLN B 335 -23.24 3.64 -2.13
C GLN B 335 -24.73 3.92 -2.35
N PHE B 336 -25.12 4.15 -3.60
CA PHE B 336 -26.52 4.37 -3.92
C PHE B 336 -27.33 3.07 -3.96
N ASN B 337 -26.66 1.93 -4.07
CA ASN B 337 -27.30 0.62 -4.13
C ASN B 337 -28.29 0.55 -5.29
N MET B 338 -27.76 0.79 -6.50
CA MET B 338 -28.58 0.75 -7.71
C MET B 338 -27.66 0.55 -8.90
N GLU B 339 -28.05 -0.38 -9.79
CA GLU B 339 -27.28 -0.72 -10.99
C GLU B 339 -25.85 -1.13 -10.65
N VAL B 340 -25.65 -1.81 -9.52
CA VAL B 340 -24.29 -2.09 -9.05
C VAL B 340 -23.62 -3.15 -9.93
N GLU B 341 -24.35 -4.22 -10.29
CA GLU B 341 -23.72 -5.33 -10.98
C GLU B 341 -23.32 -4.95 -12.40
N ILE B 342 -24.19 -4.25 -13.12
CA ILE B 342 -23.88 -3.87 -14.50
C ILE B 342 -22.74 -2.85 -14.53
N ILE B 343 -22.74 -1.90 -13.57
CA ILE B 343 -21.68 -0.91 -13.51
C ILE B 343 -20.34 -1.58 -13.21
N THR B 344 -20.32 -2.50 -12.24
CA THR B 344 -19.07 -3.17 -11.89
C THR B 344 -18.55 -4.01 -13.05
N SER B 345 -19.44 -4.78 -13.69
CA SER B 345 -19.01 -5.60 -14.81
C SER B 345 -18.50 -4.76 -15.97
N GLY B 346 -19.21 -3.66 -16.28
CA GLY B 346 -18.76 -2.78 -17.34
C GLY B 346 -17.42 -2.14 -17.04
N MET B 347 -17.21 -1.74 -15.78
CA MET B 347 -15.94 -1.12 -15.40
C MET B 347 -14.79 -2.12 -15.57
N VAL B 348 -14.99 -3.36 -15.10
CA VAL B 348 -13.93 -4.37 -15.24
C VAL B 348 -13.66 -4.66 -16.72
N ILE B 349 -14.72 -4.83 -17.51
CA ILE B 349 -14.55 -5.19 -18.91
C ILE B 349 -13.86 -4.06 -19.66
N SER B 350 -14.26 -2.81 -19.40
CA SER B 350 -13.61 -1.68 -20.04
C SER B 350 -12.14 -1.57 -19.65
N THR B 351 -11.84 -1.84 -18.37
CA THR B 351 -10.45 -1.82 -17.93
C THR B 351 -9.62 -2.84 -18.71
N PHE B 352 -10.16 -4.04 -18.91
CA PHE B 352 -9.40 -5.05 -19.64
C PHE B 352 -9.38 -4.81 -21.15
N VAL B 353 -10.38 -4.12 -21.69
CA VAL B 353 -10.47 -3.92 -23.14
C VAL B 353 -9.65 -2.71 -23.59
N SER B 354 -9.41 -1.74 -22.70
CA SER B 354 -8.81 -0.49 -23.14
C SER B 354 -7.36 -0.64 -23.60
N ALA B 355 -6.63 -1.63 -23.06
CA ALA B 355 -5.20 -1.71 -23.35
C ALA B 355 -4.87 -1.94 -24.82
N PRO B 356 -5.44 -2.94 -25.51
CA PRO B 356 -5.15 -3.06 -26.96
C PRO B 356 -5.58 -1.83 -27.73
N ILE B 357 -6.69 -1.20 -27.33
CA ILE B 357 -7.13 0.02 -28.00
C ILE B 357 -6.10 1.12 -27.83
N MET B 358 -5.59 1.30 -26.61
CA MET B 358 -4.54 2.28 -26.39
C MET B 358 -3.34 2.01 -27.28
N TYR B 359 -2.85 0.77 -27.27
CA TYR B 359 -1.62 0.45 -28.00
C TYR B 359 -1.79 0.66 -29.49
N VAL B 360 -2.85 0.10 -30.07
CA VAL B 360 -3.07 0.20 -31.51
C VAL B 360 -3.34 1.64 -31.92
N SER B 361 -4.15 2.36 -31.14
CA SER B 361 -4.44 3.75 -31.47
C SER B 361 -3.19 4.61 -31.43
N ALA B 362 -2.34 4.43 -30.42
CA ALA B 362 -1.10 5.20 -30.35
C ALA B 362 -0.19 4.90 -31.53
N TRP B 363 -0.04 3.61 -31.88
CA TRP B 363 0.83 3.27 -33.01
C TRP B 363 0.27 3.80 -34.32
N LEU B 364 -1.04 3.71 -34.53
CA LEU B 364 -1.65 4.23 -35.74
C LEU B 364 -1.51 5.74 -35.83
N LEU B 365 -1.69 6.45 -34.71
CA LEU B 365 -1.52 7.89 -34.71
C LEU B 365 -0.08 8.29 -34.98
N THR B 366 0.89 7.47 -34.55
CA THR B 366 2.29 7.76 -34.80
C THR B 366 2.70 7.39 -36.22
N PHE B 367 2.00 6.45 -36.86
CA PHE B 367 2.37 6.00 -38.21
C PHE B 367 2.55 7.11 -39.25
N PRO B 368 1.68 8.12 -39.35
CA PRO B 368 1.83 9.08 -40.45
C PRO B 368 3.18 9.80 -40.48
N THR B 369 3.84 9.94 -39.34
CA THR B 369 5.15 10.58 -39.29
C THR B 369 6.28 9.56 -39.42
N MET B 370 6.21 8.72 -40.46
CA MET B 370 7.22 7.71 -40.70
C MET B 370 7.39 7.49 -42.20
N ASP B 371 8.50 6.84 -42.55
CA ASP B 371 8.86 6.42 -43.89
C ASP B 371 8.54 4.93 -44.08
N PRO B 372 8.39 4.48 -45.33
CA PRO B 372 7.93 3.09 -45.54
C PRO B 372 8.81 2.03 -44.87
N LYS B 373 10.12 2.06 -45.11
CA LYS B 373 11.00 1.07 -44.48
C LYS B 373 11.01 1.18 -42.96
N PRO B 374 11.15 2.37 -42.35
CA PRO B 374 10.97 2.45 -40.90
C PRO B 374 9.60 2.01 -40.42
N LEU B 375 8.55 2.23 -41.22
CA LEU B 375 7.23 1.76 -40.85
C LEU B 375 7.19 0.24 -40.77
N ALA B 376 7.78 -0.43 -41.77
CA ALA B 376 7.84 -1.89 -41.75
C ALA B 376 8.68 -2.39 -40.59
N TYR B 377 9.80 -1.71 -40.30
CA TYR B 377 10.62 -2.10 -39.16
C TYR B 377 9.86 -1.94 -37.85
N ALA B 378 9.05 -0.88 -37.73
CA ALA B 378 8.25 -0.68 -36.54
C ALA B 378 7.20 -1.78 -36.40
N ILE B 379 6.57 -2.17 -37.51
CA ILE B 379 5.61 -3.28 -37.45
C ILE B 379 6.30 -4.56 -37.01
N GLN B 380 7.49 -4.82 -37.54
CA GLN B 380 8.24 -6.00 -37.14
C GLN B 380 8.57 -5.97 -35.65
N ASN B 381 8.98 -4.79 -35.15
CA ASN B 381 9.36 -4.69 -33.75
C ASN B 381 8.17 -4.87 -32.82
N VAL B 382 7.03 -4.25 -33.14
CA VAL B 382 5.86 -4.39 -32.29
C VAL B 382 5.37 -5.83 -32.29
N SER B 383 5.35 -6.48 -33.45
CA SER B 383 4.95 -7.87 -33.51
C SER B 383 5.93 -8.77 -32.75
N PHE B 384 7.23 -8.46 -32.81
CA PHE B 384 8.22 -9.24 -32.05
C PHE B 384 7.99 -9.11 -30.55
N ASP B 385 7.73 -7.89 -30.07
CA ASP B 385 7.50 -7.70 -28.64
C ASP B 385 6.26 -8.45 -28.18
N ILE B 386 5.16 -8.31 -28.92
CA ILE B 386 3.95 -9.03 -28.57
C ILE B 386 4.19 -10.53 -28.60
N SER B 387 4.97 -11.00 -29.58
CA SER B 387 5.23 -12.42 -29.72
C SER B 387 6.05 -12.96 -28.55
N ILE B 388 7.06 -12.22 -28.09
CA ILE B 388 7.90 -12.73 -27.01
C ILE B 388 7.11 -12.76 -25.71
N VAL B 389 6.34 -11.71 -25.42
CA VAL B 389 5.54 -11.74 -24.19
C VAL B 389 4.50 -12.85 -24.27
N SER B 390 3.88 -13.02 -25.44
CA SER B 390 2.89 -14.07 -25.61
C SER B 390 3.51 -15.46 -25.51
N LEU B 391 4.77 -15.63 -25.95
CA LEU B 391 5.42 -16.93 -25.79
C LEU B 391 5.70 -17.23 -24.34
N ILE B 392 6.16 -16.24 -23.58
CA ILE B 392 6.37 -16.48 -22.15
C ILE B 392 5.06 -16.90 -21.49
N SER B 393 3.99 -16.15 -21.77
CA SER B 393 2.69 -16.48 -21.21
C SER B 393 2.22 -17.87 -21.66
N LEU B 394 2.45 -18.20 -22.93
CA LEU B 394 1.96 -19.46 -23.48
C LEU B 394 2.71 -20.65 -22.92
N ILE B 395 4.03 -20.53 -22.73
CA ILE B 395 4.77 -21.63 -22.13
C ILE B 395 4.39 -21.80 -20.67
N TRP B 396 4.11 -20.70 -19.96
CA TRP B 396 3.58 -20.82 -18.61
C TRP B 396 2.26 -21.61 -18.61
N SER B 397 1.34 -21.22 -19.49
CA SER B 397 0.03 -21.87 -19.53
C SER B 397 0.16 -23.34 -19.95
N LEU B 398 1.06 -23.63 -20.89
CA LEU B 398 1.28 -25.01 -21.32
C LEU B 398 1.84 -25.86 -20.19
N ALA B 399 2.79 -25.30 -19.41
CA ALA B 399 3.30 -26.04 -18.26
C ALA B 399 2.21 -26.32 -17.25
N ILE B 400 1.35 -25.32 -16.98
CA ILE B 400 0.26 -25.52 -16.04
C ILE B 400 -0.70 -26.60 -16.54
N LEU B 401 -1.04 -26.56 -17.83
CA LEU B 401 -1.95 -27.55 -18.39
C LEU B 401 -1.35 -28.95 -18.34
N LEU B 402 -0.05 -29.07 -18.66
CA LEU B 402 0.59 -30.38 -18.62
C LEU B 402 0.65 -30.93 -17.20
N LEU B 403 0.97 -30.08 -16.23
CA LEU B 403 1.03 -30.53 -14.84
C LEU B 403 -0.35 -30.80 -14.26
N SER B 404 -1.40 -30.21 -14.84
CA SER B 404 -2.76 -30.50 -14.38
C SER B 404 -3.17 -31.92 -14.74
N LYS B 405 -2.59 -32.49 -15.80
CA LYS B 405 -2.88 -33.87 -16.23
C LYS B 405 -4.37 -34.08 -16.47
N LYS B 406 -5.02 -33.10 -17.09
CA LYS B 406 -6.44 -33.19 -17.42
C LYS B 406 -6.70 -33.11 -18.92
N TYR B 407 -5.67 -33.24 -19.75
CA TYR B 407 -5.82 -33.18 -21.19
C TYR B 407 -6.20 -34.51 -21.82
N LYS B 408 -6.32 -35.57 -21.02
CA LYS B 408 -6.64 -36.90 -21.54
C LYS B 408 -8.07 -37.04 -22.01
N GLN B 409 -8.94 -36.06 -21.74
CA GLN B 409 -10.34 -36.11 -22.14
C GLN B 409 -10.70 -34.86 -22.93
N LEU B 410 -11.63 -35.02 -23.85
CA LEU B 410 -12.01 -33.94 -24.75
C LEU B 410 -12.68 -32.81 -23.96
N PRO B 411 -12.51 -31.56 -24.40
CA PRO B 411 -11.68 -31.14 -25.55
C PRO B 411 -10.40 -30.45 -25.13
N HIS B 412 -9.76 -30.95 -24.06
CA HIS B 412 -8.57 -30.28 -23.54
C HIS B 412 -7.34 -30.51 -24.40
N MET B 413 -7.23 -31.67 -25.06
CA MET B 413 -6.03 -31.95 -25.83
C MET B 413 -6.01 -31.15 -27.13
N LEU B 414 -7.19 -30.87 -27.70
CA LEU B 414 -7.25 -29.97 -28.84
C LEU B 414 -6.81 -28.56 -28.45
N THR B 415 -7.21 -28.11 -27.26
CA THR B 415 -6.74 -26.83 -26.75
C THR B 415 -5.23 -26.85 -26.54
N THR B 416 -4.70 -27.97 -26.05
CA THR B 416 -3.26 -28.09 -25.89
C THR B 416 -2.55 -27.97 -27.23
N ASN B 417 -3.10 -28.62 -28.27
CA ASN B 417 -2.53 -28.49 -29.60
C ASN B 417 -2.58 -27.04 -30.09
N LEU B 418 -3.69 -26.36 -29.82
CA LEU B 418 -3.83 -24.96 -30.23
C LEU B 418 -2.76 -24.08 -29.58
N LEU B 419 -2.58 -24.22 -28.26
CA LEU B 419 -1.54 -23.46 -27.59
C LEU B 419 -0.15 -23.86 -28.05
N ILE B 420 0.08 -25.13 -28.37
CA ILE B 420 1.37 -25.54 -28.91
C ILE B 420 1.64 -24.84 -30.23
N ALA B 421 0.63 -24.78 -31.10
CA ALA B 421 0.79 -24.10 -32.39
C ALA B 421 1.06 -22.62 -32.19
N GLN B 422 0.35 -21.98 -31.25
CA GLN B 422 0.58 -20.57 -30.98
C GLN B 422 2.00 -20.32 -30.45
N SER B 423 2.47 -21.18 -29.55
CA SER B 423 3.83 -21.06 -29.05
C SER B 423 4.85 -21.21 -30.18
N ILE B 424 4.61 -22.17 -31.07
CA ILE B 424 5.54 -22.40 -32.17
C ILE B 424 5.56 -21.21 -33.12
N VAL B 425 4.40 -20.60 -33.38
CA VAL B 425 4.40 -19.46 -34.30
C VAL B 425 5.07 -18.24 -33.65
N CYS B 426 4.89 -18.05 -32.34
CA CYS B 426 5.60 -16.97 -31.66
C CYS B 426 7.12 -17.17 -31.74
N ALA B 427 7.58 -18.39 -31.43
CA ALA B 427 9.00 -18.68 -31.51
C ALA B 427 9.52 -18.53 -32.93
N GLY B 428 8.73 -18.96 -33.90
CA GLY B 428 9.13 -18.82 -35.29
C GLY B 428 9.31 -17.39 -35.70
N MET B 429 8.41 -16.50 -35.26
CA MET B 429 8.59 -15.10 -35.61
C MET B 429 9.79 -14.49 -34.92
N MET B 430 10.02 -14.83 -33.64
CA MET B 430 11.20 -14.28 -32.99
C MET B 430 12.49 -14.75 -33.66
N ILE B 431 12.51 -15.99 -34.14
CA ILE B 431 13.66 -16.44 -34.93
C ILE B 431 13.73 -15.66 -36.24
N TRP B 432 12.59 -15.45 -36.88
CA TRP B 432 12.55 -14.78 -38.18
C TRP B 432 13.10 -13.36 -38.09
N ASN B 433 12.78 -12.64 -37.02
CA ASN B 433 13.27 -11.26 -36.89
C ASN B 433 14.79 -11.19 -36.94
N PHE B 434 15.47 -12.20 -36.39
CA PHE B 434 16.92 -12.26 -36.44
C PHE B 434 17.44 -12.87 -37.74
N VAL B 435 16.69 -13.77 -38.36
CA VAL B 435 17.15 -14.47 -39.55
C VAL B 435 16.44 -13.95 -40.82
N LYS B 436 15.88 -12.74 -40.75
CA LYS B 436 15.14 -12.21 -41.89
C LYS B 436 16.03 -11.96 -43.09
N GLU B 437 17.32 -11.63 -42.86
CA GLU B 437 18.24 -11.36 -43.95
C GLU B 437 19.62 -11.96 -43.68
N LYS B 438 19.67 -13.09 -42.97
CA LYS B 438 20.94 -13.70 -42.58
C LYS B 438 21.30 -14.88 -43.48
N ASN B 439 20.43 -15.88 -43.57
CA ASN B 439 20.72 -17.08 -44.34
C ASN B 439 19.53 -17.41 -45.25
N PHE B 440 19.82 -18.08 -46.36
CA PHE B 440 18.77 -18.44 -47.31
C PHE B 440 17.98 -19.65 -46.82
N VAL B 441 18.66 -20.79 -46.65
CA VAL B 441 17.98 -22.01 -46.21
C VAL B 441 17.36 -21.81 -44.83
N GLY B 442 18.08 -21.12 -43.94
CA GLY B 442 17.55 -20.86 -42.61
C GLY B 442 16.27 -20.06 -42.64
N GLN B 443 16.24 -18.99 -43.44
CA GLN B 443 15.04 -18.16 -43.52
C GLN B 443 13.90 -18.90 -44.21
N ILE B 444 14.21 -19.75 -45.20
CA ILE B 444 13.15 -20.54 -45.83
C ILE B 444 12.53 -21.50 -44.82
N LEU B 445 13.37 -22.20 -44.06
CA LEU B 445 12.85 -23.12 -43.05
C LEU B 445 12.04 -22.40 -41.99
N VAL B 446 12.53 -21.22 -41.56
CA VAL B 446 11.83 -20.45 -40.54
C VAL B 446 10.47 -20.00 -41.06
N PHE B 447 10.42 -19.53 -42.31
CA PHE B 447 9.15 -19.12 -42.90
C PHE B 447 8.18 -20.30 -42.99
N VAL B 448 8.68 -21.46 -43.42
CA VAL B 448 7.82 -22.63 -43.53
C VAL B 448 7.24 -22.99 -42.17
N LEU B 449 8.08 -23.03 -41.14
CA LEU B 449 7.60 -23.36 -39.80
C LEU B 449 6.60 -22.32 -39.29
N LEU B 450 6.91 -21.04 -39.47
CA LEU B 450 6.06 -19.97 -38.97
C LEU B 450 4.68 -20.01 -39.60
N TYR B 451 4.63 -20.10 -40.93
CA TYR B 451 3.32 -20.05 -41.57
C TYR B 451 2.59 -21.39 -41.52
N SER B 452 3.30 -22.51 -41.38
CA SER B 452 2.63 -23.76 -41.07
C SER B 452 1.95 -23.67 -39.71
N SER B 453 2.61 -23.05 -38.72
CA SER B 453 1.98 -22.87 -37.42
C SER B 453 0.79 -21.90 -37.51
N LEU B 454 0.93 -20.84 -38.31
CA LEU B 454 -0.18 -19.90 -38.46
C LEU B 454 -1.40 -20.58 -39.07
N TYR B 455 -1.21 -21.33 -40.15
CA TYR B 455 -2.32 -22.07 -40.74
C TYR B 455 -2.83 -23.15 -39.79
N SER B 456 -1.95 -23.71 -38.96
CA SER B 456 -2.38 -24.67 -37.96
C SER B 456 -3.34 -24.04 -36.95
N THR B 457 -3.02 -22.83 -36.48
CA THR B 457 -3.93 -22.13 -35.57
C THR B 457 -5.25 -21.80 -36.27
N TYR B 458 -5.17 -21.31 -37.52
CA TYR B 458 -6.38 -20.99 -38.27
C TYR B 458 -7.29 -22.21 -38.39
N LEU B 459 -6.72 -23.36 -38.74
CA LEU B 459 -7.53 -24.57 -38.85
C LEU B 459 -8.01 -25.06 -37.49
N TRP B 460 -7.15 -25.03 -36.48
CA TRP B 460 -7.51 -25.56 -35.17
C TRP B 460 -8.65 -24.78 -34.55
N THR B 461 -8.81 -23.50 -34.90
CA THR B 461 -10.02 -22.79 -34.51
C THR B 461 -11.26 -23.51 -35.03
N GLY B 462 -11.26 -23.85 -36.32
CA GLY B 462 -12.41 -24.55 -36.90
C GLY B 462 -12.59 -25.95 -36.35
N LEU B 463 -11.49 -26.67 -36.10
CA LEU B 463 -11.60 -28.00 -35.50
C LEU B 463 -12.17 -27.93 -34.09
N LEU B 464 -11.77 -26.92 -33.30
CA LEU B 464 -12.36 -26.74 -31.98
C LEU B 464 -13.85 -26.43 -32.09
N ALA B 465 -14.22 -25.60 -33.07
CA ALA B 465 -15.64 -25.33 -33.30
C ALA B 465 -16.40 -26.61 -33.64
N ILE B 466 -15.80 -27.45 -34.49
CA ILE B 466 -16.43 -28.72 -34.87
C ILE B 466 -16.60 -29.62 -33.66
N SER B 467 -15.57 -29.70 -32.80
CA SER B 467 -15.66 -30.52 -31.61
C SER B 467 -16.75 -30.01 -30.67
N LEU B 468 -16.84 -28.69 -30.50
CA LEU B 468 -17.89 -28.12 -29.65
C LEU B 468 -19.28 -28.42 -30.22
N PHE B 469 -19.44 -28.30 -31.54
CA PHE B 469 -20.72 -28.61 -32.16
C PHE B 469 -21.08 -30.08 -32.00
N LEU B 470 -20.10 -30.97 -32.15
CA LEU B 470 -20.36 -32.39 -31.99
C LEU B 470 -20.75 -32.72 -30.55
N LEU B 471 -20.08 -32.09 -29.58
CA LEU B 471 -20.47 -32.28 -28.18
C LEU B 471 -21.85 -31.71 -27.91
N LYS B 472 -22.24 -30.65 -28.62
CA LYS B 472 -23.57 -30.08 -28.46
C LYS B 472 -24.66 -31.05 -28.91
N LYS B 473 -24.38 -31.85 -29.93
CA LYS B 473 -25.37 -32.81 -30.42
C LYS B 473 -25.63 -33.94 -29.43
N ARG B 474 -24.76 -34.10 -28.42
CA ARG B 474 -24.95 -35.09 -27.35
C ARG B 474 -25.09 -36.51 -27.91
N GLU B 475 -24.27 -36.83 -28.91
CA GLU B 475 -24.23 -38.17 -29.47
C GLU B 475 -23.11 -38.97 -28.83
N ARG B 476 -23.43 -40.19 -28.37
CA ARG B 476 -22.44 -41.07 -27.76
C ARG B 476 -21.70 -41.86 -28.85
N VAL B 477 -21.05 -41.11 -29.73
CA VAL B 477 -20.30 -41.66 -30.85
C VAL B 477 -18.83 -41.34 -30.65
N GLN B 478 -17.97 -42.30 -30.96
CA GLN B 478 -16.54 -42.11 -30.82
C GLN B 478 -16.07 -40.97 -31.71
N ILE B 479 -15.17 -40.14 -31.17
CA ILE B 479 -14.62 -38.99 -31.88
C ILE B 479 -13.28 -39.42 -32.47
N PRO B 480 -13.10 -39.36 -33.79
CA PRO B 480 -11.80 -39.72 -34.37
C PRO B 480 -10.73 -38.69 -34.06
N VAL B 481 -10.23 -38.73 -32.82
CA VAL B 481 -9.26 -37.73 -32.37
C VAL B 481 -7.97 -37.83 -33.17
N GLY B 482 -7.53 -39.05 -33.48
CA GLY B 482 -6.34 -39.20 -34.30
C GLY B 482 -6.51 -38.61 -35.69
N ILE B 483 -7.67 -38.86 -36.30
CA ILE B 483 -7.92 -38.33 -37.65
C ILE B 483 -7.91 -36.81 -37.64
N ILE B 484 -8.59 -36.21 -36.65
CA ILE B 484 -8.69 -34.76 -36.63
C ILE B 484 -7.35 -34.11 -36.32
N ILE B 485 -6.56 -34.71 -35.41
CA ILE B 485 -5.26 -34.12 -35.10
C ILE B 485 -4.32 -34.27 -36.30
N ILE B 486 -4.38 -35.41 -37.00
CA ILE B 486 -3.55 -35.59 -38.18
C ILE B 486 -3.92 -34.57 -39.25
N SER B 487 -5.22 -34.37 -39.48
CA SER B 487 -5.65 -33.38 -40.45
C SER B 487 -5.18 -31.99 -40.06
N GLY B 488 -5.39 -31.62 -38.79
CA GLY B 488 -5.04 -30.29 -38.33
C GLY B 488 -3.56 -29.99 -38.41
N TRP B 489 -2.72 -30.99 -38.15
CA TRP B 489 -1.28 -30.78 -38.23
C TRP B 489 -0.67 -31.13 -39.58
N GLY B 490 -1.47 -31.64 -40.52
CA GLY B 490 -0.94 -31.97 -41.83
C GLY B 490 -1.40 -31.09 -42.97
N ILE B 491 -2.65 -30.63 -42.92
CA ILE B 491 -3.15 -29.75 -43.99
C ILE B 491 -2.34 -28.47 -44.11
N PRO B 492 -2.01 -27.75 -43.03
CA PRO B 492 -1.11 -26.61 -43.18
C PRO B 492 0.25 -26.99 -43.77
N ALA B 493 0.77 -28.16 -43.42
CA ALA B 493 2.03 -28.61 -44.01
C ALA B 493 1.89 -28.81 -45.51
N LEU B 494 0.78 -29.42 -45.94
CA LEU B 494 0.55 -29.61 -47.37
C LEU B 494 0.40 -28.27 -48.09
N LEU B 495 -0.30 -27.32 -47.47
CA LEU B 495 -0.48 -26.01 -48.08
C LEU B 495 0.85 -25.27 -48.21
N VAL B 496 1.67 -25.29 -47.17
CA VAL B 496 2.95 -24.60 -47.26
C VAL B 496 3.87 -25.32 -48.24
N GLY B 497 3.78 -26.65 -48.34
CA GLY B 497 4.59 -27.36 -49.30
C GLY B 497 4.22 -27.03 -50.74
N VAL B 498 2.92 -27.00 -51.03
CA VAL B 498 2.50 -26.66 -52.40
C VAL B 498 2.79 -25.20 -52.69
N LEU B 499 2.70 -24.33 -51.69
CA LEU B 499 3.08 -22.93 -51.88
C LEU B 499 4.57 -22.80 -52.22
N LEU B 500 5.41 -23.56 -51.52
CA LEU B 500 6.84 -23.54 -51.83
C LEU B 500 7.10 -24.10 -53.22
N ILE B 501 6.38 -25.16 -53.60
CA ILE B 501 6.61 -25.79 -54.89
C ILE B 501 6.21 -24.85 -56.03
N THR B 502 5.03 -24.26 -55.94
CA THR B 502 4.48 -23.46 -57.03
C THR B 502 4.77 -21.97 -56.91
N GLY B 503 5.19 -21.50 -55.74
CA GLY B 503 5.43 -20.08 -55.54
C GLY B 503 6.79 -19.64 -56.05
N LYS B 504 7.04 -18.34 -55.91
CA LYS B 504 8.29 -17.72 -56.31
C LYS B 504 8.89 -16.99 -55.11
N HIS B 505 10.17 -17.24 -54.85
CA HIS B 505 10.82 -16.64 -53.69
C HIS B 505 11.06 -15.15 -53.92
N ASN B 506 10.90 -14.37 -52.84
CA ASN B 506 11.16 -12.93 -52.86
C ASN B 506 11.81 -12.56 -51.52
N GLY B 507 13.15 -12.54 -51.52
CA GLY B 507 13.90 -12.26 -50.32
C GLY B 507 14.14 -10.79 -50.02
N ASP B 508 13.60 -9.89 -50.82
CA ASP B 508 13.77 -8.47 -50.62
C ASP B 508 12.67 -7.84 -49.76
N SER B 509 11.73 -8.64 -49.27
CA SER B 509 10.63 -8.15 -48.46
C SER B 509 10.92 -8.41 -46.99
N ILE B 510 10.89 -7.35 -46.18
CA ILE B 510 11.10 -7.50 -44.74
C ILE B 510 9.93 -8.25 -44.11
N ASP B 511 8.70 -7.92 -44.50
CA ASP B 511 7.53 -8.60 -43.98
C ASP B 511 7.46 -10.02 -44.53
N SER B 512 7.12 -10.97 -43.65
CA SER B 512 6.99 -12.36 -44.04
C SER B 512 5.69 -12.66 -44.76
N ALA B 513 4.73 -11.74 -44.72
CA ALA B 513 3.46 -11.97 -45.42
C ALA B 513 3.66 -12.04 -46.93
N PHE B 514 4.50 -11.18 -47.47
CA PHE B 514 4.78 -11.14 -48.91
C PHE B 514 6.09 -11.83 -49.25
N PHE B 515 6.41 -12.91 -48.53
CA PHE B 515 7.65 -13.65 -48.83
C PHE B 515 7.61 -14.25 -50.23
N TYR B 516 6.45 -14.76 -50.65
CA TYR B 516 6.31 -15.37 -51.97
C TYR B 516 5.51 -14.55 -52.95
N GLY B 517 4.51 -13.78 -52.48
CA GLY B 517 3.77 -12.87 -53.35
C GLY B 517 2.28 -13.20 -53.33
N LYS B 518 1.67 -13.14 -54.52
CA LYS B 518 0.22 -13.29 -54.63
C LYS B 518 -0.23 -14.71 -54.29
N GLU B 519 0.60 -15.71 -54.57
CA GLU B 519 0.23 -17.10 -54.26
C GLU B 519 0.09 -17.29 -52.76
N GLN B 520 1.01 -16.72 -51.97
CA GLN B 520 0.90 -16.82 -50.52
C GLN B 520 -0.35 -16.13 -50.01
N MET B 521 -0.68 -14.96 -50.57
CA MET B 521 -1.89 -14.26 -50.17
C MET B 521 -3.13 -15.09 -50.51
N ILE B 522 -3.14 -15.72 -51.68
CA ILE B 522 -4.28 -16.56 -52.06
C ILE B 522 -4.43 -17.74 -51.12
N THR B 523 -3.31 -18.39 -50.78
CA THR B 523 -3.38 -19.53 -49.86
C THR B 523 -3.87 -19.10 -48.48
N THR B 524 -3.36 -17.96 -47.98
CA THR B 524 -3.82 -17.46 -46.69
C THR B 524 -5.30 -17.12 -46.72
N ALA B 525 -5.75 -16.47 -47.80
CA ALA B 525 -7.16 -16.09 -47.90
C ALA B 525 -8.06 -17.32 -47.95
N VAL B 526 -7.68 -18.34 -48.72
CA VAL B 526 -8.55 -19.52 -48.83
C VAL B 526 -8.55 -20.29 -47.52
N THR B 527 -7.40 -20.36 -46.84
CA THR B 527 -7.37 -21.03 -45.53
C THR B 527 -8.24 -20.30 -44.52
N LEU B 528 -8.16 -18.97 -44.48
CA LEU B 528 -8.99 -18.20 -43.57
C LEU B 528 -10.47 -18.36 -43.89
N PHE B 529 -10.81 -18.34 -45.19
CA PHE B 529 -12.20 -18.51 -45.59
C PHE B 529 -12.73 -19.87 -45.19
N CYS B 530 -11.94 -20.92 -45.40
CA CYS B 530 -12.37 -22.26 -45.01
C CYS B 530 -12.57 -22.37 -43.51
N SER B 531 -11.62 -21.81 -42.74
CA SER B 531 -11.74 -21.87 -41.28
C SER B 531 -12.96 -21.10 -40.80
N ILE B 532 -13.23 -19.93 -41.39
CA ILE B 532 -14.37 -19.13 -40.98
C ILE B 532 -15.67 -19.83 -41.34
N LEU B 533 -15.74 -20.43 -42.53
CA LEU B 533 -16.94 -21.18 -42.91
C LEU B 533 -17.17 -22.35 -41.96
N ILE B 534 -16.10 -23.07 -41.61
CA ILE B 534 -16.24 -24.20 -40.70
C ILE B 534 -16.74 -23.73 -39.34
N ALA B 535 -16.17 -22.65 -38.82
CA ALA B 535 -16.58 -22.12 -37.53
C ALA B 535 -18.03 -21.65 -37.55
N GLY B 536 -18.44 -20.99 -38.63
CA GLY B 536 -19.82 -20.55 -38.73
C GLY B 536 -20.81 -21.69 -38.84
N ILE B 537 -20.47 -22.71 -39.63
CA ILE B 537 -21.36 -23.87 -39.78
C ILE B 537 -21.48 -24.62 -38.46
N SER B 538 -20.36 -24.84 -37.78
CA SER B 538 -20.40 -25.54 -36.50
C SER B 538 -21.17 -24.75 -35.45
N LEU B 539 -20.97 -23.43 -35.41
CA LEU B 539 -21.63 -22.59 -34.44
C LEU B 539 -22.34 -21.42 -35.11
N GLN B 636 -22.15 -46.24 3.97
CA GLN B 636 -21.59 -44.90 3.90
C GLN B 636 -20.91 -44.64 2.56
N SER B 637 -21.31 -43.55 1.91
CA SER B 637 -20.75 -43.13 0.61
C SER B 637 -20.95 -44.19 -0.46
N CYS B 638 -21.99 -45.01 -0.33
CA CYS B 638 -22.30 -46.00 -1.35
C CYS B 638 -22.69 -45.34 -2.66
N ILE B 639 -23.49 -44.28 -2.60
CA ILE B 639 -23.92 -43.56 -3.78
C ILE B 639 -23.32 -42.15 -3.86
N LEU B 640 -22.92 -41.56 -2.73
CA LEU B 640 -22.38 -40.22 -2.74
C LEU B 640 -21.09 -40.13 -3.54
N ALA B 641 -20.22 -41.13 -3.41
CA ALA B 641 -18.93 -41.09 -4.10
C ALA B 641 -19.11 -41.11 -5.61
N GLN B 642 -19.93 -42.02 -6.11
CA GLN B 642 -20.18 -42.06 -7.56
C GLN B 642 -20.92 -40.83 -8.04
N GLU B 643 -21.82 -40.29 -7.22
CA GLU B 643 -22.54 -39.08 -7.61
C GLU B 643 -21.60 -37.89 -7.76
N GLU B 644 -20.69 -37.72 -6.79
CA GLU B 644 -19.75 -36.61 -6.88
C GLU B 644 -18.73 -36.84 -7.99
N GLU B 645 -18.35 -38.09 -8.24
CA GLU B 645 -17.47 -38.37 -9.38
C GLU B 645 -18.14 -38.02 -10.70
N GLN B 646 -19.42 -38.36 -10.85
CA GLN B 646 -20.14 -38.00 -12.06
C GLN B 646 -20.30 -36.49 -12.20
N TYR B 647 -20.55 -35.80 -11.08
CA TYR B 647 -20.65 -34.35 -11.12
C TYR B 647 -19.32 -33.72 -11.54
N LEU B 648 -18.21 -34.22 -11.01
CA LEU B 648 -16.89 -33.72 -11.40
C LEU B 648 -16.62 -33.99 -12.88
N GLN B 649 -16.99 -35.19 -13.36
CA GLN B 649 -16.79 -35.49 -14.77
C GLN B 649 -17.61 -34.57 -15.67
N SER B 650 -18.87 -34.31 -15.28
CA SER B 650 -19.71 -33.40 -16.06
C SER B 650 -19.15 -31.97 -16.04
N GLY B 651 -18.67 -31.51 -14.89
CA GLY B 651 -18.16 -30.16 -14.78
C GLY B 651 -16.77 -29.97 -15.37
N ASP B 652 -16.04 -31.05 -15.60
CA ASP B 652 -14.71 -30.93 -16.18
C ASP B 652 -14.77 -30.42 -17.61
N GLN B 653 -15.80 -30.80 -18.36
CA GLN B 653 -15.97 -30.34 -19.75
C GLN B 653 -16.44 -28.89 -19.72
N GLN B 654 -15.46 -27.98 -19.64
CA GLN B 654 -15.74 -26.55 -19.52
C GLN B 654 -16.17 -26.02 -20.88
N LEU B 655 -17.44 -26.27 -21.20
CA LEU B 655 -18.01 -25.83 -22.47
C LEU B 655 -18.34 -24.35 -22.48
N THR B 656 -18.33 -23.69 -21.33
CA THR B 656 -18.70 -22.27 -21.28
C THR B 656 -17.58 -21.39 -21.84
N ARG B 657 -16.33 -21.71 -21.53
CA ARG B 657 -15.21 -20.88 -21.96
C ARG B 657 -14.72 -21.23 -23.37
N HIS B 658 -14.97 -22.45 -23.83
CA HIS B 658 -14.49 -22.85 -25.16
C HIS B 658 -15.21 -22.08 -26.27
N VAL B 659 -16.51 -21.86 -26.12
CA VAL B 659 -17.25 -21.09 -27.12
C VAL B 659 -16.76 -19.64 -27.14
N LEU B 660 -16.46 -19.08 -25.97
CA LEU B 660 -15.93 -17.72 -25.92
C LEU B 660 -14.56 -17.63 -26.58
N LEU B 661 -13.70 -18.61 -26.33
CA LEU B 661 -12.39 -18.65 -26.98
C LEU B 661 -12.55 -18.76 -28.50
N CYS B 662 -13.47 -19.61 -28.95
CA CYS B 662 -13.72 -19.76 -30.37
C CYS B 662 -14.17 -18.44 -30.99
N LEU B 663 -15.09 -17.73 -30.33
CA LEU B 663 -15.55 -16.46 -30.86
C LEU B 663 -14.44 -15.43 -30.89
N LEU B 664 -13.60 -15.39 -29.85
CA LEU B 664 -12.51 -14.41 -29.81
C LEU B 664 -11.49 -14.67 -30.91
N LEU B 665 -11.21 -15.94 -31.20
CA LEU B 665 -10.34 -16.24 -32.35
C LEU B 665 -11.03 -15.97 -33.68
N ILE B 666 -12.35 -16.16 -33.75
CA ILE B 666 -13.09 -15.89 -34.97
C ILE B 666 -13.04 -14.41 -35.31
N ILE B 667 -13.04 -13.54 -34.29
CA ILE B 667 -12.93 -12.11 -34.55
C ILE B 667 -11.64 -11.80 -35.31
N GLY B 668 -10.52 -12.30 -34.82
CA GLY B 668 -9.26 -12.06 -35.48
C GLY B 668 -9.16 -12.72 -36.84
N LEU B 669 -9.72 -13.92 -36.98
CA LEU B 669 -9.74 -14.57 -38.28
C LEU B 669 -10.54 -13.77 -39.29
N PHE B 670 -11.68 -13.20 -38.88
CA PHE B 670 -12.46 -12.34 -39.75
C PHE B 670 -11.68 -11.10 -40.13
N ALA B 671 -10.95 -10.51 -39.18
CA ALA B 671 -10.12 -9.35 -39.51
C ALA B 671 -9.06 -9.72 -40.53
N ASN B 672 -8.41 -10.87 -40.36
CA ASN B 672 -7.40 -11.32 -41.31
C ASN B 672 -8.00 -11.51 -42.70
N LEU B 673 -9.16 -12.16 -42.77
CA LEU B 673 -9.80 -12.41 -44.06
C LEU B 673 -10.21 -11.09 -44.72
N SER B 674 -10.73 -10.15 -43.93
CA SER B 674 -11.11 -8.86 -44.49
C SER B 674 -9.90 -8.12 -45.05
N SER B 675 -8.77 -8.14 -44.33
CA SER B 675 -7.58 -7.49 -44.84
C SER B 675 -7.08 -8.17 -46.11
N CYS B 676 -7.11 -9.50 -46.16
CA CYS B 676 -6.67 -10.21 -47.35
C CYS B 676 -7.55 -9.89 -48.55
N LEU B 677 -8.87 -9.86 -48.35
CA LEU B 677 -9.77 -9.51 -49.43
C LEU B 677 -9.57 -8.06 -49.88
N TRP B 678 -9.34 -7.16 -48.93
CA TRP B 678 -9.08 -5.76 -49.29
C TRP B 678 -7.82 -5.63 -50.14
N TRP B 679 -6.76 -6.34 -49.75
CA TRP B 679 -5.53 -6.29 -50.55
C TRP B 679 -5.73 -6.90 -51.93
N LEU B 680 -6.48 -8.01 -52.00
CA LEU B 680 -6.71 -8.66 -53.29
C LEU B 680 -7.53 -7.78 -54.22
N PHE B 681 -8.58 -7.15 -53.70
CA PHE B 681 -9.44 -6.31 -54.54
C PHE B 681 -8.75 -4.98 -54.87
N ASN B 682 -8.08 -4.38 -53.89
CA ASN B 682 -7.43 -3.08 -54.07
C ASN B 682 -5.95 -3.33 -54.32
N GLN B 683 -5.59 -3.52 -55.59
CA GLN B 683 -4.20 -3.75 -55.95
C GLN B 683 -3.35 -2.52 -55.66
N GLU B 684 -3.86 -1.34 -55.99
CA GLU B 684 -3.13 -0.11 -55.67
C GLU B 684 -3.22 0.17 -54.18
N PRO B 685 -2.11 0.37 -53.49
CA PRO B 685 -2.14 0.54 -52.02
C PRO B 685 -2.60 1.93 -51.63
N GLY B 686 -3.82 2.01 -51.09
CA GLY B 686 -4.32 3.24 -50.52
C GLY B 686 -3.80 3.44 -49.11
N ARG B 687 -4.29 4.50 -48.48
CA ARG B 687 -3.88 4.80 -47.11
C ARG B 687 -4.82 4.14 -46.10
N LEU B 688 -5.04 2.84 -46.30
CA LEU B 688 -5.75 2.02 -45.33
C LEU B 688 -5.13 0.65 -45.12
N TYR B 689 -4.22 0.20 -45.99
CA TYR B 689 -3.64 -1.12 -45.85
C TYR B 689 -2.65 -1.20 -44.68
N VAL B 690 -2.07 -0.07 -44.28
CA VAL B 690 -1.16 -0.08 -43.14
C VAL B 690 -1.90 -0.44 -41.85
N GLU B 691 -3.09 0.14 -41.65
CA GLU B 691 -3.88 -0.17 -40.47
C GLU B 691 -4.26 -1.64 -40.43
N LEU B 692 -4.68 -2.20 -41.58
CA LEU B 692 -5.03 -3.61 -41.64
C LEU B 692 -3.80 -4.48 -41.38
N GLN B 693 -2.64 -4.10 -41.92
CA GLN B 693 -1.42 -4.84 -41.66
C GLN B 693 -1.10 -4.86 -40.17
N PHE B 694 -1.21 -3.69 -39.52
CA PHE B 694 -0.92 -3.61 -38.09
C PHE B 694 -1.89 -4.47 -37.28
N PHE B 695 -3.19 -4.40 -37.62
CA PHE B 695 -4.17 -5.20 -36.88
C PHE B 695 -3.93 -6.69 -37.07
N CYS B 696 -3.62 -7.11 -38.30
CA CYS B 696 -3.35 -8.52 -38.56
C CYS B 696 -2.13 -8.99 -37.79
N ALA B 697 -1.06 -8.20 -37.79
CA ALA B 697 0.13 -8.58 -37.04
C ALA B 697 -0.15 -8.68 -35.56
N VAL B 698 -0.88 -7.70 -35.01
CA VAL B 698 -1.17 -7.69 -33.58
C VAL B 698 -1.97 -8.92 -33.20
N PHE B 699 -3.02 -9.23 -33.96
CA PHE B 699 -3.82 -10.41 -33.64
C PHE B 699 -3.01 -11.69 -33.79
N ASN B 700 -2.30 -11.82 -34.92
CA ASN B 700 -1.59 -13.06 -35.22
C ASN B 700 -0.55 -13.38 -34.16
N PHE B 701 0.14 -12.36 -33.64
CA PHE B 701 1.20 -12.59 -32.69
C PHE B 701 0.82 -12.23 -31.26
N GLY B 702 -0.46 -11.96 -31.00
CA GLY B 702 -0.92 -11.81 -29.63
C GLY B 702 -2.15 -12.63 -29.30
N GLN B 703 -2.54 -13.53 -30.20
CA GLN B 703 -3.66 -14.43 -29.91
C GLN B 703 -3.39 -15.33 -28.71
N GLY B 704 -2.13 -15.50 -28.31
CA GLY B 704 -1.82 -16.28 -27.14
C GLY B 704 -2.25 -15.65 -25.83
N PHE B 705 -2.38 -14.32 -25.79
CA PHE B 705 -2.88 -13.65 -24.60
C PHE B 705 -4.30 -14.08 -24.29
N ILE B 706 -5.14 -14.23 -25.31
CA ILE B 706 -6.51 -14.68 -25.12
C ILE B 706 -6.53 -16.07 -24.49
N SER B 707 -5.71 -16.98 -25.03
CA SER B 707 -5.65 -18.34 -24.50
C SER B 707 -5.14 -18.35 -23.07
N PHE B 708 -4.16 -17.50 -22.77
CA PHE B 708 -3.68 -17.38 -21.39
C PHE B 708 -4.79 -16.90 -20.46
N GLY B 709 -5.55 -15.91 -20.90
CA GLY B 709 -6.64 -15.40 -20.07
C GLY B 709 -7.71 -16.45 -19.81
N ILE B 710 -8.12 -17.17 -20.85
CA ILE B 710 -9.13 -18.21 -20.68
C ILE B 710 -8.57 -19.38 -19.87
N PHE B 711 -7.36 -19.83 -20.23
CA PHE B 711 -6.72 -20.96 -19.55
C PHE B 711 -5.35 -20.52 -19.06
N GLY B 712 -5.12 -20.64 -17.76
CA GLY B 712 -3.85 -20.25 -17.17
C GLY B 712 -4.01 -19.61 -15.81
N LEU B 713 -5.24 -19.31 -15.43
CA LEU B 713 -5.52 -18.74 -14.12
C LEU B 713 -6.51 -19.61 -13.35
N SER B 744 -0.46 -24.45 15.68
CA SER B 744 -0.83 -23.06 15.42
C SER B 744 -1.82 -22.56 16.47
N GLU B 745 -1.51 -21.42 17.07
CA GLU B 745 -2.38 -20.85 18.10
C GLU B 745 -3.74 -20.47 17.54
N GLU B 746 -3.76 -19.86 16.34
CA GLU B 746 -5.03 -19.47 15.74
C GLU B 746 -5.90 -20.68 15.39
N ILE B 747 -5.27 -21.78 14.98
CA ILE B 747 -6.02 -22.99 14.64
C ILE B 747 -6.78 -23.51 15.86
N LYS B 748 -6.09 -23.67 16.99
CA LYS B 748 -6.75 -24.15 18.19
C LYS B 748 -7.77 -23.13 18.69
N MET B 749 -7.42 -21.84 18.65
CA MET B 749 -8.37 -20.81 19.07
C MET B 749 -9.68 -20.95 18.32
N THR B 750 -9.62 -21.04 16.99
CA THR B 750 -10.86 -21.13 16.22
C THR B 750 -11.55 -22.48 16.40
N CYS B 751 -10.79 -23.56 16.60
CA CYS B 751 -11.46 -24.86 16.68
C CYS B 751 -12.24 -25.01 17.98
N GLN B 752 -11.64 -24.67 19.13
CA GLN B 752 -12.47 -24.68 20.33
C GLN B 752 -13.47 -23.51 20.38
N GLN B 753 -13.22 -22.42 19.64
CA GLN B 753 -14.25 -21.40 19.54
C GLN B 753 -15.50 -21.94 18.85
N PHE B 754 -15.32 -22.70 17.77
CA PHE B 754 -16.44 -23.33 17.09
C PHE B 754 -17.05 -24.44 17.95
N ILE B 755 -16.21 -25.20 18.66
CA ILE B 755 -16.69 -26.36 19.40
C ILE B 755 -17.52 -25.93 20.60
N HIS B 756 -17.07 -24.90 21.34
CA HIS B 756 -17.66 -24.61 22.64
C HIS B 756 -19.02 -23.91 22.51
N TYR B 757 -19.07 -22.80 21.78
CA TYR B 757 -20.22 -21.91 21.86
C TYR B 757 -21.29 -22.19 20.82
N HIS B 758 -20.93 -22.10 19.53
CA HIS B 758 -21.91 -22.20 18.46
C HIS B 758 -21.77 -23.48 17.65
N ARG B 759 -21.28 -24.56 18.27
CA ARG B 759 -21.32 -25.86 17.61
C ARG B 759 -22.75 -26.33 17.40
N ASP B 760 -23.63 -26.07 18.37
CA ASP B 760 -25.03 -26.40 18.23
C ASP B 760 -25.70 -25.52 17.19
N LEU B 761 -26.90 -25.93 16.76
CA LEU B 761 -27.72 -25.30 15.74
C LEU B 761 -27.12 -25.43 14.34
N CYS B 762 -25.93 -26.03 14.21
CA CYS B 762 -25.35 -26.23 12.89
C CYS B 762 -26.12 -27.29 12.10
N ILE B 763 -26.42 -28.42 12.75
CA ILE B 763 -27.18 -29.50 12.09
C ILE B 763 -28.64 -29.21 12.38
N ARG B 764 -29.21 -28.31 11.59
CA ARG B 764 -30.65 -28.05 11.66
C ARG B 764 -31.27 -27.99 10.28
N ASN B 765 -30.50 -27.57 9.28
CA ASN B 765 -31.02 -27.40 7.94
C ASN B 765 -30.17 -28.07 6.86
N ILE B 766 -28.86 -28.05 7.01
CA ILE B 766 -27.95 -28.46 5.93
C ILE B 766 -27.50 -29.91 6.08
N VAL B 767 -27.17 -30.34 7.30
CA VAL B 767 -26.64 -31.69 7.50
C VAL B 767 -27.81 -32.66 7.67
N LYS B 768 -27.82 -33.70 6.84
CA LYS B 768 -28.85 -34.73 6.89
C LYS B 768 -28.20 -36.09 6.70
N GLU B 769 -28.90 -37.12 7.17
CA GLU B 769 -28.39 -38.49 7.07
C GLU B 769 -28.34 -38.93 5.61
N ARG B 770 -27.26 -39.62 5.25
CA ARG B 770 -27.07 -40.13 3.90
C ARG B 770 -26.61 -41.57 3.96
N ARG B 771 -26.91 -42.31 2.91
CA ARG B 771 -26.55 -43.73 2.83
C ARG B 771 -25.04 -43.91 2.66
N THR B 780 -21.79 -35.40 6.79
CA THR B 780 -22.69 -35.66 5.67
C THR B 780 -23.27 -34.37 5.12
N PHE B 781 -22.39 -33.38 4.89
CA PHE B 781 -22.79 -32.09 4.35
C PHE B 781 -21.80 -31.66 3.29
N CYS B 782 -22.32 -31.04 2.22
CA CYS B 782 -21.46 -30.54 1.17
C CYS B 782 -20.82 -29.21 1.58
N GLY B 783 -19.68 -28.91 0.95
CA GLY B 783 -18.97 -27.69 1.30
C GLY B 783 -19.73 -26.43 0.94
N CYS B 784 -20.48 -26.47 -0.17
CA CYS B 784 -21.22 -25.29 -0.61
C CYS B 784 -22.28 -24.90 0.41
N ASP B 785 -23.00 -25.89 0.95
CA ASP B 785 -24.01 -25.59 1.96
C ASP B 785 -23.40 -25.01 3.23
N LEU B 786 -22.24 -25.55 3.65
CA LEU B 786 -21.58 -25.00 4.83
C LEU B 786 -21.11 -23.58 4.59
N VAL B 787 -20.57 -23.30 3.40
CA VAL B 787 -20.15 -21.94 3.07
C VAL B 787 -21.34 -20.99 3.07
N SER B 788 -22.45 -21.41 2.47
CA SER B 788 -23.64 -20.57 2.45
C SER B 788 -24.18 -20.31 3.85
N TRP B 789 -24.19 -21.33 4.70
CA TRP B 789 -24.66 -21.16 6.07
C TRP B 789 -23.74 -20.23 6.86
N LEU B 790 -22.43 -20.37 6.67
CA LEU B 790 -21.48 -19.50 7.37
C LEU B 790 -21.65 -18.05 6.92
N ILE B 791 -21.89 -17.83 5.63
CA ILE B 791 -22.16 -16.49 5.13
C ILE B 791 -23.45 -15.95 5.73
N GLU B 792 -24.48 -16.80 5.80
CA GLU B 792 -25.78 -16.36 6.30
C GLU B 792 -25.70 -15.98 7.77
N VAL B 793 -24.99 -16.77 8.58
CA VAL B 793 -24.89 -16.47 10.01
C VAL B 793 -24.17 -15.15 10.23
N GLY B 794 -23.06 -14.93 9.53
CA GLY B 794 -22.31 -13.70 9.68
C GLY B 794 -20.87 -13.93 10.09
N LEU B 795 -20.42 -15.18 10.01
CA LEU B 795 -19.04 -15.52 10.35
C LEU B 795 -18.09 -15.31 9.19
N ALA B 796 -18.58 -14.91 8.02
CA ALA B 796 -17.74 -14.69 6.86
C ALA B 796 -18.33 -13.56 6.03
N SER B 797 -17.47 -12.87 5.29
CA SER B 797 -17.91 -11.78 4.42
C SER B 797 -18.27 -12.30 3.03
N ASP B 798 -17.34 -12.99 2.37
CA ASP B 798 -17.62 -13.61 1.08
C ASP B 798 -17.14 -15.05 1.10
N ARG B 799 -17.07 -15.68 -0.08
CA ARG B 799 -16.65 -17.08 -0.15
C ARG B 799 -15.24 -17.27 0.37
N GLY B 800 -14.37 -16.26 0.24
CA GLY B 800 -13.00 -16.40 0.70
C GLY B 800 -12.89 -16.59 2.20
N GLU B 801 -13.61 -15.79 2.98
CA GLU B 801 -13.56 -15.93 4.42
C GLU B 801 -14.10 -17.30 4.85
N ALA B 802 -15.18 -17.75 4.21
CA ALA B 802 -15.73 -19.06 4.53
C ALA B 802 -14.74 -20.17 4.20
N VAL B 803 -14.05 -20.04 3.07
CA VAL B 803 -13.06 -21.06 2.69
C VAL B 803 -11.92 -21.08 3.69
N ILE B 804 -11.43 -19.92 4.11
CA ILE B 804 -10.36 -19.86 5.09
C ILE B 804 -10.81 -20.46 6.42
N TYR B 805 -12.04 -20.14 6.83
CA TYR B 805 -12.57 -20.68 8.07
C TYR B 805 -12.70 -22.20 8.02
N GLY B 806 -13.17 -22.72 6.88
CA GLY B 806 -13.27 -24.17 6.72
C GLY B 806 -11.90 -24.84 6.71
N ASP B 807 -10.91 -24.19 6.10
CA ASP B 807 -9.55 -24.72 6.15
C ASP B 807 -9.03 -24.75 7.58
N ARG B 808 -9.31 -23.69 8.34
CA ARG B 808 -8.92 -23.68 9.76
C ARG B 808 -9.59 -24.81 10.52
N LEU B 809 -10.88 -25.04 10.26
CA LEU B 809 -11.60 -26.11 10.95
C LEU B 809 -11.04 -27.48 10.59
N VAL B 810 -10.78 -27.71 9.30
CA VAL B 810 -10.27 -29.00 8.85
C VAL B 810 -8.88 -29.26 9.42
N GLN B 811 -8.00 -28.25 9.36
CA GLN B 811 -6.65 -28.42 9.89
C GLN B 811 -6.64 -28.64 11.39
N GLY B 812 -7.71 -28.25 12.09
CA GLY B 812 -7.85 -28.47 13.52
C GLY B 812 -8.53 -29.76 13.91
N GLY B 813 -8.77 -30.65 12.96
CA GLY B 813 -9.43 -31.92 13.24
C GLY B 813 -10.87 -31.78 13.69
N VAL B 814 -11.65 -30.95 13.01
CA VAL B 814 -13.07 -30.77 13.31
C VAL B 814 -13.94 -31.57 12.35
N ILE B 815 -13.71 -31.43 11.05
CA ILE B 815 -14.43 -32.16 10.03
C ILE B 815 -13.43 -32.76 9.05
N GLN B 816 -13.87 -33.81 8.36
CA GLN B 816 -13.00 -34.50 7.41
C GLN B 816 -13.81 -34.98 6.22
N HIS B 817 -13.14 -35.10 5.07
CA HIS B 817 -13.80 -35.64 3.89
C HIS B 817 -14.00 -37.14 4.03
N ILE B 818 -15.02 -37.65 3.33
CA ILE B 818 -15.33 -39.08 3.42
C ILE B 818 -14.19 -39.91 2.87
N THR B 819 -13.64 -39.51 1.72
CA THR B 819 -12.53 -40.23 1.12
C THR B 819 -11.18 -39.82 1.68
N ASN B 820 -11.12 -38.76 2.48
CA ASN B 820 -9.87 -38.26 3.06
C ASN B 820 -8.85 -37.95 1.97
N GLU B 821 -9.32 -37.38 0.86
CA GLU B 821 -8.47 -37.04 -0.27
C GLU B 821 -8.62 -35.61 -0.74
N TYR B 822 -9.66 -34.89 -0.33
CA TYR B 822 -9.92 -33.53 -0.78
C TYR B 822 -9.90 -32.58 0.42
N GLU B 823 -9.19 -31.47 0.27
CA GLU B 823 -9.22 -30.42 1.26
C GLU B 823 -10.51 -29.63 1.15
N PHE B 824 -10.73 -28.74 2.12
CA PHE B 824 -11.95 -27.95 2.15
C PHE B 824 -12.04 -27.04 0.94
N ARG B 825 -13.00 -27.31 0.05
CA ARG B 825 -13.20 -26.51 -1.16
C ARG B 825 -14.68 -26.25 -1.33
N ASP B 826 -14.99 -25.17 -2.06
CA ASP B 826 -16.37 -24.78 -2.32
C ASP B 826 -16.95 -25.57 -3.49
N GLU B 827 -17.00 -26.89 -3.30
CA GLU B 827 -17.54 -27.78 -4.32
C GLU B 827 -18.63 -28.67 -3.74
N TYR B 828 -19.09 -29.66 -4.51
CA TYR B 828 -20.10 -30.60 -4.03
C TYR B 828 -19.43 -31.84 -3.43
N LEU B 829 -18.62 -31.59 -2.42
CA LEU B 829 -17.90 -32.63 -1.70
C LEU B 829 -18.45 -32.75 -0.29
N PHE B 830 -18.84 -33.97 0.08
CA PHE B 830 -19.45 -34.21 1.39
C PHE B 830 -18.39 -34.32 2.46
N TYR B 831 -18.69 -33.76 3.64
CA TYR B 831 -17.80 -33.79 4.78
C TYR B 831 -18.56 -34.31 5.99
N ARG B 832 -17.81 -34.88 6.95
CA ARG B 832 -18.39 -35.47 8.14
C ARG B 832 -17.67 -34.94 9.37
N PHE B 833 -18.43 -34.80 10.47
CA PHE B 833 -17.89 -34.29 11.71
C PHE B 833 -17.02 -35.35 12.39
N LEU B 834 -16.23 -34.89 13.35
CA LEU B 834 -15.34 -35.77 14.10
C LEU B 834 -15.76 -35.87 15.56
CAA Y01 C . 13.88 14.12 16.97
CBA Y01 C . 13.35 15.35 16.26
CAB Y01 C . 14.41 16.43 16.20
CAN Y01 C . 12.82 15.02 14.85
CAJ Y01 C . 11.33 14.78 14.74
CAO Y01 C . 10.86 13.53 15.46
CBB Y01 C . 9.34 13.36 15.57
CAC Y01 C . 8.71 13.24 14.18
CBE Y01 C . 9.02 12.18 16.50
CAP Y01 C . 9.86 12.23 17.81
CAQ Y01 C . 8.97 11.65 18.92
CBG Y01 C . 7.86 10.95 18.15
CBI Y01 C . 7.56 11.92 17.00
CAE Y01 C . 6.93 13.23 17.49
CAU Y01 C . 6.62 11.18 16.03
CAS Y01 C . 5.36 10.69 16.74
CBF Y01 C . 5.66 9.78 17.94
CBD Y01 C . 6.64 10.45 18.92
CAK Y01 C . 7.06 9.45 19.99
CAI Y01 C . 5.92 8.65 20.52
CAZ Y01 C . 4.73 8.57 19.96
CAV Y01 C . 3.63 7.74 20.60
CBH Y01 C . 4.37 9.25 18.64
CAD Y01 C . 3.38 10.39 18.95
CAT Y01 C . 3.70 8.21 17.72
CAR Y01 C . 2.60 7.39 18.40
CBC Y01 C . 3.12 6.70 19.62
OAW Y01 C . 2.08 5.93 20.28
CAY Y01 C . 2.44 5.03 21.19
OAG Y01 C . 3.58 4.79 21.48
CAM Y01 C . 1.25 4.36 21.82
CAL Y01 C . 1.20 2.85 21.70
CAX Y01 C . -0.01 2.20 22.35
OAH Y01 C . -0.86 2.95 22.88
OAF Y01 C . -0.10 0.96 22.33
C1 CLR D . 5.93 7.07 26.52
C2 CLR D . 4.76 6.12 26.77
C3 CLR D . 3.44 6.80 26.52
C4 CLR D . 3.40 7.32 25.10
C5 CLR D . 4.56 8.23 24.79
C6 CLR D . 4.36 9.44 24.29
C7 CLR D . 5.43 10.40 23.88
C8 CLR D . 6.80 9.73 23.81
C9 CLR D . 7.00 8.83 25.05
C10 CLR D . 5.95 7.68 25.10
C11 CLR D . 8.45 8.34 25.19
C12 CLR D . 9.49 9.44 25.07
C13 CLR D . 9.34 10.18 23.73
C14 CLR D . 7.92 10.76 23.73
C15 CLR D . 7.90 11.77 22.58
C16 CLR D . 9.36 12.24 22.45
C17 CLR D . 10.16 11.50 23.55
C18 CLR D . 9.59 9.24 22.55
C19 CLR D . 6.26 6.59 24.06
C20 CLR D . 11.68 11.41 23.25
C21 CLR D . 12.55 11.51 24.50
C22 CLR D . 12.10 12.44 22.18
C23 CLR D . 12.43 13.82 22.68
C24 CLR D . 12.82 14.76 21.57
C25 CLR D . 13.26 16.16 22.00
C26 CLR D . 13.63 17.01 20.78
C27 CLR D . 14.42 16.09 22.98
O1 CLR D . 2.37 5.87 26.73
CAA Y01 E . -2.10 -5.24 -25.54
CBA Y01 E . -0.68 -5.77 -25.43
CAB Y01 E . 0.09 -5.48 -26.71
CAN Y01 E . 0.05 -5.24 -24.20
CAJ Y01 E . 0.03 -6.13 -22.98
CAO Y01 E . -1.33 -6.28 -22.35
CBB Y01 E . -1.46 -7.36 -21.28
CAC Y01 E . -0.56 -7.04 -20.09
CBE Y01 E . -2.94 -7.54 -20.89
CAP Y01 E . -3.86 -7.60 -22.15
CAQ Y01 E . -5.01 -8.56 -21.82
CBG Y01 E . -4.92 -8.68 -20.30
CBI Y01 E . -3.41 -8.75 -20.04
CAE Y01 E . -2.78 -10.05 -20.58
CAU Y01 E . -3.22 -8.64 -18.52
CAS Y01 E . -4.00 -9.72 -17.77
CBF Y01 E . -5.50 -9.71 -18.10
CBD Y01 E . -5.75 -9.76 -19.61
CAK Y01 E . -7.23 -9.56 -19.91
CAI Y01 E . -8.11 -10.33 -18.98
CAZ Y01 E . -7.71 -10.92 -17.85
CAV Y01 E . -8.70 -11.69 -17.01
CBH Y01 E . -6.29 -10.81 -17.31
CAD Y01 E . -5.63 -12.19 -17.45
CAT Y01 E . -6.36 -10.41 -15.83
CAR Y01 E . -7.36 -11.22 -15.00
CBC Y01 E . -8.74 -11.13 -15.61
OAW Y01 E . -9.70 -11.90 -14.82
CAY Y01 E . -10.99 -11.69 -15.05
OAG Y01 E . -11.42 -10.90 -15.84
CAM Y01 E . -11.86 -12.56 -14.19
CAL Y01 E . -12.86 -11.83 -13.32
CAX Y01 E . -13.76 -12.73 -12.48
OAH Y01 E . -13.57 -13.96 -12.54
OAF Y01 E . -14.64 -12.21 -11.78
C1 CLR F . -13.46 -12.78 -21.23
C2 CLR F . -14.29 -13.35 -20.08
C3 CLR F . -13.58 -14.51 -19.44
C4 CLR F . -12.23 -14.07 -18.92
C5 CLR F . -11.38 -13.44 -20.02
C6 CLR F . -10.15 -13.88 -20.25
C7 CLR F . -9.21 -13.28 -21.24
C8 CLR F . -9.70 -11.94 -21.78
C9 CLR F . -11.20 -12.03 -22.10
C10 CLR F . -12.04 -12.32 -20.81
C11 CLR F . -11.72 -10.82 -22.89
C12 CLR F . -10.86 -10.49 -24.11
C13 CLR F . -9.41 -10.23 -23.70
C14 CLR F . -8.92 -11.53 -23.02
C15 CLR F . -7.41 -11.41 -22.95
C16 CLR F . -7.03 -10.46 -24.11
C17 CLR F . -8.35 -10.12 -24.84
C18 CLR F . -9.30 -9.02 -22.77
C19 CLR F . -12.13 -11.09 -19.91
C20 CLR F . -8.26 -8.83 -25.67
C21 CLR F . -9.10 -8.85 -26.94
C22 CLR F . -6.81 -8.44 -25.97
C23 CLR F . -6.17 -9.09 -27.17
C24 CLR F . -4.74 -8.67 -27.38
C25 CLR F . -4.05 -9.21 -28.63
C26 CLR F . -2.62 -8.70 -28.73
C27 CLR F . -4.84 -8.87 -29.88
O1 CLR F . -14.37 -15.03 -18.35
#